data_7EAD
# 
_entry.id   7EAD 
# 
_audit_conform.dict_name       mmcif_pdbx.dic 
_audit_conform.dict_version    5.398 
_audit_conform.dict_location   http://mmcif.pdb.org/dictionaries/ascii/mmcif_pdbx.dic 
# 
loop_
_database_2.database_id 
_database_2.database_code 
_database_2.pdbx_database_accession 
_database_2.pdbx_DOI 
PDB   7EAD         pdb_00007ead 10.2210/pdb7ead/pdb 
WWPDB D_1300021066 ?            ?                   
# 
loop_
_pdbx_audit_revision_history.ordinal 
_pdbx_audit_revision_history.data_content_type 
_pdbx_audit_revision_history.major_revision 
_pdbx_audit_revision_history.minor_revision 
_pdbx_audit_revision_history.revision_date 
1 'Structure model' 1 0 2022-03-09 
2 'Structure model' 1 1 2022-06-15 
3 'Structure model' 1 2 2023-11-29 
4 'Structure model' 1 3 2024-11-06 
# 
_pdbx_audit_revision_details.ordinal             1 
_pdbx_audit_revision_details.revision_ordinal    1 
_pdbx_audit_revision_details.data_content_type   'Structure model' 
_pdbx_audit_revision_details.provider            repository 
_pdbx_audit_revision_details.type                'Initial release' 
_pdbx_audit_revision_details.description         ? 
_pdbx_audit_revision_details.details             ? 
# 
loop_
_pdbx_audit_revision_group.ordinal 
_pdbx_audit_revision_group.revision_ordinal 
_pdbx_audit_revision_group.data_content_type 
_pdbx_audit_revision_group.group 
1 2 'Structure model' 'Database references'    
2 3 'Structure model' 'Data collection'        
3 3 'Structure model' 'Refinement description' 
4 4 'Structure model' 'Structure summary'      
# 
loop_
_pdbx_audit_revision_category.ordinal 
_pdbx_audit_revision_category.revision_ordinal 
_pdbx_audit_revision_category.data_content_type 
_pdbx_audit_revision_category.category 
1 2 'Structure model' citation                      
2 2 'Structure model' citation_author               
3 3 'Structure model' chem_comp_atom                
4 3 'Structure model' chem_comp_bond                
5 3 'Structure model' pdbx_initial_refinement_model 
6 4 'Structure model' pdbx_entry_details            
7 4 'Structure model' pdbx_modification_feature     
# 
loop_
_pdbx_audit_revision_item.ordinal 
_pdbx_audit_revision_item.revision_ordinal 
_pdbx_audit_revision_item.data_content_type 
_pdbx_audit_revision_item.item 
1  2 'Structure model' '_citation.country'                            
2  2 'Structure model' '_citation.journal_abbrev'                     
3  2 'Structure model' '_citation.journal_id_ASTM'                    
4  2 'Structure model' '_citation.journal_id_CSD'                     
5  2 'Structure model' '_citation.journal_id_ISSN'                    
6  2 'Structure model' '_citation.journal_volume'                     
7  2 'Structure model' '_citation.page_first'                         
8  2 'Structure model' '_citation.page_last'                          
9  2 'Structure model' '_citation.pdbx_database_id_DOI'               
10 2 'Structure model' '_citation.pdbx_database_id_PubMed'            
11 2 'Structure model' '_citation.title'                              
12 2 'Structure model' '_citation.year'                               
13 4 'Structure model' '_pdbx_entry_details.has_protein_modification' 
# 
_pdbx_database_status.status_code                     REL 
_pdbx_database_status.status_code_sf                  REL 
_pdbx_database_status.status_code_mr                  ? 
_pdbx_database_status.entry_id                        7EAD 
_pdbx_database_status.recvd_initial_deposition_date   2021-03-07 
_pdbx_database_status.SG_entry                        N 
_pdbx_database_status.deposit_site                    PDBJ 
_pdbx_database_status.process_site                    PDBJ 
_pdbx_database_status.status_code_cs                  ? 
_pdbx_database_status.status_code_nmr_data            ? 
_pdbx_database_status.methods_development_category    ? 
_pdbx_database_status.pdb_format_compatible           Y 
# 
loop_
_audit_author.name 
_audit_author.pdbx_ordinal 
_audit_author.identifier_ORCID 
'Yoshimi, T.'  1  ? 
'Fujii, S.'    2  ? 
'Oki, H.'      3  ? 
'Igawa, T.'    4  ? 
'Adams, R.H.'  5  ? 
'Ueda, K.'     6  ? 
'Kawahara, K.' 7  ? 
'Ohkubo, T.'   8  ? 
'Hough, A.M.'  9  ? 
'Sambongi, Y.' 10 ? 
# 
_citation.abstract                  ? 
_citation.abstract_id_CAS           ? 
_citation.book_id_ISBN              ? 
_citation.book_publisher            ? 
_citation.book_publisher_city       ? 
_citation.book_title                ? 
_citation.coordinate_linkage        ? 
_citation.country                   US 
_citation.database_id_Medline       ? 
_citation.details                   ? 
_citation.id                        primary 
_citation.journal_abbrev            'Acta Crystallogr.,Sect.F' 
_citation.journal_id_ASTM           ACSFEN 
_citation.journal_id_CSD            ? 
_citation.journal_id_ISSN           2053-230X 
_citation.journal_full              ? 
_citation.journal_issue             ? 
_citation.journal_volume            78 
_citation.language                  ? 
_citation.page_first                217 
_citation.page_last                 225 
_citation.title                     
;Crystal structure of thermally stable homodimeric cytochrome c'-beta from Thermus thermophilus.
;
_citation.year                      2022 
_citation.database_id_CSD           ? 
_citation.pdbx_database_id_DOI      10.1107/S2053230X22005088 
_citation.pdbx_database_id_PubMed   35647678 
_citation.pdbx_database_id_patent   ? 
_citation.unpublished_flag          ? 
# 
loop_
_citation_author.citation_id 
_citation_author.name 
_citation_author.ordinal 
_citation_author.identifier_ORCID 
primary 'Yoshimi, T.'  1  ?                   
primary 'Fujii, S.'    2  0000-0001-5356-7674 
primary 'Oki, H.'      3  ?                   
primary 'Igawa, T.'    4  ?                   
primary 'Adams, H.R.'  5  0000-0003-4715-6961 
primary 'Ueda, K.'     6  ?                   
primary 'Kawahara, K.' 7  ?                   
primary 'Ohkubo, T.'   8  ?                   
primary 'Hough, M.A.'  9  ?                   
primary 'Sambongi, Y.' 10 ?                   
# 
loop_
_entity.id 
_entity.type 
_entity.src_method 
_entity.pdbx_description 
_entity.formula_weight 
_entity.pdbx_number_of_molecules 
_entity.pdbx_ec 
_entity.pdbx_mutation 
_entity.pdbx_fragment 
_entity.details 
1 polymer     man 'Cytochrome_P460 domain-containing protein' 14942.125 1   ? ? ? ? 
2 non-polymer syn 'HEME C'                                    618.503   1   ? ? ? ? 
3 water       nat water                                       18.015    126 ? ? ? ? 
# 
_entity_poly.entity_id                      1 
_entity_poly.type                           'polypeptide(L)' 
_entity_poly.nstd_linkage                   no 
_entity_poly.nstd_monomer                   no 
_entity_poly.pdbx_seq_one_letter_code       
;GLPYPEGYRFWTHVKSMELKPGHPLYESFGGLHHIYVNPTGLRTYLEGKKAPFPKGTVIVFDLLEAKVEGNALLEGPRKL
IGVMAKDPGRYPDTGGWGYYAFGPDKKPLAIDPKACHACHQGAANTDYVFSAFRP
;
_entity_poly.pdbx_seq_one_letter_code_can   
;GLPYPEGYRFWTHVKSMELKPGHPLYESFGGLHHIYVNPTGLRTYLEGKKAPFPKGTVIVFDLLEAKVEGNALLEGPRKL
IGVMAKDPGRYPDTGGWGYYAFGPDKKPLAIDPKACHACHQGAANTDYVFSAFRP
;
_entity_poly.pdbx_strand_id                 A 
_entity_poly.pdbx_target_identifier         ? 
# 
loop_
_pdbx_entity_nonpoly.entity_id 
_pdbx_entity_nonpoly.name 
_pdbx_entity_nonpoly.comp_id 
2 'HEME C' HEC 
3 water    HOH 
# 
loop_
_entity_poly_seq.entity_id 
_entity_poly_seq.num 
_entity_poly_seq.mon_id 
_entity_poly_seq.hetero 
1 1   GLY n 
1 2   LEU n 
1 3   PRO n 
1 4   TYR n 
1 5   PRO n 
1 6   GLU n 
1 7   GLY n 
1 8   TYR n 
1 9   ARG n 
1 10  PHE n 
1 11  TRP n 
1 12  THR n 
1 13  HIS n 
1 14  VAL n 
1 15  LYS n 
1 16  SER n 
1 17  MET n 
1 18  GLU n 
1 19  LEU n 
1 20  LYS n 
1 21  PRO n 
1 22  GLY n 
1 23  HIS n 
1 24  PRO n 
1 25  LEU n 
1 26  TYR n 
1 27  GLU n 
1 28  SER n 
1 29  PHE n 
1 30  GLY n 
1 31  GLY n 
1 32  LEU n 
1 33  HIS n 
1 34  HIS n 
1 35  ILE n 
1 36  TYR n 
1 37  VAL n 
1 38  ASN n 
1 39  PRO n 
1 40  THR n 
1 41  GLY n 
1 42  LEU n 
1 43  ARG n 
1 44  THR n 
1 45  TYR n 
1 46  LEU n 
1 47  GLU n 
1 48  GLY n 
1 49  LYS n 
1 50  LYS n 
1 51  ALA n 
1 52  PRO n 
1 53  PHE n 
1 54  PRO n 
1 55  LYS n 
1 56  GLY n 
1 57  THR n 
1 58  VAL n 
1 59  ILE n 
1 60  VAL n 
1 61  PHE n 
1 62  ASP n 
1 63  LEU n 
1 64  LEU n 
1 65  GLU n 
1 66  ALA n 
1 67  LYS n 
1 68  VAL n 
1 69  GLU n 
1 70  GLY n 
1 71  ASN n 
1 72  ALA n 
1 73  LEU n 
1 74  LEU n 
1 75  GLU n 
1 76  GLY n 
1 77  PRO n 
1 78  ARG n 
1 79  LYS n 
1 80  LEU n 
1 81  ILE n 
1 82  GLY n 
1 83  VAL n 
1 84  MET n 
1 85  ALA n 
1 86  LYS n 
1 87  ASP n 
1 88  PRO n 
1 89  GLY n 
1 90  ARG n 
1 91  TYR n 
1 92  PRO n 
1 93  ASP n 
1 94  THR n 
1 95  GLY n 
1 96  GLY n 
1 97  TRP n 
1 98  GLY n 
1 99  TYR n 
1 100 TYR n 
1 101 ALA n 
1 102 PHE n 
1 103 GLY n 
1 104 PRO n 
1 105 ASP n 
1 106 LYS n 
1 107 LYS n 
1 108 PRO n 
1 109 LEU n 
1 110 ALA n 
1 111 ILE n 
1 112 ASP n 
1 113 PRO n 
1 114 LYS n 
1 115 ALA n 
1 116 CYS n 
1 117 HIS n 
1 118 ALA n 
1 119 CYS n 
1 120 HIS n 
1 121 GLN n 
1 122 GLY n 
1 123 ALA n 
1 124 ALA n 
1 125 ASN n 
1 126 THR n 
1 127 ASP n 
1 128 TYR n 
1 129 VAL n 
1 130 PHE n 
1 131 SER n 
1 132 ALA n 
1 133 PHE n 
1 134 ARG n 
1 135 PRO n 
# 
_entity_src_gen.entity_id                          1 
_entity_src_gen.pdbx_src_id                        1 
_entity_src_gen.pdbx_alt_source_flag               sample 
_entity_src_gen.pdbx_seq_type                      'Biological sequence' 
_entity_src_gen.pdbx_beg_seq_num                   1 
_entity_src_gen.pdbx_end_seq_num                   135 
_entity_src_gen.gene_src_common_name               ? 
_entity_src_gen.gene_src_genus                     ? 
_entity_src_gen.pdbx_gene_src_gene                 TthHC11_22770 
_entity_src_gen.gene_src_species                   ? 
_entity_src_gen.gene_src_strain                    ? 
_entity_src_gen.gene_src_tissue                    ? 
_entity_src_gen.gene_src_tissue_fraction           ? 
_entity_src_gen.gene_src_details                   ? 
_entity_src_gen.pdbx_gene_src_fragment             ? 
_entity_src_gen.pdbx_gene_src_scientific_name      'Thermus thermophilus' 
_entity_src_gen.pdbx_gene_src_ncbi_taxonomy_id     274 
_entity_src_gen.pdbx_gene_src_variant              ? 
_entity_src_gen.pdbx_gene_src_cell_line            ? 
_entity_src_gen.pdbx_gene_src_atcc                 ? 
_entity_src_gen.pdbx_gene_src_organ                ? 
_entity_src_gen.pdbx_gene_src_organelle            ? 
_entity_src_gen.pdbx_gene_src_cell                 ? 
_entity_src_gen.pdbx_gene_src_cellular_location    ? 
_entity_src_gen.host_org_common_name               ? 
_entity_src_gen.pdbx_host_org_scientific_name      'Escherichia coli' 
_entity_src_gen.pdbx_host_org_ncbi_taxonomy_id     562 
_entity_src_gen.host_org_genus                     ? 
_entity_src_gen.pdbx_host_org_gene                 ? 
_entity_src_gen.pdbx_host_org_organ                ? 
_entity_src_gen.host_org_species                   ? 
_entity_src_gen.pdbx_host_org_tissue               ? 
_entity_src_gen.pdbx_host_org_tissue_fraction      ? 
_entity_src_gen.pdbx_host_org_strain               ? 
_entity_src_gen.pdbx_host_org_variant              ? 
_entity_src_gen.pdbx_host_org_cell_line            ? 
_entity_src_gen.pdbx_host_org_atcc                 ? 
_entity_src_gen.pdbx_host_org_culture_collection   ? 
_entity_src_gen.pdbx_host_org_cell                 ? 
_entity_src_gen.pdbx_host_org_organelle            ? 
_entity_src_gen.pdbx_host_org_cellular_location    ? 
_entity_src_gen.pdbx_host_org_vector_type          ? 
_entity_src_gen.pdbx_host_org_vector               ? 
_entity_src_gen.host_org_details                   ? 
_entity_src_gen.expression_system_id               ? 
_entity_src_gen.plasmid_name                       ? 
_entity_src_gen.plasmid_details                    ? 
_entity_src_gen.pdbx_description                   ? 
# 
loop_
_chem_comp.id 
_chem_comp.type 
_chem_comp.mon_nstd_flag 
_chem_comp.name 
_chem_comp.pdbx_synonyms 
_chem_comp.formula 
_chem_comp.formula_weight 
ALA 'L-peptide linking' y ALANINE         ? 'C3 H7 N O2'       89.093  
ARG 'L-peptide linking' y ARGININE        ? 'C6 H15 N4 O2 1'   175.209 
ASN 'L-peptide linking' y ASPARAGINE      ? 'C4 H8 N2 O3'      132.118 
ASP 'L-peptide linking' y 'ASPARTIC ACID' ? 'C4 H7 N O4'       133.103 
CYS 'L-peptide linking' y CYSTEINE        ? 'C3 H7 N O2 S'     121.158 
GLN 'L-peptide linking' y GLUTAMINE       ? 'C5 H10 N2 O3'     146.144 
GLU 'L-peptide linking' y 'GLUTAMIC ACID' ? 'C5 H9 N O4'       147.129 
GLY 'peptide linking'   y GLYCINE         ? 'C2 H5 N O2'       75.067  
HEC non-polymer         . 'HEME C'        ? 'C34 H34 Fe N4 O4' 618.503 
HIS 'L-peptide linking' y HISTIDINE       ? 'C6 H10 N3 O2 1'   156.162 
HOH non-polymer         . WATER           ? 'H2 O'             18.015  
ILE 'L-peptide linking' y ISOLEUCINE      ? 'C6 H13 N O2'      131.173 
LEU 'L-peptide linking' y LEUCINE         ? 'C6 H13 N O2'      131.173 
LYS 'L-peptide linking' y LYSINE          ? 'C6 H15 N2 O2 1'   147.195 
MET 'L-peptide linking' y METHIONINE      ? 'C5 H11 N O2 S'    149.211 
PHE 'L-peptide linking' y PHENYLALANINE   ? 'C9 H11 N O2'      165.189 
PRO 'L-peptide linking' y PROLINE         ? 'C5 H9 N O2'       115.130 
SER 'L-peptide linking' y SERINE          ? 'C3 H7 N O3'       105.093 
THR 'L-peptide linking' y THREONINE       ? 'C4 H9 N O3'       119.119 
TRP 'L-peptide linking' y TRYPTOPHAN      ? 'C11 H12 N2 O2'    204.225 
TYR 'L-peptide linking' y TYROSINE        ? 'C9 H11 N O3'      181.189 
VAL 'L-peptide linking' y VALINE          ? 'C5 H11 N O2'      117.146 
# 
loop_
_pdbx_poly_seq_scheme.asym_id 
_pdbx_poly_seq_scheme.entity_id 
_pdbx_poly_seq_scheme.seq_id 
_pdbx_poly_seq_scheme.mon_id 
_pdbx_poly_seq_scheme.ndb_seq_num 
_pdbx_poly_seq_scheme.pdb_seq_num 
_pdbx_poly_seq_scheme.auth_seq_num 
_pdbx_poly_seq_scheme.pdb_mon_id 
_pdbx_poly_seq_scheme.auth_mon_id 
_pdbx_poly_seq_scheme.pdb_strand_id 
_pdbx_poly_seq_scheme.pdb_ins_code 
_pdbx_poly_seq_scheme.hetero 
A 1 1   GLY 1   1   1   GLY GLY A . n 
A 1 2   LEU 2   2   2   LEU LEU A . n 
A 1 3   PRO 3   3   3   PRO PRO A . n 
A 1 4   TYR 4   4   4   TYR TYR A . n 
A 1 5   PRO 5   5   5   PRO PRO A . n 
A 1 6   GLU 6   6   6   GLU GLU A . n 
A 1 7   GLY 7   7   7   GLY GLY A . n 
A 1 8   TYR 8   8   8   TYR TYR A . n 
A 1 9   ARG 9   9   9   ARG ARG A . n 
A 1 10  PHE 10  10  10  PHE PHE A . n 
A 1 11  TRP 11  11  11  TRP TRP A . n 
A 1 12  THR 12  12  12  THR THR A . n 
A 1 13  HIS 13  13  13  HIS HIS A . n 
A 1 14  VAL 14  14  14  VAL VAL A . n 
A 1 15  LYS 15  15  15  LYS LYS A . n 
A 1 16  SER 16  16  16  SER SER A . n 
A 1 17  MET 17  17  17  MET MET A . n 
A 1 18  GLU 18  18  18  GLU GLU A . n 
A 1 19  LEU 19  19  19  LEU LEU A . n 
A 1 20  LYS 20  20  20  LYS LYS A . n 
A 1 21  PRO 21  21  21  PRO PRO A . n 
A 1 22  GLY 22  22  22  GLY GLY A . n 
A 1 23  HIS 23  23  23  HIS HIS A . n 
A 1 24  PRO 24  24  24  PRO PRO A . n 
A 1 25  LEU 25  25  25  LEU LEU A . n 
A 1 26  TYR 26  26  26  TYR TYR A . n 
A 1 27  GLU 27  27  27  GLU GLU A . n 
A 1 28  SER 28  28  28  SER SER A . n 
A 1 29  PHE 29  29  29  PHE PHE A . n 
A 1 30  GLY 30  30  30  GLY GLY A . n 
A 1 31  GLY 31  31  31  GLY GLY A . n 
A 1 32  LEU 32  32  32  LEU LEU A . n 
A 1 33  HIS 33  33  33  HIS HIS A . n 
A 1 34  HIS 34  34  34  HIS HIS A . n 
A 1 35  ILE 35  35  35  ILE ILE A . n 
A 1 36  TYR 36  36  36  TYR TYR A . n 
A 1 37  VAL 37  37  37  VAL VAL A . n 
A 1 38  ASN 38  38  38  ASN ASN A . n 
A 1 39  PRO 39  39  39  PRO PRO A . n 
A 1 40  THR 40  40  40  THR THR A . n 
A 1 41  GLY 41  41  41  GLY GLY A . n 
A 1 42  LEU 42  42  42  LEU LEU A . n 
A 1 43  ARG 43  43  43  ARG ARG A . n 
A 1 44  THR 44  44  44  THR THR A . n 
A 1 45  TYR 45  45  45  TYR TYR A . n 
A 1 46  LEU 46  46  46  LEU LEU A . n 
A 1 47  GLU 47  47  47  GLU GLU A . n 
A 1 48  GLY 48  48  48  GLY GLY A . n 
A 1 49  LYS 49  49  49  LYS LYS A . n 
A 1 50  LYS 50  50  50  LYS LYS A . n 
A 1 51  ALA 51  51  51  ALA ALA A . n 
A 1 52  PRO 52  52  52  PRO PRO A . n 
A 1 53  PHE 53  53  53  PHE PHE A . n 
A 1 54  PRO 54  54  54  PRO PRO A . n 
A 1 55  LYS 55  55  55  LYS LYS A . n 
A 1 56  GLY 56  56  56  GLY GLY A . n 
A 1 57  THR 57  57  57  THR THR A . n 
A 1 58  VAL 58  58  58  VAL VAL A . n 
A 1 59  ILE 59  59  59  ILE ILE A . n 
A 1 60  VAL 60  60  60  VAL VAL A . n 
A 1 61  PHE 61  61  61  PHE PHE A . n 
A 1 62  ASP 62  62  62  ASP ASP A . n 
A 1 63  LEU 63  63  63  LEU LEU A . n 
A 1 64  LEU 64  64  64  LEU LEU A . n 
A 1 65  GLU 65  65  65  GLU GLU A . n 
A 1 66  ALA 66  66  66  ALA ALA A . n 
A 1 67  LYS 67  67  67  LYS LYS A . n 
A 1 68  VAL 68  68  68  VAL VAL A . n 
A 1 69  GLU 69  69  69  GLU GLU A . n 
A 1 70  GLY 70  70  70  GLY GLY A . n 
A 1 71  ASN 71  71  71  ASN ASN A . n 
A 1 72  ALA 72  72  72  ALA ALA A . n 
A 1 73  LEU 73  73  73  LEU LEU A . n 
A 1 74  LEU 74  74  74  LEU LEU A . n 
A 1 75  GLU 75  75  75  GLU GLU A . n 
A 1 76  GLY 76  76  76  GLY GLY A . n 
A 1 77  PRO 77  77  77  PRO PRO A . n 
A 1 78  ARG 78  78  78  ARG ARG A . n 
A 1 79  LYS 79  79  79  LYS LYS A . n 
A 1 80  LEU 80  80  80  LEU LEU A . n 
A 1 81  ILE 81  81  81  ILE ILE A . n 
A 1 82  GLY 82  82  82  GLY GLY A . n 
A 1 83  VAL 83  83  83  VAL VAL A . n 
A 1 84  MET 84  84  84  MET MET A . n 
A 1 85  ALA 85  85  85  ALA ALA A . n 
A 1 86  LYS 86  86  86  LYS LYS A . n 
A 1 87  ASP 87  87  87  ASP ASP A . n 
A 1 88  PRO 88  88  88  PRO PRO A . n 
A 1 89  GLY 89  89  89  GLY GLY A . n 
A 1 90  ARG 90  90  90  ARG ARG A . n 
A 1 91  TYR 91  91  91  TYR TYR A . n 
A 1 92  PRO 92  92  92  PRO PRO A . n 
A 1 93  ASP 93  93  93  ASP ASP A . n 
A 1 94  THR 94  94  94  THR THR A . n 
A 1 95  GLY 95  95  95  GLY GLY A . n 
A 1 96  GLY 96  96  96  GLY GLY A . n 
A 1 97  TRP 97  97  97  TRP TRP A . n 
A 1 98  GLY 98  98  98  GLY GLY A . n 
A 1 99  TYR 99  99  99  TYR TYR A . n 
A 1 100 TYR 100 100 100 TYR TYR A . n 
A 1 101 ALA 101 101 101 ALA ALA A . n 
A 1 102 PHE 102 102 102 PHE PHE A . n 
A 1 103 GLY 103 103 103 GLY GLY A . n 
A 1 104 PRO 104 104 104 PRO PRO A . n 
A 1 105 ASP 105 105 105 ASP ASP A . n 
A 1 106 LYS 106 106 106 LYS LYS A . n 
A 1 107 LYS 107 107 107 LYS LYS A . n 
A 1 108 PRO 108 108 108 PRO PRO A . n 
A 1 109 LEU 109 109 109 LEU LEU A . n 
A 1 110 ALA 110 110 110 ALA ALA A . n 
A 1 111 ILE 111 111 111 ILE ILE A . n 
A 1 112 ASP 112 112 112 ASP ASP A . n 
A 1 113 PRO 113 113 113 PRO PRO A . n 
A 1 114 LYS 114 114 114 LYS LYS A . n 
A 1 115 ALA 115 115 115 ALA ALA A . n 
A 1 116 CYS 116 116 116 CYS CYS A . n 
A 1 117 HIS 117 117 117 HIS HIS A . n 
A 1 118 ALA 118 118 118 ALA ALA A . n 
A 1 119 CYS 119 119 119 CYS CYS A . n 
A 1 120 HIS 120 120 120 HIS HIS A . n 
A 1 121 GLN 121 121 121 GLN GLN A . n 
A 1 122 GLY 122 122 122 GLY GLY A . n 
A 1 123 ALA 123 123 123 ALA ALA A . n 
A 1 124 ALA 124 124 124 ALA ALA A . n 
A 1 125 ASN 125 125 125 ASN ASN A . n 
A 1 126 THR 126 126 126 THR THR A . n 
A 1 127 ASP 127 127 127 ASP ASP A . n 
A 1 128 TYR 128 128 128 TYR TYR A . n 
A 1 129 VAL 129 129 129 VAL VAL A . n 
A 1 130 PHE 130 130 130 PHE PHE A . n 
A 1 131 SER 131 131 131 SER SER A . n 
A 1 132 ALA 132 132 132 ALA ALA A . n 
A 1 133 PHE 133 133 133 PHE PHE A . n 
A 1 134 ARG 134 134 134 ARG ARG A . n 
A 1 135 PRO 135 135 135 PRO PRO A . n 
# 
_pdbx_entity_instance_feature.ordinal        1 
_pdbx_entity_instance_feature.comp_id        HEC 
_pdbx_entity_instance_feature.asym_id        ? 
_pdbx_entity_instance_feature.seq_num        ? 
_pdbx_entity_instance_feature.auth_comp_id   HEC 
_pdbx_entity_instance_feature.auth_asym_id   ? 
_pdbx_entity_instance_feature.auth_seq_num   ? 
_pdbx_entity_instance_feature.feature_type   'SUBJECT OF INVESTIGATION' 
_pdbx_entity_instance_feature.details        ? 
# 
loop_
_pdbx_nonpoly_scheme.asym_id 
_pdbx_nonpoly_scheme.entity_id 
_pdbx_nonpoly_scheme.mon_id 
_pdbx_nonpoly_scheme.ndb_seq_num 
_pdbx_nonpoly_scheme.pdb_seq_num 
_pdbx_nonpoly_scheme.auth_seq_num 
_pdbx_nonpoly_scheme.pdb_mon_id 
_pdbx_nonpoly_scheme.auth_mon_id 
_pdbx_nonpoly_scheme.pdb_strand_id 
_pdbx_nonpoly_scheme.pdb_ins_code 
B 2 HEC 1   201 150 HEC HEC A . 
C 3 HOH 1   301 22  HOH HOH A . 
C 3 HOH 2   302 33  HOH HOH A . 
C 3 HOH 3   303 55  HOH HOH A . 
C 3 HOH 4   304 116 HOH HOH A . 
C 3 HOH 5   305 79  HOH HOH A . 
C 3 HOH 6   306 87  HOH HOH A . 
C 3 HOH 7   307 21  HOH HOH A . 
C 3 HOH 8   308 47  HOH HOH A . 
C 3 HOH 9   309 122 HOH HOH A . 
C 3 HOH 10  310 17  HOH HOH A . 
C 3 HOH 11  311 25  HOH HOH A . 
C 3 HOH 12  312 67  HOH HOH A . 
C 3 HOH 13  313 11  HOH HOH A . 
C 3 HOH 14  314 4   HOH HOH A . 
C 3 HOH 15  315 77  HOH HOH A . 
C 3 HOH 16  316 16  HOH HOH A . 
C 3 HOH 17  317 89  HOH HOH A . 
C 3 HOH 18  318 36  HOH HOH A . 
C 3 HOH 19  319 28  HOH HOH A . 
C 3 HOH 20  320 73  HOH HOH A . 
C 3 HOH 21  321 1   HOH HOH A . 
C 3 HOH 22  322 48  HOH HOH A . 
C 3 HOH 23  323 98  HOH HOH A . 
C 3 HOH 24  324 9   HOH HOH A . 
C 3 HOH 25  325 56  HOH HOH A . 
C 3 HOH 26  326 8   HOH HOH A . 
C 3 HOH 27  327 38  HOH HOH A . 
C 3 HOH 28  328 3   HOH HOH A . 
C 3 HOH 29  329 60  HOH HOH A . 
C 3 HOH 30  330 70  HOH HOH A . 
C 3 HOH 31  331 91  HOH HOH A . 
C 3 HOH 32  332 40  HOH HOH A . 
C 3 HOH 33  333 15  HOH HOH A . 
C 3 HOH 34  334 69  HOH HOH A . 
C 3 HOH 35  335 7   HOH HOH A . 
C 3 HOH 36  336 14  HOH HOH A . 
C 3 HOH 37  337 104 HOH HOH A . 
C 3 HOH 38  338 46  HOH HOH A . 
C 3 HOH 39  339 10  HOH HOH A . 
C 3 HOH 40  340 68  HOH HOH A . 
C 3 HOH 41  341 61  HOH HOH A . 
C 3 HOH 42  342 65  HOH HOH A . 
C 3 HOH 43  343 44  HOH HOH A . 
C 3 HOH 44  344 72  HOH HOH A . 
C 3 HOH 45  345 30  HOH HOH A . 
C 3 HOH 46  346 18  HOH HOH A . 
C 3 HOH 47  347 54  HOH HOH A . 
C 3 HOH 48  348 42  HOH HOH A . 
C 3 HOH 49  349 58  HOH HOH A . 
C 3 HOH 50  350 2   HOH HOH A . 
C 3 HOH 51  351 32  HOH HOH A . 
C 3 HOH 52  352 43  HOH HOH A . 
C 3 HOH 53  353 12  HOH HOH A . 
C 3 HOH 54  354 50  HOH HOH A . 
C 3 HOH 55  355 99  HOH HOH A . 
C 3 HOH 56  356 62  HOH HOH A . 
C 3 HOH 57  357 29  HOH HOH A . 
C 3 HOH 58  358 5   HOH HOH A . 
C 3 HOH 59  359 97  HOH HOH A . 
C 3 HOH 60  360 95  HOH HOH A . 
C 3 HOH 61  361 66  HOH HOH A . 
C 3 HOH 62  362 82  HOH HOH A . 
C 3 HOH 63  363 111 HOH HOH A . 
C 3 HOH 64  364 78  HOH HOH A . 
C 3 HOH 65  365 112 HOH HOH A . 
C 3 HOH 66  366 107 HOH HOH A . 
C 3 HOH 67  367 57  HOH HOH A . 
C 3 HOH 68  368 41  HOH HOH A . 
C 3 HOH 69  369 19  HOH HOH A . 
C 3 HOH 70  370 83  HOH HOH A . 
C 3 HOH 71  371 64  HOH HOH A . 
C 3 HOH 72  372 51  HOH HOH A . 
C 3 HOH 73  373 119 HOH HOH A . 
C 3 HOH 74  374 24  HOH HOH A . 
C 3 HOH 75  375 23  HOH HOH A . 
C 3 HOH 76  376 6   HOH HOH A . 
C 3 HOH 77  377 113 HOH HOH A . 
C 3 HOH 78  378 120 HOH HOH A . 
C 3 HOH 79  379 49  HOH HOH A . 
C 3 HOH 80  380 45  HOH HOH A . 
C 3 HOH 81  381 81  HOH HOH A . 
C 3 HOH 82  382 63  HOH HOH A . 
C 3 HOH 83  383 13  HOH HOH A . 
C 3 HOH 84  384 118 HOH HOH A . 
C 3 HOH 85  385 52  HOH HOH A . 
C 3 HOH 86  386 109 HOH HOH A . 
C 3 HOH 87  387 53  HOH HOH A . 
C 3 HOH 88  388 124 HOH HOH A . 
C 3 HOH 89  389 76  HOH HOH A . 
C 3 HOH 90  390 123 HOH HOH A . 
C 3 HOH 91  391 85  HOH HOH A . 
C 3 HOH 92  392 34  HOH HOH A . 
C 3 HOH 93  393 26  HOH HOH A . 
C 3 HOH 94  394 102 HOH HOH A . 
C 3 HOH 95  395 106 HOH HOH A . 
C 3 HOH 96  396 114 HOH HOH A . 
C 3 HOH 97  397 71  HOH HOH A . 
C 3 HOH 98  398 86  HOH HOH A . 
C 3 HOH 99  399 92  HOH HOH A . 
C 3 HOH 100 400 94  HOH HOH A . 
C 3 HOH 101 401 20  HOH HOH A . 
C 3 HOH 102 402 101 HOH HOH A . 
C 3 HOH 103 403 90  HOH HOH A . 
C 3 HOH 104 404 125 HOH HOH A . 
C 3 HOH 105 405 110 HOH HOH A . 
C 3 HOH 106 406 93  HOH HOH A . 
C 3 HOH 107 407 74  HOH HOH A . 
C 3 HOH 108 408 108 HOH HOH A . 
C 3 HOH 109 409 121 HOH HOH A . 
C 3 HOH 110 410 80  HOH HOH A . 
C 3 HOH 111 411 75  HOH HOH A . 
C 3 HOH 112 412 126 HOH HOH A . 
C 3 HOH 113 413 84  HOH HOH A . 
C 3 HOH 114 414 39  HOH HOH A . 
C 3 HOH 115 415 100 HOH HOH A . 
C 3 HOH 116 416 88  HOH HOH A . 
C 3 HOH 117 417 115 HOH HOH A . 
C 3 HOH 118 418 103 HOH HOH A . 
C 3 HOH 119 419 105 HOH HOH A . 
C 3 HOH 120 420 35  HOH HOH A . 
C 3 HOH 121 421 27  HOH HOH A . 
C 3 HOH 122 422 96  HOH HOH A . 
C 3 HOH 123 423 117 HOH HOH A . 
C 3 HOH 124 424 59  HOH HOH A . 
C 3 HOH 125 425 31  HOH HOH A . 
C 3 HOH 126 426 37  HOH HOH A . 
# 
loop_
_software.citation_id 
_software.classification 
_software.compiler_name 
_software.compiler_version 
_software.contact_author 
_software.contact_author_email 
_software.date 
_software.description 
_software.dependencies 
_software.hardware 
_software.language 
_software.location 
_software.mods 
_software.name 
_software.os 
_software.os_version 
_software.type 
_software.version 
_software.pdbx_ordinal 
? 'data reduction'  ? ? ? ? ? ? ? ? ? ? ? XDS         ? ? ? .      1 
? 'data scaling'    ? ? ? ? ? ? ? ? ? ? ? Aimless     ? ? ? 0.5.32 2 
? refinement        ? ? ? ? ? ? ? ? ? ? ? PHENIX      ? ? ? 1.19.1 3 
? 'data extraction' ? ? ? ? ? ? ? ? ? ? ? PDB_EXTRACT ? ? ? 3.27   4 
? phasing           ? ? ? ? ? ? ? ? ? ? ? PHENIX      ? ? ? 1.19.1 5 
# 
_cell.angle_alpha                  90.000 
_cell.angle_alpha_esd              ? 
_cell.angle_beta                   90.000 
_cell.angle_beta_esd               ? 
_cell.angle_gamma                  90.000 
_cell.angle_gamma_esd              ? 
_cell.entry_id                     7EAD 
_cell.details                      ? 
_cell.formula_units_Z              ? 
_cell.length_a                     38.830 
_cell.length_a_esd                 ? 
_cell.length_b                     81.225 
_cell.length_b_esd                 ? 
_cell.length_c                     82.305 
_cell.length_c_esd                 ? 
_cell.volume                       ? 
_cell.volume_esd                   ? 
_cell.Z_PDB                        8 
_cell.reciprocal_angle_alpha       ? 
_cell.reciprocal_angle_beta        ? 
_cell.reciprocal_angle_gamma       ? 
_cell.reciprocal_angle_alpha_esd   ? 
_cell.reciprocal_angle_beta_esd    ? 
_cell.reciprocal_angle_gamma_esd   ? 
_cell.reciprocal_length_a          ? 
_cell.reciprocal_length_b          ? 
_cell.reciprocal_length_c          ? 
_cell.reciprocal_length_a_esd      ? 
_cell.reciprocal_length_b_esd      ? 
_cell.reciprocal_length_c_esd      ? 
_cell.pdbx_unique_axis             ? 
# 
_symmetry.entry_id                         7EAD 
_symmetry.cell_setting                     ? 
_symmetry.Int_Tables_number                20 
_symmetry.space_group_name_Hall            ? 
_symmetry.space_group_name_H-M             'C 2 2 21' 
_symmetry.pdbx_full_space_group_name_H-M   ? 
# 
_exptl.absorpt_coefficient_mu     ? 
_exptl.absorpt_correction_T_max   ? 
_exptl.absorpt_correction_T_min   ? 
_exptl.absorpt_correction_type    ? 
_exptl.absorpt_process_details    ? 
_exptl.entry_id                   7EAD 
_exptl.crystals_number            1 
_exptl.details                    ? 
_exptl.method                     'X-RAY DIFFRACTION' 
_exptl.method_details             ? 
# 
_exptl_crystal.colour                      ? 
_exptl_crystal.density_diffrn              ? 
_exptl_crystal.density_Matthews            2.17 
_exptl_crystal.density_method              ? 
_exptl_crystal.density_percent_sol         43.36 
_exptl_crystal.description                 ? 
_exptl_crystal.F_000                       ? 
_exptl_crystal.id                          1 
_exptl_crystal.preparation                 ? 
_exptl_crystal.size_max                    ? 
_exptl_crystal.size_mid                    ? 
_exptl_crystal.size_min                    ? 
_exptl_crystal.size_rad                    ? 
_exptl_crystal.colour_lustre               ? 
_exptl_crystal.colour_modifier             ? 
_exptl_crystal.colour_primary              ? 
_exptl_crystal.density_meas                ? 
_exptl_crystal.density_meas_esd            ? 
_exptl_crystal.density_meas_gt             ? 
_exptl_crystal.density_meas_lt             ? 
_exptl_crystal.density_meas_temp           ? 
_exptl_crystal.density_meas_temp_esd       ? 
_exptl_crystal.density_meas_temp_gt        ? 
_exptl_crystal.density_meas_temp_lt        ? 
_exptl_crystal.pdbx_crystal_image_url      ? 
_exptl_crystal.pdbx_crystal_image_format   ? 
_exptl_crystal.pdbx_mosaicity              ? 
_exptl_crystal.pdbx_mosaicity_esd          ? 
# 
_exptl_crystal_grow.apparatus       ? 
_exptl_crystal_grow.atmosphere      ? 
_exptl_crystal_grow.crystal_id      1 
_exptl_crystal_grow.details         ? 
_exptl_crystal_grow.method          'VAPOR DIFFUSION, HANGING DROP' 
_exptl_crystal_grow.method_ref      ? 
_exptl_crystal_grow.pH              ? 
_exptl_crystal_grow.pressure        ? 
_exptl_crystal_grow.pressure_esd    ? 
_exptl_crystal_grow.seeding         ? 
_exptl_crystal_grow.seeding_ref     ? 
_exptl_crystal_grow.temp            277 
_exptl_crystal_grow.temp_details    ? 
_exptl_crystal_grow.temp_esd        ? 
_exptl_crystal_grow.time            ? 
_exptl_crystal_grow.pdbx_details    
'0.1 M 4-(2-hydroxyethyl)-1-piperazineethanesulfonic acid buffer (pH 7.5) and 20% (w/v) polyethylene glycol 10,000' 
_exptl_crystal_grow.pdbx_pH_range   ? 
# 
_diffrn.ambient_environment              ? 
_diffrn.ambient_temp                     100 
_diffrn.ambient_temp_details             ? 
_diffrn.ambient_temp_esd                 ? 
_diffrn.crystal_id                       1 
_diffrn.crystal_support                  ? 
_diffrn.crystal_treatment                ? 
_diffrn.details                          ? 
_diffrn.id                               1 
_diffrn.ambient_pressure                 ? 
_diffrn.ambient_pressure_esd             ? 
_diffrn.ambient_pressure_gt              ? 
_diffrn.ambient_pressure_lt              ? 
_diffrn.ambient_temp_gt                  ? 
_diffrn.ambient_temp_lt                  ? 
_diffrn.pdbx_serial_crystal_experiment   N 
# 
_diffrn_detector.details                      ? 
_diffrn_detector.detector                     PIXEL 
_diffrn_detector.diffrn_id                    1 
_diffrn_detector.type                         'DECTRIS EIGER R 4M' 
_diffrn_detector.area_resol_mean              ? 
_diffrn_detector.dtime                        ? 
_diffrn_detector.pdbx_frames_total            ? 
_diffrn_detector.pdbx_collection_time_total   ? 
_diffrn_detector.pdbx_collection_date         2019-07-17 
_diffrn_detector.pdbx_frequency               ? 
# 
_diffrn_radiation.collimation                      ? 
_diffrn_radiation.diffrn_id                        1 
_diffrn_radiation.filter_edge                      ? 
_diffrn_radiation.inhomogeneity                    ? 
_diffrn_radiation.monochromator                    ? 
_diffrn_radiation.polarisn_norm                    ? 
_diffrn_radiation.polarisn_ratio                   ? 
_diffrn_radiation.probe                            ? 
_diffrn_radiation.type                             ? 
_diffrn_radiation.xray_symbol                      ? 
_diffrn_radiation.wavelength_id                    1 
_diffrn_radiation.pdbx_monochromatic_or_laue_m_l   M 
_diffrn_radiation.pdbx_wavelength_list             ? 
_diffrn_radiation.pdbx_wavelength                  ? 
_diffrn_radiation.pdbx_diffrn_protocol             'SINGLE WAVELENGTH' 
_diffrn_radiation.pdbx_analyzer                    ? 
_diffrn_radiation.pdbx_scattering_type             x-ray 
# 
_diffrn_radiation_wavelength.id           1 
_diffrn_radiation_wavelength.wavelength   1.0000 
_diffrn_radiation_wavelength.wt           1.0 
# 
_diffrn_source.current                     ? 
_diffrn_source.details                     ? 
_diffrn_source.diffrn_id                   1 
_diffrn_source.power                       ? 
_diffrn_source.size                        ? 
_diffrn_source.source                      SYNCHROTRON 
_diffrn_source.target                      ? 
_diffrn_source.type                        'SPRING-8 BEAMLINE BL26B1' 
_diffrn_source.voltage                     ? 
_diffrn_source.take-off_angle              ? 
_diffrn_source.pdbx_wavelength_list        1.0000 
_diffrn_source.pdbx_wavelength             ? 
_diffrn_source.pdbx_synchrotron_beamline   BL26B1 
_diffrn_source.pdbx_synchrotron_site       SPring-8 
# 
_reflns.B_iso_Wilson_estimate            16.980 
_reflns.entry_id                         7EAD 
_reflns.data_reduction_details           ? 
_reflns.data_reduction_method            ? 
_reflns.d_resolution_high                1.740 
_reflns.d_resolution_low                 41.150 
_reflns.details                          ? 
_reflns.limit_h_max                      ? 
_reflns.limit_h_min                      ? 
_reflns.limit_k_max                      ? 
_reflns.limit_k_min                      ? 
_reflns.limit_l_max                      ? 
_reflns.limit_l_min                      ? 
_reflns.number_all                       ? 
_reflns.number_obs                       13755 
_reflns.observed_criterion               ? 
_reflns.observed_criterion_F_max         ? 
_reflns.observed_criterion_F_min         ? 
_reflns.observed_criterion_I_max         ? 
_reflns.observed_criterion_I_min         ? 
_reflns.observed_criterion_sigma_F       ? 
_reflns.observed_criterion_sigma_I       ? 
_reflns.percent_possible_obs             100.000 
_reflns.R_free_details                   ? 
_reflns.Rmerge_F_all                     ? 
_reflns.Rmerge_F_obs                     ? 
_reflns.Friedel_coverage                 ? 
_reflns.number_gt                        ? 
_reflns.threshold_expression             ? 
_reflns.pdbx_redundancy                  13.000 
_reflns.pdbx_Rmerge_I_obs                0.197 
_reflns.pdbx_Rmerge_I_all                ? 
_reflns.pdbx_Rsym_value                  ? 
_reflns.pdbx_netI_over_av_sigmaI         ? 
_reflns.pdbx_netI_over_sigmaI            11.300 
_reflns.pdbx_res_netI_over_av_sigmaI_2   ? 
_reflns.pdbx_res_netI_over_sigmaI_2      ? 
_reflns.pdbx_chi_squared                 ? 
_reflns.pdbx_scaling_rejects             23 
_reflns.pdbx_d_res_high_opt              ? 
_reflns.pdbx_d_res_low_opt               ? 
_reflns.pdbx_d_res_opt_method            ? 
_reflns.phase_calculation_details        ? 
_reflns.pdbx_Rrim_I_all                  ? 
_reflns.pdbx_Rpim_I_all                  ? 
_reflns.pdbx_d_opt                       ? 
_reflns.pdbx_number_measured_all         178741 
_reflns.pdbx_diffrn_id                   1 
_reflns.pdbx_ordinal                     1 
_reflns.pdbx_CC_half                     0.998 
_reflns.pdbx_CC_star                     ? 
_reflns.pdbx_R_split                     ? 
# 
loop_
_reflns_shell.d_res_high 
_reflns_shell.d_res_low 
_reflns_shell.meanI_over_sigI_all 
_reflns_shell.meanI_over_sigI_obs 
_reflns_shell.number_measured_all 
_reflns_shell.number_measured_obs 
_reflns_shell.number_possible 
_reflns_shell.number_unique_all 
_reflns_shell.number_unique_obs 
_reflns_shell.percent_possible_all 
_reflns_shell.percent_possible_obs 
_reflns_shell.Rmerge_F_all 
_reflns_shell.Rmerge_F_obs 
_reflns_shell.Rmerge_I_all 
_reflns_shell.Rmerge_I_obs 
_reflns_shell.meanI_over_sigI_gt 
_reflns_shell.meanI_over_uI_all 
_reflns_shell.meanI_over_uI_gt 
_reflns_shell.number_measured_gt 
_reflns_shell.number_unique_gt 
_reflns_shell.percent_possible_gt 
_reflns_shell.Rmerge_F_gt 
_reflns_shell.Rmerge_I_gt 
_reflns_shell.pdbx_redundancy 
_reflns_shell.pdbx_Rsym_value 
_reflns_shell.pdbx_chi_squared 
_reflns_shell.pdbx_netI_over_sigmaI_all 
_reflns_shell.pdbx_netI_over_sigmaI_obs 
_reflns_shell.pdbx_Rrim_I_all 
_reflns_shell.pdbx_Rpim_I_all 
_reflns_shell.pdbx_rejects 
_reflns_shell.pdbx_ordinal 
_reflns_shell.pdbx_diffrn_id 
_reflns_shell.pdbx_CC_half 
_reflns_shell.pdbx_CC_star 
_reflns_shell.pdbx_R_split 
1.740 1.770  ? ? 10014 ? ? ? 739 100.000 ? ? ? ? 1.314 ? ? ? ? ? ? ? ? 13.600 ? ? ? 2.100  ? ? ? 1 1 0.902 ? ? 
9.040 41.150 ? ? 1136  ? ? ? 123 99.200  ? ? ? ? 0.053 ? ? ? ? ? ? ? ? 9.200  ? ? ? 35.700 ? ? ? 2 1 0.998 ? ? 
# 
_refine.aniso_B[1][1]                            ? 
_refine.aniso_B[1][2]                            ? 
_refine.aniso_B[1][3]                            ? 
_refine.aniso_B[2][2]                            ? 
_refine.aniso_B[2][3]                            ? 
_refine.aniso_B[3][3]                            ? 
_refine.B_iso_max                                54.190 
_refine.B_iso_mean                               22.4242 
_refine.B_iso_min                                12.240 
_refine.correlation_coeff_Fo_to_Fc               ? 
_refine.correlation_coeff_Fo_to_Fc_free          ? 
_refine.details                                  ? 
_refine.diff_density_max                         ? 
_refine.diff_density_max_esd                     ? 
_refine.diff_density_min                         ? 
_refine.diff_density_min_esd                     ? 
_refine.diff_density_rms                         ? 
_refine.diff_density_rms_esd                     ? 
_refine.entry_id                                 7EAD 
_refine.pdbx_refine_id                           'X-RAY DIFFRACTION' 
_refine.ls_abs_structure_details                 ? 
_refine.ls_abs_structure_Flack                   ? 
_refine.ls_abs_structure_Flack_esd               ? 
_refine.ls_abs_structure_Rogers                  ? 
_refine.ls_abs_structure_Rogers_esd              ? 
_refine.ls_d_res_high                            1.7400 
_refine.ls_d_res_low                             36.4200 
_refine.ls_extinction_coef                       ? 
_refine.ls_extinction_coef_esd                   ? 
_refine.ls_extinction_expression                 ? 
_refine.ls_extinction_method                     ? 
_refine.ls_goodness_of_fit_all                   ? 
_refine.ls_goodness_of_fit_all_esd               ? 
_refine.ls_goodness_of_fit_obs                   ? 
_refine.ls_goodness_of_fit_obs_esd               ? 
_refine.ls_hydrogen_treatment                    ? 
_refine.ls_matrix_type                           ? 
_refine.ls_number_constraints                    ? 
_refine.ls_number_parameters                     ? 
_refine.ls_number_reflns_all                     ? 
_refine.ls_number_reflns_obs                     13699 
_refine.ls_number_reflns_R_free                  1382 
_refine.ls_number_reflns_R_work                  12317 
_refine.ls_number_restraints                     ? 
_refine.ls_percent_reflns_obs                    99.7500 
_refine.ls_percent_reflns_R_free                 10.0900 
_refine.ls_R_factor_all                          ? 
_refine.ls_R_factor_obs                          0.1894 
_refine.ls_R_factor_R_free                       0.2094 
_refine.ls_R_factor_R_free_error                 ? 
_refine.ls_R_factor_R_free_error_details         ? 
_refine.ls_R_factor_R_work                       0.1871 
_refine.ls_R_Fsqd_factor_obs                     ? 
_refine.ls_R_I_factor_obs                        ? 
_refine.ls_redundancy_reflns_all                 ? 
_refine.ls_redundancy_reflns_obs                 ? 
_refine.ls_restrained_S_all                      ? 
_refine.ls_restrained_S_obs                      ? 
_refine.ls_shift_over_esd_max                    ? 
_refine.ls_shift_over_esd_mean                   ? 
_refine.ls_structure_factor_coef                 ? 
_refine.ls_weighting_details                     ? 
_refine.ls_weighting_scheme                      ? 
_refine.ls_wR_factor_all                         ? 
_refine.ls_wR_factor_obs                         ? 
_refine.ls_wR_factor_R_free                      ? 
_refine.ls_wR_factor_R_work                      ? 
_refine.occupancy_max                            ? 
_refine.occupancy_min                            ? 
_refine.solvent_model_details                    'FLAT BULK SOLVENT MODEL' 
_refine.solvent_model_param_bsol                 ? 
_refine.solvent_model_param_ksol                 ? 
_refine.pdbx_R_complete                          ? 
_refine.ls_R_factor_gt                           ? 
_refine.ls_goodness_of_fit_gt                    ? 
_refine.ls_goodness_of_fit_ref                   ? 
_refine.ls_shift_over_su_max                     ? 
_refine.ls_shift_over_su_max_lt                  ? 
_refine.ls_shift_over_su_mean                    ? 
_refine.ls_shift_over_su_mean_lt                 ? 
_refine.pdbx_ls_sigma_I                          ? 
_refine.pdbx_ls_sigma_F                          1.350 
_refine.pdbx_ls_sigma_Fsqd                       ? 
_refine.pdbx_data_cutoff_high_absF               ? 
_refine.pdbx_data_cutoff_high_rms_absF           ? 
_refine.pdbx_data_cutoff_low_absF                ? 
_refine.pdbx_isotropic_thermal_model             ? 
_refine.pdbx_ls_cross_valid_method               THROUGHOUT 
_refine.pdbx_method_to_determine_struct          'MOLECULAR REPLACEMENT' 
_refine.pdbx_starting_model                      6HIH 
_refine.pdbx_stereochemistry_target_values       ML 
_refine.pdbx_R_Free_selection_details            ? 
_refine.pdbx_stereochem_target_val_spec_case     ? 
_refine.pdbx_overall_ESU_R                       ? 
_refine.pdbx_overall_ESU_R_Free                  ? 
_refine.pdbx_solvent_vdw_probe_radii             1.1100 
_refine.pdbx_solvent_ion_probe_radii             ? 
_refine.pdbx_solvent_shrinkage_radii             0.9000 
_refine.pdbx_real_space_R                        ? 
_refine.pdbx_density_correlation                 ? 
_refine.pdbx_pd_number_of_powder_patterns        ? 
_refine.pdbx_pd_number_of_points                 ? 
_refine.pdbx_pd_meas_number_of_points            ? 
_refine.pdbx_pd_proc_ls_prof_R_factor            ? 
_refine.pdbx_pd_proc_ls_prof_wR_factor           ? 
_refine.pdbx_pd_Marquardt_correlation_coeff      ? 
_refine.pdbx_pd_Fsqrd_R_factor                   ? 
_refine.pdbx_pd_ls_matrix_band_width             ? 
_refine.pdbx_overall_phase_error                 25.8800 
_refine.pdbx_overall_SU_R_free_Cruickshank_DPI   ? 
_refine.pdbx_overall_SU_R_free_Blow_DPI          ? 
_refine.pdbx_overall_SU_R_Blow_DPI               ? 
_refine.pdbx_TLS_residual_ADP_flag               ? 
_refine.pdbx_diffrn_id                           1 
_refine.overall_SU_B                             ? 
_refine.overall_SU_ML                            0.2200 
_refine.overall_SU_R_Cruickshank_DPI             ? 
_refine.overall_SU_R_free                        ? 
_refine.overall_FOM_free_R_set                   ? 
_refine.overall_FOM_work_R_set                   ? 
_refine.pdbx_average_fsc_overall                 ? 
_refine.pdbx_average_fsc_work                    ? 
_refine.pdbx_average_fsc_free                    ? 
# 
_refine_hist.pdbx_refine_id                   'X-RAY DIFFRACTION' 
_refine_hist.cycle_id                         final 
_refine_hist.details                          ? 
_refine_hist.d_res_high                       1.7400 
_refine_hist.d_res_low                        36.4200 
_refine_hist.number_atoms_solvent             126 
_refine_hist.number_atoms_total               1227 
_refine_hist.number_reflns_all                ? 
_refine_hist.number_reflns_obs                ? 
_refine_hist.number_reflns_R_free             ? 
_refine_hist.number_reflns_R_work             ? 
_refine_hist.R_factor_all                     ? 
_refine_hist.R_factor_obs                     ? 
_refine_hist.R_factor_R_free                  ? 
_refine_hist.R_factor_R_work                  ? 
_refine_hist.pdbx_number_residues_total       135 
_refine_hist.pdbx_B_iso_mean_ligand           16.22 
_refine_hist.pdbx_B_iso_mean_solvent          30.57 
_refine_hist.pdbx_number_atoms_protein        1058 
_refine_hist.pdbx_number_atoms_nucleic_acid   0 
_refine_hist.pdbx_number_atoms_ligand         43 
_refine_hist.pdbx_number_atoms_lipid          ? 
_refine_hist.pdbx_number_atoms_carb           ? 
_refine_hist.pdbx_pseudo_atom_details         ? 
# 
loop_
_refine_ls_shell.pdbx_refine_id 
_refine_ls_shell.d_res_high 
_refine_ls_shell.d_res_low 
_refine_ls_shell.number_reflns_all 
_refine_ls_shell.number_reflns_obs 
_refine_ls_shell.number_reflns_R_free 
_refine_ls_shell.number_reflns_R_work 
_refine_ls_shell.percent_reflns_obs 
_refine_ls_shell.percent_reflns_R_free 
_refine_ls_shell.R_factor_all 
_refine_ls_shell.R_factor_obs 
_refine_ls_shell.R_factor_R_free 
_refine_ls_shell.R_factor_R_free_error 
_refine_ls_shell.R_factor_R_work 
_refine_ls_shell.redundancy_reflns_all 
_refine_ls_shell.redundancy_reflns_obs 
_refine_ls_shell.wR_factor_all 
_refine_ls_shell.wR_factor_obs 
_refine_ls_shell.wR_factor_R_free 
_refine_ls_shell.wR_factor_R_work 
_refine_ls_shell.pdbx_R_complete 
_refine_ls_shell.pdbx_total_number_of_bins_used 
_refine_ls_shell.pdbx_phase_error 
_refine_ls_shell.pdbx_fsc_work 
_refine_ls_shell.pdbx_fsc_free 
'X-RAY DIFFRACTION' 1.7400 1.8000  1330 . 131 1199 99.0000  . . . 0.3846 0.0000 0.2895 . . . . . . . 10 . . . 
'X-RAY DIFFRACTION' 1.8000 1.8700  1352 . 134 1218 99.0000  . . . 0.3157 0.0000 0.2568 . . . . . . . 10 . . . 
'X-RAY DIFFRACTION' 1.8700 1.9600  1349 . 137 1212 100.0000 . . . 0.3043 0.0000 0.2198 . . . . . . . 10 . . . 
'X-RAY DIFFRACTION' 1.9600 2.0600  1337 . 141 1196 99.0000  . . . 0.2613 0.0000 0.2177 . . . . . . . 10 . . . 
'X-RAY DIFFRACTION' 2.0600 2.1900  1358 . 136 1222 100.0000 . . . 0.2696 0.0000 0.2115 . . . . . . . 10 . . . 
'X-RAY DIFFRACTION' 2.1900 2.3600  1365 . 142 1223 100.0000 . . . 0.2384 0.0000 0.1906 . . . . . . . 10 . . . 
'X-RAY DIFFRACTION' 2.3600 2.6000  1367 . 136 1231 100.0000 . . . 0.2060 0.0000 0.2046 . . . . . . . 10 . . . 
'X-RAY DIFFRACTION' 2.6000 2.9700  1381 . 123 1258 100.0000 . . . 0.2106 0.0000 0.1829 . . . . . . . 10 . . . 
'X-RAY DIFFRACTION' 2.9800 3.7500  1404 . 152 1252 100.0000 . . . 0.1509 0.0000 0.1677 . . . . . . . 10 . . . 
'X-RAY DIFFRACTION' 3.7500 36.4200 1456 . 150 1306 100.0000 . . . 0.1646 0.0000 0.1467 . . . . . . . 10 . . . 
# 
_struct.entry_id                     7EAD 
_struct.title                        'Crystal structure of beta-sheet cytochrome c prime from Thermus thermophilus.' 
_struct.pdbx_model_details           ? 
_struct.pdbx_formula_weight          ? 
_struct.pdbx_formula_weight_method   ? 
_struct.pdbx_model_type_details      ? 
_struct.pdbx_CASP_flag               N 
# 
_struct_keywords.entry_id        7EAD 
_struct_keywords.text            'Cytochrome c, thermophile, ELECTRON TRANSPORT' 
_struct_keywords.pdbx_keywords   'ELECTRON TRANSPORT' 
# 
loop_
_struct_asym.id 
_struct_asym.pdbx_blank_PDB_chainid_flag 
_struct_asym.pdbx_modified 
_struct_asym.entity_id 
_struct_asym.details 
A N N 1 ? 
B N N 2 ? 
C N N 3 ? 
# 
_struct_ref.id                         1 
_struct_ref.db_name                    UNP 
_struct_ref.db_code                    A0A510IM14_THETH 
_struct_ref.pdbx_db_accession          A0A510IM14 
_struct_ref.pdbx_db_isoform            ? 
_struct_ref.entity_id                  1 
_struct_ref.pdbx_seq_one_letter_code   
;GLPYPEGYRFWTHVKSMELKPGHPLYESFGGLHHIYVNPTGLRTYLEGKKAPFPKGTVIVFDLLEAKVEGNALLEGPRKL
IGVMAKDPGRYPDTGGWGYYAFGPDKKPLAIDPKACHACHQGAANTDYVFSAFRP
;
_struct_ref.pdbx_align_begin           20 
# 
_struct_ref_seq.align_id                      1 
_struct_ref_seq.ref_id                        1 
_struct_ref_seq.pdbx_PDB_id_code              7EAD 
_struct_ref_seq.pdbx_strand_id                A 
_struct_ref_seq.seq_align_beg                 1 
_struct_ref_seq.pdbx_seq_align_beg_ins_code   ? 
_struct_ref_seq.seq_align_end                 135 
_struct_ref_seq.pdbx_seq_align_end_ins_code   ? 
_struct_ref_seq.pdbx_db_accession             A0A510IM14 
_struct_ref_seq.db_align_beg                  20 
_struct_ref_seq.pdbx_db_align_beg_ins_code    ? 
_struct_ref_seq.db_align_end                  154 
_struct_ref_seq.pdbx_db_align_end_ins_code    ? 
_struct_ref_seq.pdbx_auth_seq_align_beg       1 
_struct_ref_seq.pdbx_auth_seq_align_end       135 
# 
_pdbx_struct_assembly.id                   1 
_pdbx_struct_assembly.details              author_and_software_defined_assembly 
_pdbx_struct_assembly.method_details       PISA 
_pdbx_struct_assembly.oligomeric_details   dimeric 
_pdbx_struct_assembly.oligomeric_count     2 
# 
loop_
_pdbx_struct_assembly_prop.biol_id 
_pdbx_struct_assembly_prop.type 
_pdbx_struct_assembly_prop.value 
_pdbx_struct_assembly_prop.details 
1 'ABSA (A^2)' 4770  ? 
1 MORE         -47   ? 
1 'SSA (A^2)'  12500 ? 
# 
_pdbx_struct_assembly_gen.assembly_id       1 
_pdbx_struct_assembly_gen.oper_expression   1,2 
_pdbx_struct_assembly_gen.asym_id_list      A,B,C 
# 
_pdbx_struct_assembly_auth_evidence.id                     1 
_pdbx_struct_assembly_auth_evidence.assembly_id            1 
_pdbx_struct_assembly_auth_evidence.experimental_support   none 
_pdbx_struct_assembly_auth_evidence.details                ? 
# 
loop_
_pdbx_struct_oper_list.id 
_pdbx_struct_oper_list.type 
_pdbx_struct_oper_list.name 
_pdbx_struct_oper_list.symmetry_operation 
_pdbx_struct_oper_list.matrix[1][1] 
_pdbx_struct_oper_list.matrix[1][2] 
_pdbx_struct_oper_list.matrix[1][3] 
_pdbx_struct_oper_list.vector[1] 
_pdbx_struct_oper_list.matrix[2][1] 
_pdbx_struct_oper_list.matrix[2][2] 
_pdbx_struct_oper_list.matrix[2][3] 
_pdbx_struct_oper_list.vector[2] 
_pdbx_struct_oper_list.matrix[3][1] 
_pdbx_struct_oper_list.matrix[3][2] 
_pdbx_struct_oper_list.matrix[3][3] 
_pdbx_struct_oper_list.vector[3] 
1 'identity operation'         1_555 x,y,z   1.0000000000  0.0000000000  0.0000000000 0.0000000000 0.0000000000  1.0000000000  0.0000000000  0.0000000000  0.0000000000 0.0000000000  1.0000000000 0.0000000000  
2 'crystal symmetry operation' 4_555 x,-y,-z -0.2361029079 -0.1564822547 0.9590457345 6.1187706360 -0.1564822547 -0.9679450331 -0.1964579266 24.8943104090 0.9590457345 -0.1964579266 0.2040479410 -0.8118416531 
# 
loop_
_struct_conf.conf_type_id 
_struct_conf.id 
_struct_conf.pdbx_PDB_helix_id 
_struct_conf.beg_label_comp_id 
_struct_conf.beg_label_asym_id 
_struct_conf.beg_label_seq_id 
_struct_conf.pdbx_beg_PDB_ins_code 
_struct_conf.end_label_comp_id 
_struct_conf.end_label_asym_id 
_struct_conf.end_label_seq_id 
_struct_conf.pdbx_end_PDB_ins_code 
_struct_conf.beg_auth_comp_id 
_struct_conf.beg_auth_asym_id 
_struct_conf.beg_auth_seq_id 
_struct_conf.end_auth_comp_id 
_struct_conf.end_auth_asym_id 
_struct_conf.end_auth_seq_id 
_struct_conf.pdbx_PDB_helix_class 
_struct_conf.details 
_struct_conf.pdbx_PDB_helix_length 
HELX_P HELX_P1 AA1 GLY A 7   ? TRP A 11  ? GLY A 7   TRP A 11  5 ? 5  
HELX_P HELX_P2 AA2 LEU A 25  ? GLY A 30  ? LEU A 25  GLY A 30  1 ? 6  
HELX_P HELX_P3 AA3 ASN A 38  ? GLU A 47  ? ASN A 38  GLU A 47  1 ? 10 
HELX_P HELX_P4 AA4 TYR A 91  ? GLY A 95  ? TYR A 91  GLY A 95  5 ? 5  
HELX_P HELX_P5 AA5 ASP A 112 ? GLN A 121 ? ASP A 112 GLN A 121 1 ? 10 
HELX_P HELX_P6 AA6 GLY A 122 ? ASP A 127 ? GLY A 122 ASP A 127 5 ? 6  
# 
_struct_conf_type.id          HELX_P 
_struct_conf_type.criteria    ? 
_struct_conf_type.reference   ? 
# 
loop_
_struct_conn.id 
_struct_conn.conn_type_id 
_struct_conn.pdbx_leaving_atom_flag 
_struct_conn.pdbx_PDB_id 
_struct_conn.ptnr1_label_asym_id 
_struct_conn.ptnr1_label_comp_id 
_struct_conn.ptnr1_label_seq_id 
_struct_conn.ptnr1_label_atom_id 
_struct_conn.pdbx_ptnr1_label_alt_id 
_struct_conn.pdbx_ptnr1_PDB_ins_code 
_struct_conn.pdbx_ptnr1_standard_comp_id 
_struct_conn.ptnr1_symmetry 
_struct_conn.ptnr2_label_asym_id 
_struct_conn.ptnr2_label_comp_id 
_struct_conn.ptnr2_label_seq_id 
_struct_conn.ptnr2_label_atom_id 
_struct_conn.pdbx_ptnr2_label_alt_id 
_struct_conn.pdbx_ptnr2_PDB_ins_code 
_struct_conn.ptnr1_auth_asym_id 
_struct_conn.ptnr1_auth_comp_id 
_struct_conn.ptnr1_auth_seq_id 
_struct_conn.ptnr2_auth_asym_id 
_struct_conn.ptnr2_auth_comp_id 
_struct_conn.ptnr2_auth_seq_id 
_struct_conn.ptnr2_symmetry 
_struct_conn.pdbx_ptnr3_label_atom_id 
_struct_conn.pdbx_ptnr3_label_seq_id 
_struct_conn.pdbx_ptnr3_label_comp_id 
_struct_conn.pdbx_ptnr3_label_asym_id 
_struct_conn.pdbx_ptnr3_label_alt_id 
_struct_conn.pdbx_ptnr3_PDB_ins_code 
_struct_conn.details 
_struct_conn.pdbx_dist_value 
_struct_conn.pdbx_value_order 
_struct_conn.pdbx_role 
covale1 covale none ? A CYS 116 SG  ? ? ? 1_555 B HEC . CAB ? ? A CYS 116 A HEC 201 1_555 ? ? ? ? ? ? ? 1.766 ? ? 
covale2 covale none ? A CYS 119 SG  ? ? ? 1_555 B HEC . CAC ? ? A CYS 119 A HEC 201 1_555 ? ? ? ? ? ? ? 1.776 ? ? 
metalc1 metalc ?    ? A HIS 120 NE2 ? ? ? 1_555 B HEC . FE  ? ? A HIS 120 A HEC 201 1_555 ? ? ? ? ? ? ? 2.187 ? ? 
# 
loop_
_struct_conn_type.id 
_struct_conn_type.criteria 
_struct_conn_type.reference 
covale ? ? 
metalc ? ? 
# 
loop_
_pdbx_struct_conn_angle.id 
_pdbx_struct_conn_angle.ptnr1_label_atom_id 
_pdbx_struct_conn_angle.ptnr1_label_alt_id 
_pdbx_struct_conn_angle.ptnr1_label_asym_id 
_pdbx_struct_conn_angle.ptnr1_label_comp_id 
_pdbx_struct_conn_angle.ptnr1_label_seq_id 
_pdbx_struct_conn_angle.ptnr1_auth_atom_id 
_pdbx_struct_conn_angle.ptnr1_auth_asym_id 
_pdbx_struct_conn_angle.ptnr1_auth_comp_id 
_pdbx_struct_conn_angle.ptnr1_auth_seq_id 
_pdbx_struct_conn_angle.ptnr1_PDB_ins_code 
_pdbx_struct_conn_angle.ptnr1_symmetry 
_pdbx_struct_conn_angle.ptnr2_label_atom_id 
_pdbx_struct_conn_angle.ptnr2_label_alt_id 
_pdbx_struct_conn_angle.ptnr2_label_asym_id 
_pdbx_struct_conn_angle.ptnr2_label_comp_id 
_pdbx_struct_conn_angle.ptnr2_label_seq_id 
_pdbx_struct_conn_angle.ptnr2_auth_atom_id 
_pdbx_struct_conn_angle.ptnr2_auth_asym_id 
_pdbx_struct_conn_angle.ptnr2_auth_comp_id 
_pdbx_struct_conn_angle.ptnr2_auth_seq_id 
_pdbx_struct_conn_angle.ptnr2_PDB_ins_code 
_pdbx_struct_conn_angle.ptnr2_symmetry 
_pdbx_struct_conn_angle.ptnr3_label_atom_id 
_pdbx_struct_conn_angle.ptnr3_label_alt_id 
_pdbx_struct_conn_angle.ptnr3_label_asym_id 
_pdbx_struct_conn_angle.ptnr3_label_comp_id 
_pdbx_struct_conn_angle.ptnr3_label_seq_id 
_pdbx_struct_conn_angle.ptnr3_auth_atom_id 
_pdbx_struct_conn_angle.ptnr3_auth_asym_id 
_pdbx_struct_conn_angle.ptnr3_auth_comp_id 
_pdbx_struct_conn_angle.ptnr3_auth_seq_id 
_pdbx_struct_conn_angle.ptnr3_PDB_ins_code 
_pdbx_struct_conn_angle.ptnr3_symmetry 
_pdbx_struct_conn_angle.value 
_pdbx_struct_conn_angle.value_esd 
1  NE2 ? A HIS 120 ? A HIS 120 ? 1_555 FE ? B HEC . ? A HEC 201 ? 1_555 NA ? B HEC . ? A HEC 201 ? 1_555 93.0  ? 
2  NE2 ? A HIS 120 ? A HIS 120 ? 1_555 FE ? B HEC . ? A HEC 201 ? 1_555 NB ? B HEC . ? A HEC 201 ? 1_555 93.8  ? 
3  NA  ? B HEC .   ? A HEC 201 ? 1_555 FE ? B HEC . ? A HEC 201 ? 1_555 NB ? B HEC . ? A HEC 201 ? 1_555 89.2  ? 
4  NE2 ? A HIS 120 ? A HIS 120 ? 1_555 FE ? B HEC . ? A HEC 201 ? 1_555 NC ? B HEC . ? A HEC 201 ? 1_555 99.1  ? 
5  NA  ? B HEC .   ? A HEC 201 ? 1_555 FE ? B HEC . ? A HEC 201 ? 1_555 NC ? B HEC . ? A HEC 201 ? 1_555 168.0 ? 
6  NB  ? B HEC .   ? A HEC 201 ? 1_555 FE ? B HEC . ? A HEC 201 ? 1_555 NC ? B HEC . ? A HEC 201 ? 1_555 90.3  ? 
7  NE2 ? A HIS 120 ? A HIS 120 ? 1_555 FE ? B HEC . ? A HEC 201 ? 1_555 ND ? B HEC . ? A HEC 201 ? 1_555 95.0  ? 
8  NA  ? B HEC .   ? A HEC 201 ? 1_555 FE ? B HEC . ? A HEC 201 ? 1_555 ND ? B HEC . ? A HEC 201 ? 1_555 89.1  ? 
9  NB  ? B HEC .   ? A HEC 201 ? 1_555 FE ? B HEC . ? A HEC 201 ? 1_555 ND ? B HEC . ? A HEC 201 ? 1_555 171.2 ? 
10 NC  ? B HEC .   ? A HEC 201 ? 1_555 FE ? B HEC . ? A HEC 201 ? 1_555 ND ? B HEC . ? A HEC 201 ? 1_555 89.6  ? 
# 
loop_
_pdbx_modification_feature.ordinal 
_pdbx_modification_feature.label_comp_id 
_pdbx_modification_feature.label_asym_id 
_pdbx_modification_feature.label_seq_id 
_pdbx_modification_feature.label_alt_id 
_pdbx_modification_feature.modified_residue_label_comp_id 
_pdbx_modification_feature.modified_residue_label_asym_id 
_pdbx_modification_feature.modified_residue_label_seq_id 
_pdbx_modification_feature.modified_residue_label_alt_id 
_pdbx_modification_feature.auth_comp_id 
_pdbx_modification_feature.auth_asym_id 
_pdbx_modification_feature.auth_seq_id 
_pdbx_modification_feature.PDB_ins_code 
_pdbx_modification_feature.symmetry 
_pdbx_modification_feature.modified_residue_auth_comp_id 
_pdbx_modification_feature.modified_residue_auth_asym_id 
_pdbx_modification_feature.modified_residue_auth_seq_id 
_pdbx_modification_feature.modified_residue_PDB_ins_code 
_pdbx_modification_feature.modified_residue_symmetry 
_pdbx_modification_feature.comp_id_linking_atom 
_pdbx_modification_feature.modified_residue_id_linking_atom 
_pdbx_modification_feature.modified_residue_id 
_pdbx_modification_feature.ref_pcm_id 
_pdbx_modification_feature.ref_comp_id 
_pdbx_modification_feature.type 
_pdbx_modification_feature.category 
1 HEC B . ? CYS A 116 ? HEC A 201 ? 1_555 CYS A 116 ? 1_555 CAB SG CYS 2 HEC None Heme/heme-like 
2 HEC B . ? CYS A 119 ? HEC A 201 ? 1_555 CYS A 119 ? 1_555 CAC SG CYS 3 HEC None Heme/heme-like 
# 
_struct_sheet.id               AA1 
_struct_sheet.type             ? 
_struct_sheet.number_strands   5 
_struct_sheet.details          ? 
# 
loop_
_struct_sheet_order.sheet_id 
_struct_sheet_order.range_id_1 
_struct_sheet_order.range_id_2 
_struct_sheet_order.offset 
_struct_sheet_order.sense 
AA1 1 2 ? anti-parallel 
AA1 2 3 ? anti-parallel 
AA1 3 4 ? anti-parallel 
AA1 4 5 ? anti-parallel 
# 
loop_
_struct_sheet_range.sheet_id 
_struct_sheet_range.id 
_struct_sheet_range.beg_label_comp_id 
_struct_sheet_range.beg_label_asym_id 
_struct_sheet_range.beg_label_seq_id 
_struct_sheet_range.pdbx_beg_PDB_ins_code 
_struct_sheet_range.end_label_comp_id 
_struct_sheet_range.end_label_asym_id 
_struct_sheet_range.end_label_seq_id 
_struct_sheet_range.pdbx_end_PDB_ins_code 
_struct_sheet_range.beg_auth_comp_id 
_struct_sheet_range.beg_auth_asym_id 
_struct_sheet_range.beg_auth_seq_id 
_struct_sheet_range.end_auth_comp_id 
_struct_sheet_range.end_auth_asym_id 
_struct_sheet_range.end_auth_seq_id 
AA1 1 THR A 12 ? LEU A 19  ? THR A 12 LEU A 19  
AA1 2 GLY A 31 ? VAL A 37  ? GLY A 31 VAL A 37  
AA1 3 VAL A 58 ? VAL A 68  ? VAL A 58 VAL A 68  
AA1 4 LEU A 73 ? LYS A 86  ? LEU A 73 LYS A 86  
AA1 5 TRP A 97 ? PHE A 102 ? TRP A 97 PHE A 102 
# 
loop_
_pdbx_struct_sheet_hbond.sheet_id 
_pdbx_struct_sheet_hbond.range_id_1 
_pdbx_struct_sheet_hbond.range_id_2 
_pdbx_struct_sheet_hbond.range_1_label_atom_id 
_pdbx_struct_sheet_hbond.range_1_label_comp_id 
_pdbx_struct_sheet_hbond.range_1_label_asym_id 
_pdbx_struct_sheet_hbond.range_1_label_seq_id 
_pdbx_struct_sheet_hbond.range_1_PDB_ins_code 
_pdbx_struct_sheet_hbond.range_1_auth_atom_id 
_pdbx_struct_sheet_hbond.range_1_auth_comp_id 
_pdbx_struct_sheet_hbond.range_1_auth_asym_id 
_pdbx_struct_sheet_hbond.range_1_auth_seq_id 
_pdbx_struct_sheet_hbond.range_2_label_atom_id 
_pdbx_struct_sheet_hbond.range_2_label_comp_id 
_pdbx_struct_sheet_hbond.range_2_label_asym_id 
_pdbx_struct_sheet_hbond.range_2_label_seq_id 
_pdbx_struct_sheet_hbond.range_2_PDB_ins_code 
_pdbx_struct_sheet_hbond.range_2_auth_atom_id 
_pdbx_struct_sheet_hbond.range_2_auth_comp_id 
_pdbx_struct_sheet_hbond.range_2_auth_asym_id 
_pdbx_struct_sheet_hbond.range_2_auth_seq_id 
AA1 1 2 N VAL A 14 ? N VAL A 14 O ILE A 35 ? O ILE A 35 
AA1 2 3 N LEU A 32 ? N LEU A 32 O LEU A 64 ? O LEU A 64 
AA1 3 4 N LYS A 67 ? N LYS A 67 O LEU A 74 ? O LEU A 74 
AA1 4 5 N ALA A 85 ? N ALA A 85 O GLY A 98 ? O GLY A 98 
# 
_pdbx_entry_details.entry_id                   7EAD 
_pdbx_entry_details.has_ligand_of_interest     Y 
_pdbx_entry_details.compound_details           ? 
_pdbx_entry_details.source_details             ? 
_pdbx_entry_details.nonpolymer_details         ? 
_pdbx_entry_details.sequence_details           ? 
_pdbx_entry_details.has_protein_modification   Y 
# 
_pdbx_struct_special_symmetry.id              1 
_pdbx_struct_special_symmetry.PDB_model_num   1 
_pdbx_struct_special_symmetry.auth_asym_id    A 
_pdbx_struct_special_symmetry.auth_comp_id    HOH 
_pdbx_struct_special_symmetry.auth_seq_id     365 
_pdbx_struct_special_symmetry.PDB_ins_code    ? 
_pdbx_struct_special_symmetry.label_asym_id   C 
_pdbx_struct_special_symmetry.label_comp_id   HOH 
_pdbx_struct_special_symmetry.label_seq_id    . 
# 
loop_
_chem_comp_atom.comp_id 
_chem_comp_atom.atom_id 
_chem_comp_atom.type_symbol 
_chem_comp_atom.pdbx_aromatic_flag 
_chem_comp_atom.pdbx_stereo_config 
_chem_comp_atom.pdbx_ordinal 
ALA N    N  N N 1   
ALA CA   C  N S 2   
ALA C    C  N N 3   
ALA O    O  N N 4   
ALA CB   C  N N 5   
ALA OXT  O  N N 6   
ALA H    H  N N 7   
ALA H2   H  N N 8   
ALA HA   H  N N 9   
ALA HB1  H  N N 10  
ALA HB2  H  N N 11  
ALA HB3  H  N N 12  
ALA HXT  H  N N 13  
ARG N    N  N N 14  
ARG CA   C  N S 15  
ARG C    C  N N 16  
ARG O    O  N N 17  
ARG CB   C  N N 18  
ARG CG   C  N N 19  
ARG CD   C  N N 20  
ARG NE   N  N N 21  
ARG CZ   C  N N 22  
ARG NH1  N  N N 23  
ARG NH2  N  N N 24  
ARG OXT  O  N N 25  
ARG H    H  N N 26  
ARG H2   H  N N 27  
ARG HA   H  N N 28  
ARG HB2  H  N N 29  
ARG HB3  H  N N 30  
ARG HG2  H  N N 31  
ARG HG3  H  N N 32  
ARG HD2  H  N N 33  
ARG HD3  H  N N 34  
ARG HE   H  N N 35  
ARG HH11 H  N N 36  
ARG HH12 H  N N 37  
ARG HH21 H  N N 38  
ARG HH22 H  N N 39  
ARG HXT  H  N N 40  
ASN N    N  N N 41  
ASN CA   C  N S 42  
ASN C    C  N N 43  
ASN O    O  N N 44  
ASN CB   C  N N 45  
ASN CG   C  N N 46  
ASN OD1  O  N N 47  
ASN ND2  N  N N 48  
ASN OXT  O  N N 49  
ASN H    H  N N 50  
ASN H2   H  N N 51  
ASN HA   H  N N 52  
ASN HB2  H  N N 53  
ASN HB3  H  N N 54  
ASN HD21 H  N N 55  
ASN HD22 H  N N 56  
ASN HXT  H  N N 57  
ASP N    N  N N 58  
ASP CA   C  N S 59  
ASP C    C  N N 60  
ASP O    O  N N 61  
ASP CB   C  N N 62  
ASP CG   C  N N 63  
ASP OD1  O  N N 64  
ASP OD2  O  N N 65  
ASP OXT  O  N N 66  
ASP H    H  N N 67  
ASP H2   H  N N 68  
ASP HA   H  N N 69  
ASP HB2  H  N N 70  
ASP HB3  H  N N 71  
ASP HD2  H  N N 72  
ASP HXT  H  N N 73  
CYS N    N  N N 74  
CYS CA   C  N R 75  
CYS C    C  N N 76  
CYS O    O  N N 77  
CYS CB   C  N N 78  
CYS SG   S  N N 79  
CYS OXT  O  N N 80  
CYS H    H  N N 81  
CYS H2   H  N N 82  
CYS HA   H  N N 83  
CYS HB2  H  N N 84  
CYS HB3  H  N N 85  
CYS HG   H  N N 86  
CYS HXT  H  N N 87  
GLN N    N  N N 88  
GLN CA   C  N S 89  
GLN C    C  N N 90  
GLN O    O  N N 91  
GLN CB   C  N N 92  
GLN CG   C  N N 93  
GLN CD   C  N N 94  
GLN OE1  O  N N 95  
GLN NE2  N  N N 96  
GLN OXT  O  N N 97  
GLN H    H  N N 98  
GLN H2   H  N N 99  
GLN HA   H  N N 100 
GLN HB2  H  N N 101 
GLN HB3  H  N N 102 
GLN HG2  H  N N 103 
GLN HG3  H  N N 104 
GLN HE21 H  N N 105 
GLN HE22 H  N N 106 
GLN HXT  H  N N 107 
GLU N    N  N N 108 
GLU CA   C  N S 109 
GLU C    C  N N 110 
GLU O    O  N N 111 
GLU CB   C  N N 112 
GLU CG   C  N N 113 
GLU CD   C  N N 114 
GLU OE1  O  N N 115 
GLU OE2  O  N N 116 
GLU OXT  O  N N 117 
GLU H    H  N N 118 
GLU H2   H  N N 119 
GLU HA   H  N N 120 
GLU HB2  H  N N 121 
GLU HB3  H  N N 122 
GLU HG2  H  N N 123 
GLU HG3  H  N N 124 
GLU HE2  H  N N 125 
GLU HXT  H  N N 126 
GLY N    N  N N 127 
GLY CA   C  N N 128 
GLY C    C  N N 129 
GLY O    O  N N 130 
GLY OXT  O  N N 131 
GLY H    H  N N 132 
GLY H2   H  N N 133 
GLY HA2  H  N N 134 
GLY HA3  H  N N 135 
GLY HXT  H  N N 136 
HEC FE   FE N N 137 
HEC CHA  C  N N 138 
HEC CHB  C  N N 139 
HEC CHC  C  N N 140 
HEC CHD  C  N N 141 
HEC NA   N  Y N 142 
HEC C1A  C  Y N 143 
HEC C2A  C  Y N 144 
HEC C3A  C  Y N 145 
HEC C4A  C  Y N 146 
HEC CMA  C  N N 147 
HEC CAA  C  N N 148 
HEC CBA  C  N N 149 
HEC CGA  C  N N 150 
HEC O1A  O  N N 151 
HEC O2A  O  N N 152 
HEC NB   N  Y N 153 
HEC C1B  C  Y N 154 
HEC C2B  C  Y N 155 
HEC C3B  C  Y N 156 
HEC C4B  C  Y N 157 
HEC CMB  C  N N 158 
HEC CAB  C  N N 159 
HEC CBB  C  N N 160 
HEC NC   N  Y N 161 
HEC C1C  C  Y N 162 
HEC C2C  C  Y N 163 
HEC C3C  C  Y N 164 
HEC C4C  C  Y N 165 
HEC CMC  C  N N 166 
HEC CAC  C  N N 167 
HEC CBC  C  N N 168 
HEC ND   N  Y N 169 
HEC C1D  C  Y N 170 
HEC C2D  C  Y N 171 
HEC C3D  C  Y N 172 
HEC C4D  C  Y N 173 
HEC CMD  C  N N 174 
HEC CAD  C  N N 175 
HEC CBD  C  N N 176 
HEC CGD  C  N N 177 
HEC O1D  O  N N 178 
HEC O2D  O  N N 179 
HEC HHA  H  N N 180 
HEC HHB  H  N N 181 
HEC HHC  H  N N 182 
HEC HHD  H  N N 183 
HEC HMA1 H  N N 184 
HEC HMA2 H  N N 185 
HEC HMA3 H  N N 186 
HEC HAA1 H  N N 187 
HEC HAA2 H  N N 188 
HEC HBA1 H  N N 189 
HEC HBA2 H  N N 190 
HEC H2A  H  N N 191 
HEC HMB1 H  N N 192 
HEC HMB2 H  N N 193 
HEC HMB3 H  N N 194 
HEC HAB  H  N N 195 
HEC HBB1 H  N N 196 
HEC HBB2 H  N N 197 
HEC HBB3 H  N N 198 
HEC HMC1 H  N N 199 
HEC HMC2 H  N N 200 
HEC HMC3 H  N N 201 
HEC HAC  H  N N 202 
HEC HBC1 H  N N 203 
HEC HBC2 H  N N 204 
HEC HBC3 H  N N 205 
HEC HMD1 H  N N 206 
HEC HMD2 H  N N 207 
HEC HMD3 H  N N 208 
HEC HAD1 H  N N 209 
HEC HAD2 H  N N 210 
HEC HBD1 H  N N 211 
HEC HBD2 H  N N 212 
HEC H2D  H  N N 213 
HIS N    N  N N 214 
HIS CA   C  N S 215 
HIS C    C  N N 216 
HIS O    O  N N 217 
HIS CB   C  N N 218 
HIS CG   C  Y N 219 
HIS ND1  N  Y N 220 
HIS CD2  C  Y N 221 
HIS CE1  C  Y N 222 
HIS NE2  N  Y N 223 
HIS OXT  O  N N 224 
HIS H    H  N N 225 
HIS H2   H  N N 226 
HIS HA   H  N N 227 
HIS HB2  H  N N 228 
HIS HB3  H  N N 229 
HIS HD1  H  N N 230 
HIS HD2  H  N N 231 
HIS HE1  H  N N 232 
HIS HE2  H  N N 233 
HIS HXT  H  N N 234 
HOH O    O  N N 235 
HOH H1   H  N N 236 
HOH H2   H  N N 237 
ILE N    N  N N 238 
ILE CA   C  N S 239 
ILE C    C  N N 240 
ILE O    O  N N 241 
ILE CB   C  N S 242 
ILE CG1  C  N N 243 
ILE CG2  C  N N 244 
ILE CD1  C  N N 245 
ILE OXT  O  N N 246 
ILE H    H  N N 247 
ILE H2   H  N N 248 
ILE HA   H  N N 249 
ILE HB   H  N N 250 
ILE HG12 H  N N 251 
ILE HG13 H  N N 252 
ILE HG21 H  N N 253 
ILE HG22 H  N N 254 
ILE HG23 H  N N 255 
ILE HD11 H  N N 256 
ILE HD12 H  N N 257 
ILE HD13 H  N N 258 
ILE HXT  H  N N 259 
LEU N    N  N N 260 
LEU CA   C  N S 261 
LEU C    C  N N 262 
LEU O    O  N N 263 
LEU CB   C  N N 264 
LEU CG   C  N N 265 
LEU CD1  C  N N 266 
LEU CD2  C  N N 267 
LEU OXT  O  N N 268 
LEU H    H  N N 269 
LEU H2   H  N N 270 
LEU HA   H  N N 271 
LEU HB2  H  N N 272 
LEU HB3  H  N N 273 
LEU HG   H  N N 274 
LEU HD11 H  N N 275 
LEU HD12 H  N N 276 
LEU HD13 H  N N 277 
LEU HD21 H  N N 278 
LEU HD22 H  N N 279 
LEU HD23 H  N N 280 
LEU HXT  H  N N 281 
LYS N    N  N N 282 
LYS CA   C  N S 283 
LYS C    C  N N 284 
LYS O    O  N N 285 
LYS CB   C  N N 286 
LYS CG   C  N N 287 
LYS CD   C  N N 288 
LYS CE   C  N N 289 
LYS NZ   N  N N 290 
LYS OXT  O  N N 291 
LYS H    H  N N 292 
LYS H2   H  N N 293 
LYS HA   H  N N 294 
LYS HB2  H  N N 295 
LYS HB3  H  N N 296 
LYS HG2  H  N N 297 
LYS HG3  H  N N 298 
LYS HD2  H  N N 299 
LYS HD3  H  N N 300 
LYS HE2  H  N N 301 
LYS HE3  H  N N 302 
LYS HZ1  H  N N 303 
LYS HZ2  H  N N 304 
LYS HZ3  H  N N 305 
LYS HXT  H  N N 306 
MET N    N  N N 307 
MET CA   C  N S 308 
MET C    C  N N 309 
MET O    O  N N 310 
MET CB   C  N N 311 
MET CG   C  N N 312 
MET SD   S  N N 313 
MET CE   C  N N 314 
MET OXT  O  N N 315 
MET H    H  N N 316 
MET H2   H  N N 317 
MET HA   H  N N 318 
MET HB2  H  N N 319 
MET HB3  H  N N 320 
MET HG2  H  N N 321 
MET HG3  H  N N 322 
MET HE1  H  N N 323 
MET HE2  H  N N 324 
MET HE3  H  N N 325 
MET HXT  H  N N 326 
PHE N    N  N N 327 
PHE CA   C  N S 328 
PHE C    C  N N 329 
PHE O    O  N N 330 
PHE CB   C  N N 331 
PHE CG   C  Y N 332 
PHE CD1  C  Y N 333 
PHE CD2  C  Y N 334 
PHE CE1  C  Y N 335 
PHE CE2  C  Y N 336 
PHE CZ   C  Y N 337 
PHE OXT  O  N N 338 
PHE H    H  N N 339 
PHE H2   H  N N 340 
PHE HA   H  N N 341 
PHE HB2  H  N N 342 
PHE HB3  H  N N 343 
PHE HD1  H  N N 344 
PHE HD2  H  N N 345 
PHE HE1  H  N N 346 
PHE HE2  H  N N 347 
PHE HZ   H  N N 348 
PHE HXT  H  N N 349 
PRO N    N  N N 350 
PRO CA   C  N S 351 
PRO C    C  N N 352 
PRO O    O  N N 353 
PRO CB   C  N N 354 
PRO CG   C  N N 355 
PRO CD   C  N N 356 
PRO OXT  O  N N 357 
PRO H    H  N N 358 
PRO HA   H  N N 359 
PRO HB2  H  N N 360 
PRO HB3  H  N N 361 
PRO HG2  H  N N 362 
PRO HG3  H  N N 363 
PRO HD2  H  N N 364 
PRO HD3  H  N N 365 
PRO HXT  H  N N 366 
SER N    N  N N 367 
SER CA   C  N S 368 
SER C    C  N N 369 
SER O    O  N N 370 
SER CB   C  N N 371 
SER OG   O  N N 372 
SER OXT  O  N N 373 
SER H    H  N N 374 
SER H2   H  N N 375 
SER HA   H  N N 376 
SER HB2  H  N N 377 
SER HB3  H  N N 378 
SER HG   H  N N 379 
SER HXT  H  N N 380 
THR N    N  N N 381 
THR CA   C  N S 382 
THR C    C  N N 383 
THR O    O  N N 384 
THR CB   C  N R 385 
THR OG1  O  N N 386 
THR CG2  C  N N 387 
THR OXT  O  N N 388 
THR H    H  N N 389 
THR H2   H  N N 390 
THR HA   H  N N 391 
THR HB   H  N N 392 
THR HG1  H  N N 393 
THR HG21 H  N N 394 
THR HG22 H  N N 395 
THR HG23 H  N N 396 
THR HXT  H  N N 397 
TRP N    N  N N 398 
TRP CA   C  N S 399 
TRP C    C  N N 400 
TRP O    O  N N 401 
TRP CB   C  N N 402 
TRP CG   C  Y N 403 
TRP CD1  C  Y N 404 
TRP CD2  C  Y N 405 
TRP NE1  N  Y N 406 
TRP CE2  C  Y N 407 
TRP CE3  C  Y N 408 
TRP CZ2  C  Y N 409 
TRP CZ3  C  Y N 410 
TRP CH2  C  Y N 411 
TRP OXT  O  N N 412 
TRP H    H  N N 413 
TRP H2   H  N N 414 
TRP HA   H  N N 415 
TRP HB2  H  N N 416 
TRP HB3  H  N N 417 
TRP HD1  H  N N 418 
TRP HE1  H  N N 419 
TRP HE3  H  N N 420 
TRP HZ2  H  N N 421 
TRP HZ3  H  N N 422 
TRP HH2  H  N N 423 
TRP HXT  H  N N 424 
TYR N    N  N N 425 
TYR CA   C  N S 426 
TYR C    C  N N 427 
TYR O    O  N N 428 
TYR CB   C  N N 429 
TYR CG   C  Y N 430 
TYR CD1  C  Y N 431 
TYR CD2  C  Y N 432 
TYR CE1  C  Y N 433 
TYR CE2  C  Y N 434 
TYR CZ   C  Y N 435 
TYR OH   O  N N 436 
TYR OXT  O  N N 437 
TYR H    H  N N 438 
TYR H2   H  N N 439 
TYR HA   H  N N 440 
TYR HB2  H  N N 441 
TYR HB3  H  N N 442 
TYR HD1  H  N N 443 
TYR HD2  H  N N 444 
TYR HE1  H  N N 445 
TYR HE2  H  N N 446 
TYR HH   H  N N 447 
TYR HXT  H  N N 448 
VAL N    N  N N 449 
VAL CA   C  N S 450 
VAL C    C  N N 451 
VAL O    O  N N 452 
VAL CB   C  N N 453 
VAL CG1  C  N N 454 
VAL CG2  C  N N 455 
VAL OXT  O  N N 456 
VAL H    H  N N 457 
VAL H2   H  N N 458 
VAL HA   H  N N 459 
VAL HB   H  N N 460 
VAL HG11 H  N N 461 
VAL HG12 H  N N 462 
VAL HG13 H  N N 463 
VAL HG21 H  N N 464 
VAL HG22 H  N N 465 
VAL HG23 H  N N 466 
VAL HXT  H  N N 467 
# 
loop_
_chem_comp_bond.comp_id 
_chem_comp_bond.atom_id_1 
_chem_comp_bond.atom_id_2 
_chem_comp_bond.value_order 
_chem_comp_bond.pdbx_aromatic_flag 
_chem_comp_bond.pdbx_stereo_config 
_chem_comp_bond.pdbx_ordinal 
ALA N   CA   sing N N 1   
ALA N   H    sing N N 2   
ALA N   H2   sing N N 3   
ALA CA  C    sing N N 4   
ALA CA  CB   sing N N 5   
ALA CA  HA   sing N N 6   
ALA C   O    doub N N 7   
ALA C   OXT  sing N N 8   
ALA CB  HB1  sing N N 9   
ALA CB  HB2  sing N N 10  
ALA CB  HB3  sing N N 11  
ALA OXT HXT  sing N N 12  
ARG N   CA   sing N N 13  
ARG N   H    sing N N 14  
ARG N   H2   sing N N 15  
ARG CA  C    sing N N 16  
ARG CA  CB   sing N N 17  
ARG CA  HA   sing N N 18  
ARG C   O    doub N N 19  
ARG C   OXT  sing N N 20  
ARG CB  CG   sing N N 21  
ARG CB  HB2  sing N N 22  
ARG CB  HB3  sing N N 23  
ARG CG  CD   sing N N 24  
ARG CG  HG2  sing N N 25  
ARG CG  HG3  sing N N 26  
ARG CD  NE   sing N N 27  
ARG CD  HD2  sing N N 28  
ARG CD  HD3  sing N N 29  
ARG NE  CZ   sing N N 30  
ARG NE  HE   sing N N 31  
ARG CZ  NH1  sing N N 32  
ARG CZ  NH2  doub N N 33  
ARG NH1 HH11 sing N N 34  
ARG NH1 HH12 sing N N 35  
ARG NH2 HH21 sing N N 36  
ARG NH2 HH22 sing N N 37  
ARG OXT HXT  sing N N 38  
ASN N   CA   sing N N 39  
ASN N   H    sing N N 40  
ASN N   H2   sing N N 41  
ASN CA  C    sing N N 42  
ASN CA  CB   sing N N 43  
ASN CA  HA   sing N N 44  
ASN C   O    doub N N 45  
ASN C   OXT  sing N N 46  
ASN CB  CG   sing N N 47  
ASN CB  HB2  sing N N 48  
ASN CB  HB3  sing N N 49  
ASN CG  OD1  doub N N 50  
ASN CG  ND2  sing N N 51  
ASN ND2 HD21 sing N N 52  
ASN ND2 HD22 sing N N 53  
ASN OXT HXT  sing N N 54  
ASP N   CA   sing N N 55  
ASP N   H    sing N N 56  
ASP N   H2   sing N N 57  
ASP CA  C    sing N N 58  
ASP CA  CB   sing N N 59  
ASP CA  HA   sing N N 60  
ASP C   O    doub N N 61  
ASP C   OXT  sing N N 62  
ASP CB  CG   sing N N 63  
ASP CB  HB2  sing N N 64  
ASP CB  HB3  sing N N 65  
ASP CG  OD1  doub N N 66  
ASP CG  OD2  sing N N 67  
ASP OD2 HD2  sing N N 68  
ASP OXT HXT  sing N N 69  
CYS N   CA   sing N N 70  
CYS N   H    sing N N 71  
CYS N   H2   sing N N 72  
CYS CA  C    sing N N 73  
CYS CA  CB   sing N N 74  
CYS CA  HA   sing N N 75  
CYS C   O    doub N N 76  
CYS C   OXT  sing N N 77  
CYS CB  SG   sing N N 78  
CYS CB  HB2  sing N N 79  
CYS CB  HB3  sing N N 80  
CYS SG  HG   sing N N 81  
CYS OXT HXT  sing N N 82  
GLN N   CA   sing N N 83  
GLN N   H    sing N N 84  
GLN N   H2   sing N N 85  
GLN CA  C    sing N N 86  
GLN CA  CB   sing N N 87  
GLN CA  HA   sing N N 88  
GLN C   O    doub N N 89  
GLN C   OXT  sing N N 90  
GLN CB  CG   sing N N 91  
GLN CB  HB2  sing N N 92  
GLN CB  HB3  sing N N 93  
GLN CG  CD   sing N N 94  
GLN CG  HG2  sing N N 95  
GLN CG  HG3  sing N N 96  
GLN CD  OE1  doub N N 97  
GLN CD  NE2  sing N N 98  
GLN NE2 HE21 sing N N 99  
GLN NE2 HE22 sing N N 100 
GLN OXT HXT  sing N N 101 
GLU N   CA   sing N N 102 
GLU N   H    sing N N 103 
GLU N   H2   sing N N 104 
GLU CA  C    sing N N 105 
GLU CA  CB   sing N N 106 
GLU CA  HA   sing N N 107 
GLU C   O    doub N N 108 
GLU C   OXT  sing N N 109 
GLU CB  CG   sing N N 110 
GLU CB  HB2  sing N N 111 
GLU CB  HB3  sing N N 112 
GLU CG  CD   sing N N 113 
GLU CG  HG2  sing N N 114 
GLU CG  HG3  sing N N 115 
GLU CD  OE1  doub N N 116 
GLU CD  OE2  sing N N 117 
GLU OE2 HE2  sing N N 118 
GLU OXT HXT  sing N N 119 
GLY N   CA   sing N N 120 
GLY N   H    sing N N 121 
GLY N   H2   sing N N 122 
GLY CA  C    sing N N 123 
GLY CA  HA2  sing N N 124 
GLY CA  HA3  sing N N 125 
GLY C   O    doub N N 126 
GLY C   OXT  sing N N 127 
GLY OXT HXT  sing N N 128 
HEC FE  NA   sing N N 129 
HEC FE  NB   sing N N 130 
HEC FE  NC   sing N N 131 
HEC FE  ND   sing N N 132 
HEC CHA C1A  doub N N 133 
HEC CHA C4D  sing N N 134 
HEC CHA HHA  sing N N 135 
HEC CHB C4A  doub N N 136 
HEC CHB C1B  sing N N 137 
HEC CHB HHB  sing N N 138 
HEC CHC C4B  doub N N 139 
HEC CHC C1C  sing N N 140 
HEC CHC HHC  sing N N 141 
HEC CHD C4C  doub N N 142 
HEC CHD C1D  sing N N 143 
HEC CHD HHD  sing N N 144 
HEC NA  C1A  sing Y N 145 
HEC NA  C4A  sing Y N 146 
HEC C1A C2A  sing Y N 147 
HEC C2A C3A  doub Y N 148 
HEC C2A CAA  sing N N 149 
HEC C3A C4A  sing Y N 150 
HEC C3A CMA  sing N N 151 
HEC CMA HMA1 sing N N 152 
HEC CMA HMA2 sing N N 153 
HEC CMA HMA3 sing N N 154 
HEC CAA CBA  sing N N 155 
HEC CAA HAA1 sing N N 156 
HEC CAA HAA2 sing N N 157 
HEC CBA CGA  sing N N 158 
HEC CBA HBA1 sing N N 159 
HEC CBA HBA2 sing N N 160 
HEC CGA O1A  doub N N 161 
HEC CGA O2A  sing N N 162 
HEC O2A H2A  sing N N 163 
HEC NB  C1B  sing Y N 164 
HEC NB  C4B  sing Y N 165 
HEC C1B C2B  doub Y N 166 
HEC C2B C3B  sing Y N 167 
HEC C2B CMB  sing N N 168 
HEC C3B C4B  sing Y N 169 
HEC C3B CAB  doub N E 170 
HEC CMB HMB1 sing N N 171 
HEC CMB HMB2 sing N N 172 
HEC CMB HMB3 sing N N 173 
HEC CAB CBB  sing N N 174 
HEC CAB HAB  sing N N 175 
HEC CBB HBB1 sing N N 176 
HEC CBB HBB2 sing N N 177 
HEC CBB HBB3 sing N N 178 
HEC NC  C1C  sing Y N 179 
HEC NC  C4C  sing Y N 180 
HEC C1C C2C  doub Y N 181 
HEC C2C C3C  sing Y N 182 
HEC C2C CMC  sing N N 183 
HEC C3C C4C  sing Y N 184 
HEC C3C CAC  doub N E 185 
HEC CMC HMC1 sing N N 186 
HEC CMC HMC2 sing N N 187 
HEC CMC HMC3 sing N N 188 
HEC CAC CBC  sing N N 189 
HEC CAC HAC  sing N N 190 
HEC CBC HBC1 sing N N 191 
HEC CBC HBC2 sing N N 192 
HEC CBC HBC3 sing N N 193 
HEC ND  C1D  sing Y N 194 
HEC ND  C4D  sing Y N 195 
HEC C1D C2D  doub Y N 196 
HEC C2D C3D  sing Y N 197 
HEC C2D CMD  sing N N 198 
HEC C3D C4D  doub Y N 199 
HEC C3D CAD  sing N N 200 
HEC CMD HMD1 sing N N 201 
HEC CMD HMD2 sing N N 202 
HEC CMD HMD3 sing N N 203 
HEC CAD CBD  sing N N 204 
HEC CAD HAD1 sing N N 205 
HEC CAD HAD2 sing N N 206 
HEC CBD CGD  sing N N 207 
HEC CBD HBD1 sing N N 208 
HEC CBD HBD2 sing N N 209 
HEC CGD O1D  doub N N 210 
HEC CGD O2D  sing N N 211 
HEC O2D H2D  sing N N 212 
HIS N   CA   sing N N 213 
HIS N   H    sing N N 214 
HIS N   H2   sing N N 215 
HIS CA  C    sing N N 216 
HIS CA  CB   sing N N 217 
HIS CA  HA   sing N N 218 
HIS C   O    doub N N 219 
HIS C   OXT  sing N N 220 
HIS CB  CG   sing N N 221 
HIS CB  HB2  sing N N 222 
HIS CB  HB3  sing N N 223 
HIS CG  ND1  sing Y N 224 
HIS CG  CD2  doub Y N 225 
HIS ND1 CE1  doub Y N 226 
HIS ND1 HD1  sing N N 227 
HIS CD2 NE2  sing Y N 228 
HIS CD2 HD2  sing N N 229 
HIS CE1 NE2  sing Y N 230 
HIS CE1 HE1  sing N N 231 
HIS NE2 HE2  sing N N 232 
HIS OXT HXT  sing N N 233 
HOH O   H1   sing N N 234 
HOH O   H2   sing N N 235 
ILE N   CA   sing N N 236 
ILE N   H    sing N N 237 
ILE N   H2   sing N N 238 
ILE CA  C    sing N N 239 
ILE CA  CB   sing N N 240 
ILE CA  HA   sing N N 241 
ILE C   O    doub N N 242 
ILE C   OXT  sing N N 243 
ILE CB  CG1  sing N N 244 
ILE CB  CG2  sing N N 245 
ILE CB  HB   sing N N 246 
ILE CG1 CD1  sing N N 247 
ILE CG1 HG12 sing N N 248 
ILE CG1 HG13 sing N N 249 
ILE CG2 HG21 sing N N 250 
ILE CG2 HG22 sing N N 251 
ILE CG2 HG23 sing N N 252 
ILE CD1 HD11 sing N N 253 
ILE CD1 HD12 sing N N 254 
ILE CD1 HD13 sing N N 255 
ILE OXT HXT  sing N N 256 
LEU N   CA   sing N N 257 
LEU N   H    sing N N 258 
LEU N   H2   sing N N 259 
LEU CA  C    sing N N 260 
LEU CA  CB   sing N N 261 
LEU CA  HA   sing N N 262 
LEU C   O    doub N N 263 
LEU C   OXT  sing N N 264 
LEU CB  CG   sing N N 265 
LEU CB  HB2  sing N N 266 
LEU CB  HB3  sing N N 267 
LEU CG  CD1  sing N N 268 
LEU CG  CD2  sing N N 269 
LEU CG  HG   sing N N 270 
LEU CD1 HD11 sing N N 271 
LEU CD1 HD12 sing N N 272 
LEU CD1 HD13 sing N N 273 
LEU CD2 HD21 sing N N 274 
LEU CD2 HD22 sing N N 275 
LEU CD2 HD23 sing N N 276 
LEU OXT HXT  sing N N 277 
LYS N   CA   sing N N 278 
LYS N   H    sing N N 279 
LYS N   H2   sing N N 280 
LYS CA  C    sing N N 281 
LYS CA  CB   sing N N 282 
LYS CA  HA   sing N N 283 
LYS C   O    doub N N 284 
LYS C   OXT  sing N N 285 
LYS CB  CG   sing N N 286 
LYS CB  HB2  sing N N 287 
LYS CB  HB3  sing N N 288 
LYS CG  CD   sing N N 289 
LYS CG  HG2  sing N N 290 
LYS CG  HG3  sing N N 291 
LYS CD  CE   sing N N 292 
LYS CD  HD2  sing N N 293 
LYS CD  HD3  sing N N 294 
LYS CE  NZ   sing N N 295 
LYS CE  HE2  sing N N 296 
LYS CE  HE3  sing N N 297 
LYS NZ  HZ1  sing N N 298 
LYS NZ  HZ2  sing N N 299 
LYS NZ  HZ3  sing N N 300 
LYS OXT HXT  sing N N 301 
MET N   CA   sing N N 302 
MET N   H    sing N N 303 
MET N   H2   sing N N 304 
MET CA  C    sing N N 305 
MET CA  CB   sing N N 306 
MET CA  HA   sing N N 307 
MET C   O    doub N N 308 
MET C   OXT  sing N N 309 
MET CB  CG   sing N N 310 
MET CB  HB2  sing N N 311 
MET CB  HB3  sing N N 312 
MET CG  SD   sing N N 313 
MET CG  HG2  sing N N 314 
MET CG  HG3  sing N N 315 
MET SD  CE   sing N N 316 
MET CE  HE1  sing N N 317 
MET CE  HE2  sing N N 318 
MET CE  HE3  sing N N 319 
MET OXT HXT  sing N N 320 
PHE N   CA   sing N N 321 
PHE N   H    sing N N 322 
PHE N   H2   sing N N 323 
PHE CA  C    sing N N 324 
PHE CA  CB   sing N N 325 
PHE CA  HA   sing N N 326 
PHE C   O    doub N N 327 
PHE C   OXT  sing N N 328 
PHE CB  CG   sing N N 329 
PHE CB  HB2  sing N N 330 
PHE CB  HB3  sing N N 331 
PHE CG  CD1  doub Y N 332 
PHE CG  CD2  sing Y N 333 
PHE CD1 CE1  sing Y N 334 
PHE CD1 HD1  sing N N 335 
PHE CD2 CE2  doub Y N 336 
PHE CD2 HD2  sing N N 337 
PHE CE1 CZ   doub Y N 338 
PHE CE1 HE1  sing N N 339 
PHE CE2 CZ   sing Y N 340 
PHE CE2 HE2  sing N N 341 
PHE CZ  HZ   sing N N 342 
PHE OXT HXT  sing N N 343 
PRO N   CA   sing N N 344 
PRO N   CD   sing N N 345 
PRO N   H    sing N N 346 
PRO CA  C    sing N N 347 
PRO CA  CB   sing N N 348 
PRO CA  HA   sing N N 349 
PRO C   O    doub N N 350 
PRO C   OXT  sing N N 351 
PRO CB  CG   sing N N 352 
PRO CB  HB2  sing N N 353 
PRO CB  HB3  sing N N 354 
PRO CG  CD   sing N N 355 
PRO CG  HG2  sing N N 356 
PRO CG  HG3  sing N N 357 
PRO CD  HD2  sing N N 358 
PRO CD  HD3  sing N N 359 
PRO OXT HXT  sing N N 360 
SER N   CA   sing N N 361 
SER N   H    sing N N 362 
SER N   H2   sing N N 363 
SER CA  C    sing N N 364 
SER CA  CB   sing N N 365 
SER CA  HA   sing N N 366 
SER C   O    doub N N 367 
SER C   OXT  sing N N 368 
SER CB  OG   sing N N 369 
SER CB  HB2  sing N N 370 
SER CB  HB3  sing N N 371 
SER OG  HG   sing N N 372 
SER OXT HXT  sing N N 373 
THR N   CA   sing N N 374 
THR N   H    sing N N 375 
THR N   H2   sing N N 376 
THR CA  C    sing N N 377 
THR CA  CB   sing N N 378 
THR CA  HA   sing N N 379 
THR C   O    doub N N 380 
THR C   OXT  sing N N 381 
THR CB  OG1  sing N N 382 
THR CB  CG2  sing N N 383 
THR CB  HB   sing N N 384 
THR OG1 HG1  sing N N 385 
THR CG2 HG21 sing N N 386 
THR CG2 HG22 sing N N 387 
THR CG2 HG23 sing N N 388 
THR OXT HXT  sing N N 389 
TRP N   CA   sing N N 390 
TRP N   H    sing N N 391 
TRP N   H2   sing N N 392 
TRP CA  C    sing N N 393 
TRP CA  CB   sing N N 394 
TRP CA  HA   sing N N 395 
TRP C   O    doub N N 396 
TRP C   OXT  sing N N 397 
TRP CB  CG   sing N N 398 
TRP CB  HB2  sing N N 399 
TRP CB  HB3  sing N N 400 
TRP CG  CD1  doub Y N 401 
TRP CG  CD2  sing Y N 402 
TRP CD1 NE1  sing Y N 403 
TRP CD1 HD1  sing N N 404 
TRP CD2 CE2  doub Y N 405 
TRP CD2 CE3  sing Y N 406 
TRP NE1 CE2  sing Y N 407 
TRP NE1 HE1  sing N N 408 
TRP CE2 CZ2  sing Y N 409 
TRP CE3 CZ3  doub Y N 410 
TRP CE3 HE3  sing N N 411 
TRP CZ2 CH2  doub Y N 412 
TRP CZ2 HZ2  sing N N 413 
TRP CZ3 CH2  sing Y N 414 
TRP CZ3 HZ3  sing N N 415 
TRP CH2 HH2  sing N N 416 
TRP OXT HXT  sing N N 417 
TYR N   CA   sing N N 418 
TYR N   H    sing N N 419 
TYR N   H2   sing N N 420 
TYR CA  C    sing N N 421 
TYR CA  CB   sing N N 422 
TYR CA  HA   sing N N 423 
TYR C   O    doub N N 424 
TYR C   OXT  sing N N 425 
TYR CB  CG   sing N N 426 
TYR CB  HB2  sing N N 427 
TYR CB  HB3  sing N N 428 
TYR CG  CD1  doub Y N 429 
TYR CG  CD2  sing Y N 430 
TYR CD1 CE1  sing Y N 431 
TYR CD1 HD1  sing N N 432 
TYR CD2 CE2  doub Y N 433 
TYR CD2 HD2  sing N N 434 
TYR CE1 CZ   doub Y N 435 
TYR CE1 HE1  sing N N 436 
TYR CE2 CZ   sing Y N 437 
TYR CE2 HE2  sing N N 438 
TYR CZ  OH   sing N N 439 
TYR OH  HH   sing N N 440 
TYR OXT HXT  sing N N 441 
VAL N   CA   sing N N 442 
VAL N   H    sing N N 443 
VAL N   H2   sing N N 444 
VAL CA  C    sing N N 445 
VAL CA  CB   sing N N 446 
VAL CA  HA   sing N N 447 
VAL C   O    doub N N 448 
VAL C   OXT  sing N N 449 
VAL CB  CG1  sing N N 450 
VAL CB  CG2  sing N N 451 
VAL CB  HB   sing N N 452 
VAL CG1 HG11 sing N N 453 
VAL CG1 HG12 sing N N 454 
VAL CG1 HG13 sing N N 455 
VAL CG2 HG21 sing N N 456 
VAL CG2 HG22 sing N N 457 
VAL CG2 HG23 sing N N 458 
VAL OXT HXT  sing N N 459 
# 
loop_
_pdbx_audit_support.funding_organization 
_pdbx_audit_support.country 
_pdbx_audit_support.grant_number 
_pdbx_audit_support.ordinal 
'Ministry of Education, Culture, Sports, Science and Technology (Japan)' Japan 26240045   1 
'Ministry of Education, Culture, Sports, Science and Technology (Japan)' Japan 16K07692   2 
'Ministry of Education, Culture, Sports, Science and Technology (Japan)' Japan 1617PD0536 3 
# 
_pdbx_initial_refinement_model.id               1 
_pdbx_initial_refinement_model.entity_id_list   ? 
_pdbx_initial_refinement_model.type             'experimental model' 
_pdbx_initial_refinement_model.source_name      PDB 
_pdbx_initial_refinement_model.accession_code   6HIH 
_pdbx_initial_refinement_model.details          ? 
# 
_atom_sites.entry_id                    7EAD 
_atom_sites.Cartn_transf_matrix[1][1]   ? 
_atom_sites.Cartn_transf_matrix[1][2]   ? 
_atom_sites.Cartn_transf_matrix[1][3]   ? 
_atom_sites.Cartn_transf_matrix[2][1]   ? 
_atom_sites.Cartn_transf_matrix[2][2]   ? 
_atom_sites.Cartn_transf_matrix[2][3]   ? 
_atom_sites.Cartn_transf_matrix[3][1]   ? 
_atom_sites.Cartn_transf_matrix[3][2]   ? 
_atom_sites.Cartn_transf_matrix[3][3]   ? 
_atom_sites.Cartn_transf_vector[1]      ? 
_atom_sites.Cartn_transf_vector[2]      ? 
_atom_sites.Cartn_transf_vector[3]      ? 
_atom_sites.fract_transf_matrix[1][1]   0.01591587 
_atom_sites.fract_transf_matrix[1][2]   -0.00326032 
_atom_sites.fract_transf_matrix[1][3]   0.01998181 
_atom_sites.fract_transf_matrix[2][1]   0.00290958 
_atom_sites.fract_transf_matrix[2][2]   -0.01121995 
_atom_sites.fract_transf_matrix[2][3]   -0.00414823 
_atom_sites.fract_transf_matrix[3][1]   0.00911003 
_atom_sites.fract_transf_matrix[3][2]   0.00475819 
_atom_sites.fract_transf_matrix[3][3]   -0.00647993 
_atom_sites.fract_transf_vector[1]      0.195995 
_atom_sites.fract_transf_vector[2]      0.129071 
_atom_sites.fract_transf_vector[3]      -0.089727 
_atom_sites.solution_primary            ? 
_atom_sites.solution_secondary          ? 
_atom_sites.solution_hydrogens          ? 
_atom_sites.special_details             ? 
# 
loop_
_atom_type.symbol 
C  
FE 
N  
O  
S  
# 
loop_
_atom_site.group_PDB 
_atom_site.id 
_atom_site.type_symbol 
_atom_site.label_atom_id 
_atom_site.label_alt_id 
_atom_site.label_comp_id 
_atom_site.label_asym_id 
_atom_site.label_entity_id 
_atom_site.label_seq_id 
_atom_site.pdbx_PDB_ins_code 
_atom_site.Cartn_x 
_atom_site.Cartn_y 
_atom_site.Cartn_z 
_atom_site.occupancy 
_atom_site.B_iso_or_equiv 
_atom_site.pdbx_formal_charge 
_atom_site.auth_seq_id 
_atom_site.auth_comp_id 
_atom_site.auth_asym_id 
_atom_site.auth_atom_id 
_atom_site.pdbx_PDB_model_num 
ATOM   1    N  N   . GLY A 1 1   ? -4.365  -10.670 12.690  1.00 52.11 ? 1   GLY A N   1 
ATOM   2    C  CA  . GLY A 1 1   ? -4.627  -9.355  13.245  1.00 47.93 ? 1   GLY A CA  1 
ATOM   3    C  C   . GLY A 1 1   ? -3.364  -8.525  13.396  1.00 48.67 ? 1   GLY A C   1 
ATOM   4    O  O   . GLY A 1 1   ? -2.465  -8.883  14.147  1.00 50.46 ? 1   GLY A O   1 
ATOM   5    N  N   . LEU A 1 2   ? -3.292  -7.422  12.659  1.00 41.98 ? 2   LEU A N   1 
ATOM   6    C  CA  . LEU A 1 2   ? -2.179  -6.494  12.776  1.00 38.85 ? 2   LEU A CA  1 
ATOM   7    C  C   . LEU A 1 2   ? -2.689  -5.197  13.368  1.00 37.88 ? 2   LEU A C   1 
ATOM   8    O  O   . LEU A 1 2   ? -3.722  -4.688  12.910  1.00 35.96 ? 2   LEU A O   1 
ATOM   9    C  CB  . LEU A 1 2   ? -1.537  -6.228  11.406  1.00 38.07 ? 2   LEU A CB  1 
ATOM   10   C  CG  . LEU A 1 2   ? -0.614  -5.007  11.281  1.00 35.88 ? 2   LEU A CG  1 
ATOM   11   C  CD1 . LEU A 1 2   ? 0.790   -5.365  11.774  1.00 36.32 ? 2   LEU A CD1 1 
ATOM   12   C  CD2 . LEU A 1 2   ? -0.561  -4.473  9.847   1.00 30.76 ? 2   LEU A CD2 1 
ATOM   13   N  N   . PRO A 1 3   ? -2.029  -4.647  14.387  1.00 35.20 ? 3   PRO A N   1 
ATOM   14   C  CA  . PRO A 1 3   ? -2.451  -3.340  14.905  1.00 36.09 ? 3   PRO A CA  1 
ATOM   15   C  C   . PRO A 1 3   ? -2.400  -2.282  13.815  1.00 30.03 ? 3   PRO A C   1 
ATOM   16   O  O   . PRO A 1 3   ? -1.594  -2.349  12.887  1.00 33.07 ? 3   PRO A O   1 
ATOM   17   C  CB  . PRO A 1 3   ? -1.440  -3.043  16.024  1.00 37.12 ? 3   PRO A CB  1 
ATOM   18   C  CG  . PRO A 1 3   ? -0.303  -4.008  15.800  1.00 38.76 ? 3   PRO A CG  1 
ATOM   19   C  CD  . PRO A 1 3   ? -0.911  -5.217  15.152  1.00 38.48 ? 3   PRO A CD  1 
ATOM   20   N  N   . TYR A 1 4   ? -3.289  -1.312  13.922  1.00 30.41 ? 4   TYR A N   1 
ATOM   21   C  CA  . TYR A 1 4   ? -3.285  -0.200  12.987  1.00 30.35 ? 4   TYR A CA  1 
ATOM   22   C  C   . TYR A 1 4   ? -1.886  0.410   12.918  1.00 31.21 ? 4   TYR A C   1 
ATOM   23   O  O   . TYR A 1 4   ? -1.264  0.641   13.967  1.00 26.63 ? 4   TYR A O   1 
ATOM   24   C  CB  . TYR A 1 4   ? -4.305  0.852   13.420  1.00 29.40 ? 4   TYR A CB  1 
ATOM   25   C  CG  . TYR A 1 4   ? -4.447  1.978   12.443  1.00 29.23 ? 4   TYR A CG  1 
ATOM   26   C  CD1 . TYR A 1 4   ? -5.331  1.882   11.374  1.00 24.35 ? 4   TYR A CD1 1 
ATOM   27   C  CD2 . TYR A 1 4   ? -3.703  3.141   12.584  1.00 29.14 ? 4   TYR A CD2 1 
ATOM   28   C  CE1 . TYR A 1 4   ? -5.476  2.916   10.471  1.00 25.26 ? 4   TYR A CE1 1 
ATOM   29   C  CE2 . TYR A 1 4   ? -3.841  4.183   11.689  1.00 30.31 ? 4   TYR A CE2 1 
ATOM   30   C  CZ  . TYR A 1 4   ? -4.727  4.062   10.632  1.00 27.87 ? 4   TYR A CZ  1 
ATOM   31   O  OH  . TYR A 1 4   ? -4.860  5.098   9.739   1.00 24.04 ? 4   TYR A OH  1 
ATOM   32   N  N   . PRO A 1 5   ? -1.346  0.662   11.717  1.00 28.14 ? 5   PRO A N   1 
ATOM   33   C  CA  . PRO A 1 5   ? 0.010   1.218   11.622  1.00 23.54 ? 5   PRO A CA  1 
ATOM   34   C  C   . PRO A 1 5   ? 0.049   2.669   12.068  1.00 27.08 ? 5   PRO A C   1 
ATOM   35   O  O   . PRO A 1 5   ? 0.162   3.574   11.236  1.00 25.13 ? 5   PRO A O   1 
ATOM   36   C  CB  . PRO A 1 5   ? 0.348   1.071   10.133  1.00 24.72 ? 5   PRO A CB  1 
ATOM   37   C  CG  . PRO A 1 5   ? -0.978  1.112   9.451   1.00 23.47 ? 5   PRO A CG  1 
ATOM   38   C  CD  . PRO A 1 5   ? -1.951  0.441   10.388  1.00 25.34 ? 5   PRO A CD  1 
ATOM   39   N  N   . GLU A 1 6   ? -0.061  2.895   13.382  1.00 30.36 ? 6   GLU A N   1 
ATOM   40   C  CA  . GLU A 1 6   ? -0.079  4.249   13.920  1.00 29.32 ? 6   GLU A CA  1 
ATOM   41   C  C   . GLU A 1 6   ? 1.157   5.015   13.475  1.00 24.46 ? 6   GLU A C   1 
ATOM   42   O  O   . GLU A 1 6   ? 2.277   4.507   13.549  1.00 24.38 ? 6   GLU A O   1 
ATOM   43   C  CB  . GLU A 1 6   ? -0.143  4.223   15.453  1.00 35.45 ? 6   GLU A CB  1 
ATOM   44   C  CG  . GLU A 1 6   ? -1.464  3.727   16.026  1.00 35.74 ? 6   GLU A CG  1 
ATOM   45   C  CD  . GLU A 1 6   ? -2.613  4.693   15.794  1.00 37.52 ? 6   GLU A CD  1 
ATOM   46   O  OE1 . GLU A 1 6   ? -2.360  5.868   15.437  1.00 37.40 ? 6   GLU A OE1 1 
ATOM   47   O  OE2 . GLU A 1 6   ? -3.778  4.265   15.964  1.00 40.06 ? 6   GLU A OE2 1 
ATOM   48   N  N   . GLY A 1 7   ? 0.949   6.239   13.010  1.00 21.78 ? 7   GLY A N   1 
ATOM   49   C  CA  . GLY A 1 7   ? 2.048   7.085   12.621  1.00 24.59 ? 7   GLY A CA  1 
ATOM   50   C  C   . GLY A 1 7   ? 2.526   6.916   11.201  1.00 20.38 ? 7   GLY A C   1 
ATOM   51   O  O   . GLY A 1 7   ? 3.452   7.630   10.797  1.00 21.53 ? 7   GLY A O   1 
ATOM   52   N  N   . TYR A 1 8   ? 1.930   6.004   10.422  1.00 22.64 ? 8   TYR A N   1 
ATOM   53   C  CA  . TYR A 1 8   ? 2.328   5.864   9.022   1.00 22.08 ? 8   TYR A CA  1 
ATOM   54   C  C   . TYR A 1 8   ? 2.270   7.204   8.284   1.00 19.44 ? 8   TYR A C   1 
ATOM   55   O  O   . TYR A 1 8   ? 3.082   7.437   7.381   1.00 17.42 ? 8   TYR A O   1 
ATOM   56   C  CB  . TYR A 1 8   ? 1.459   4.810   8.308   1.00 16.81 ? 8   TYR A CB  1 
ATOM   57   C  CG  . TYR A 1 8   ? 0.162   5.384   7.780   1.00 17.67 ? 8   TYR A CG  1 
ATOM   58   C  CD1 . TYR A 1 8   ? 0.110   6.002   6.540   1.00 17.46 ? 8   TYR A CD1 1 
ATOM   59   C  CD2 . TYR A 1 8   ? -0.992  5.347   8.544   1.00 22.81 ? 8   TYR A CD2 1 
ATOM   60   C  CE1 . TYR A 1 8   ? -1.064  6.564   6.067   1.00 16.59 ? 8   TYR A CE1 1 
ATOM   61   C  CE2 . TYR A 1 8   ? -2.171  5.904   8.086   1.00 23.73 ? 8   TYR A CE2 1 
ATOM   62   C  CZ  . TYR A 1 8   ? -2.201  6.513   6.849   1.00 21.36 ? 8   TYR A CZ  1 
ATOM   63   O  OH  . TYR A 1 8   ? -3.374  7.067   6.398   1.00 20.33 ? 8   TYR A OH  1 
ATOM   64   N  N   . ARG A 1 9   ? 1.341   8.108   8.668   1.00 21.14 ? 9   ARG A N   1 
ATOM   65   C  CA  . ARG A 1 9   ? 1.210   9.392   7.975   1.00 19.64 ? 9   ARG A CA  1 
ATOM   66   C  C   . ARG A 1 9   ? 2.519   10.163  7.946   1.00 23.92 ? 9   ARG A C   1 
ATOM   67   O  O   . ARG A 1 9   ? 2.718   10.997  7.052   1.00 23.26 ? 9   ARG A O   1 
ATOM   68   C  CB  . ARG A 1 9   ? 0.149   10.306  8.617   1.00 22.89 ? 9   ARG A CB  1 
ATOM   69   C  CG  . ARG A 1 9   ? -1.220  10.302  7.963   1.00 28.16 ? 9   ARG A CG  1 
ATOM   70   C  CD  . ARG A 1 9   ? -1.166  10.734  6.493   1.00 21.93 ? 9   ARG A CD  1 
ATOM   71   N  NE  . ARG A 1 9   ? -1.392  12.162  6.277   1.00 21.30 ? 9   ARG A NE  1 
ATOM   72   C  CZ  . ARG A 1 9   ? -0.476  12.998  5.801   1.00 19.07 ? 9   ARG A CZ  1 
ATOM   73   N  NH1 . ARG A 1 9   ? 0.745   12.565  5.529   1.00 14.69 ? 9   ARG A NH1 1 
ATOM   74   N  NH2 . ARG A 1 9   ? -0.769  14.275  5.606   1.00 21.26 ? 9   ARG A NH2 1 
ATOM   75   N  N   . PHE A 1 10  ? 3.406   9.921   8.908   1.00 20.57 ? 10  PHE A N   1 
ATOM   76   C  CA  . PHE A 1 10  ? 4.674   10.626  8.986   1.00 21.79 ? 10  PHE A CA  1 
ATOM   77   C  C   . PHE A 1 10  ? 5.816   9.822   8.389   1.00 22.52 ? 10  PHE A C   1 
ATOM   78   O  O   . PHE A 1 10  ? 6.973   10.228  8.506   1.00 28.58 ? 10  PHE A O   1 
ATOM   79   C  CB  . PHE A 1 10  ? 4.966   10.998  10.445  1.00 21.51 ? 10  PHE A CB  1 
ATOM   80   C  CG  . PHE A 1 10  ? 3.808   11.694  11.118  1.00 25.37 ? 10  PHE A CG  1 
ATOM   81   C  CD1 . PHE A 1 10  ? 3.506   13.012  10.817  1.00 24.04 ? 10  PHE A CD1 1 
ATOM   82   C  CD2 . PHE A 1 10  ? 2.986   11.010  12.000  1.00 27.66 ? 10  PHE A CD2 1 
ATOM   83   C  CE1 . PHE A 1 10  ? 2.422   13.651  11.403  1.00 20.55 ? 10  PHE A CE1 1 
ATOM   84   C  CE2 . PHE A 1 10  ? 1.899   11.642  12.594  1.00 29.19 ? 10  PHE A CE2 1 
ATOM   85   C  CZ  . PHE A 1 10  ? 1.618   12.966  12.293  1.00 27.40 ? 10  PHE A CZ  1 
ATOM   86   N  N   . TRP A 1 11  ? 5.522   8.692   7.751   1.00 16.97 ? 11  TRP A N   1 
ATOM   87   C  CA  . TRP A 1 11  ? 6.576   7.909   7.129   1.00 20.08 ? 11  TRP A CA  1 
ATOM   88   C  C   . TRP A 1 11  ? 7.000   8.537   5.803   1.00 17.73 ? 11  TRP A C   1 
ATOM   89   O  O   . TRP A 1 11  ? 6.488   9.571   5.374   1.00 23.57 ? 11  TRP A O   1 
ATOM   90   C  CB  . TRP A 1 11  ? 6.116   6.470   6.915   1.00 18.68 ? 11  TRP A CB  1 
ATOM   91   C  CG  . TRP A 1 11  ? 5.948   5.689   8.169   1.00 21.05 ? 11  TRP A CG  1 
ATOM   92   C  CD1 . TRP A 1 11  ? 6.346   6.046   9.433   1.00 24.14 ? 11  TRP A CD1 1 
ATOM   93   C  CD2 . TRP A 1 11  ? 5.340   4.406   8.287   1.00 20.30 ? 11  TRP A CD2 1 
ATOM   94   N  NE1 . TRP A 1 11  ? 6.014   5.053   10.328  1.00 22.36 ? 11  TRP A NE1 1 
ATOM   95   C  CE2 . TRP A 1 11  ? 5.394   4.035   9.646   1.00 21.25 ? 11  TRP A CE2 1 
ATOM   96   C  CE3 . TRP A 1 11  ? 4.750   3.529   7.370   1.00 19.59 ? 11  TRP A CE3 1 
ATOM   97   C  CZ2 . TRP A 1 11  ? 4.879   2.825   10.111  1.00 20.39 ? 11  TRP A CZ2 1 
ATOM   98   C  CZ3 . TRP A 1 11  ? 4.243   2.327   7.835   1.00 21.03 ? 11  TRP A CZ3 1 
ATOM   99   C  CH2 . TRP A 1 11  ? 4.307   1.989   9.190   1.00 17.37 ? 11  TRP A CH2 1 
ATOM   100  N  N   . THR A 1 12  ? 7.932   7.880   5.121   1.00 17.94 ? 12  THR A N   1 
ATOM   101  C  CA  . THR A 1 12  ? 8.429   8.404   3.859   1.00 16.72 ? 12  THR A CA  1 
ATOM   102  C  C   . THR A 1 12  ? 7.399   8.211   2.752   1.00 16.41 ? 12  THR A C   1 
ATOM   103  O  O   . THR A 1 12  ? 6.858   7.116   2.570   1.00 16.06 ? 12  THR A O   1 
ATOM   104  C  CB  . THR A 1 12  ? 9.744   7.730   3.480   1.00 17.53 ? 12  THR A CB  1 
ATOM   105  O  OG1 . THR A 1 12  ? 10.727  8.040   4.476   1.00 22.27 ? 12  THR A OG1 1 
ATOM   106  C  CG2 . THR A 1 12  ? 10.220  8.236   2.129   1.00 14.81 ? 12  THR A CG2 1 
ATOM   107  N  N   . HIS A 1 13  ? 7.141   9.286   2.009   1.00 12.38 ? 13  HIS A N   1 
ATOM   108  C  CA  . HIS A 1 13  ? 6.244   9.254   0.849   1.00 13.70 ? 13  HIS A CA  1 
ATOM   109  C  C   . HIS A 1 13  ? 6.959   8.612   -0.342  1.00 13.70 ? 13  HIS A C   1 
ATOM   110  O  O   . HIS A 1 13  ? 7.981   9.128   -0.806  1.00 17.26 ? 13  HIS A O   1 
ATOM   111  C  CB  . HIS A 1 13  ? 5.802   10.691  0.543   1.00 13.46 ? 13  HIS A CB  1 
ATOM   112  C  CG  . HIS A 1 13  ? 4.886   10.828  -0.638  1.00 13.91 ? 13  HIS A CG  1 
ATOM   113  N  ND1 . HIS A 1 13  ? 4.837   11.973  -1.405  1.00 18.37 ? 13  HIS A ND1 1 
ATOM   114  C  CD2 . HIS A 1 13  ? 3.971   9.980   -1.167  1.00 15.80 ? 13  HIS A CD2 1 
ATOM   115  C  CE1 . HIS A 1 13  ? 3.936   11.824  -2.363  1.00 14.87 ? 13  HIS A CE1 1 
ATOM   116  N  NE2 . HIS A 1 13  ? 3.395   10.624  -2.240  1.00 16.66 ? 13  HIS A NE2 1 
ATOM   117  N  N   . VAL A 1 14  ? 6.430   7.493   -0.840  1.00 16.27 ? 14  VAL A N   1 
ATOM   118  C  CA  . VAL A 1 14  ? 7.082   6.741   -1.923  1.00 17.73 ? 14  VAL A CA  1 
ATOM   119  C  C   . VAL A 1 14  ? 6.679   7.271   -3.296  1.00 16.72 ? 14  VAL A C   1 
ATOM   120  O  O   . VAL A 1 14  ? 7.532   7.566   -4.141  1.00 14.92 ? 14  VAL A O   1 
ATOM   121  C  CB  . VAL A 1 14  ? 6.742   5.240   -1.792  1.00 15.77 ? 14  VAL A CB  1 
ATOM   122  C  CG1 . VAL A 1 14  ? 7.268   4.448   -2.990  1.00 14.85 ? 14  VAL A CG1 1 
ATOM   123  C  CG2 . VAL A 1 14  ? 7.277   4.699   -0.496  1.00 15.10 ? 14  VAL A CG2 1 
ATOM   124  N  N   . LYS A 1 15  ? 5.373   7.376   -3.524  1.00 14.28 ? 15  LYS A N   1 
ATOM   125  C  CA  . LYS A 1 15  ? 4.807   7.838   -4.788  1.00 15.28 ? 15  LYS A CA  1 
ATOM   126  C  C   . LYS A 1 15  ? 3.332   8.134   -4.566  1.00 13.30 ? 15  LYS A C   1 
ATOM   127  O  O   . LYS A 1 15  ? 2.763   7.812   -3.520  1.00 15.69 ? 15  LYS A O   1 
ATOM   128  C  CB  . LYS A 1 15  ? 4.971   6.800   -5.898  1.00 16.65 ? 15  LYS A CB  1 
ATOM   129  C  CG  . LYS A 1 15  ? 4.151   5.547   -5.649  1.00 16.97 ? 15  LYS A CG  1 
ATOM   130  C  CD  . LYS A 1 15  ? 4.227   4.568   -6.817  1.00 14.13 ? 15  LYS A CD  1 
ATOM   131  C  CE  . LYS A 1 15  ? 3.543   5.138   -8.059  1.00 16.34 ? 15  LYS A CE  1 
ATOM   132  N  NZ  . LYS A 1 15  ? 3.640   4.141   -9.177  1.00 18.48 ? 15  LYS A NZ  1 
ATOM   133  N  N   . SER A 1 16  ? 2.717   8.742   -5.581  1.00 15.68 ? 16  SER A N   1 
ATOM   134  C  CA  . SER A 1 16  ? 1.282   8.971   -5.614  1.00 15.89 ? 16  SER A CA  1 
ATOM   135  C  C   . SER A 1 16  ? 0.771   8.588   -6.993  1.00 14.74 ? 16  SER A C   1 
ATOM   136  O  O   . SER A 1 16  ? 1.536   8.527   -7.955  1.00 16.61 ? 16  SER A O   1 
ATOM   137  C  CB  . SER A 1 16  ? 0.928   10.428  -5.301  1.00 16.22 ? 16  SER A CB  1 
ATOM   138  O  OG  . SER A 1 16  ? 1.487   10.811  -4.049  1.00 15.22 ? 16  SER A OG  1 
ATOM   139  N  N   . MET A 1 17  ? -0.516  8.384   -7.072  1.00 16.24 ? 17  MET A N   1 
ATOM   140  C  CA  . MET A 1 17  ? -1.155  8.032   -8.315  1.00 12.42 ? 17  MET A CA  1 
ATOM   141  C  C   . MET A 1 17  ? -2.667  8.121   -8.207  1.00 15.31 ? 17  MET A C   1 
ATOM   142  O  O   . MET A 1 17  ? -3.187  7.778   -7.227  1.00 16.12 ? 17  MET A O   1 
ATOM   143  C  CB  . MET A 1 17  ? -0.769  6.611   -8.700  1.00 16.55 ? 17  MET A CB  1 
ATOM   144  C  CG  . MET A 1 17  ? -1.137  6.175   -10.090 1.00 19.50 ? 17  MET A CG  1 
ATOM   145  S  SD  . MET A 1 17  ? -0.763  4.418   -10.377 1.00 24.74 ? 17  MET A SD  1 
ATOM   146  C  CE  . MET A 1 17  ? -0.948  4.337   -12.111 1.00 30.25 ? 17  MET A CE  1 
ATOM   147  N  N   . GLU A 1 18  ? -3.336  8.676   -9.208  1.00 14.84 ? 18  GLU A N   1 
ATOM   148  C  CA  . GLU A 1 18  ? -4.792  8.713   -9.246  1.00 13.82 ? 18  GLU A CA  1 
ATOM   149  C  C   . GLU A 1 18  ? -5.282  7.654   -10.219 1.00 15.95 ? 18  GLU A C   1 
ATOM   150  O  O   . GLU A 1 18  ? -4.800  7.580   -11.348 1.00 17.41 ? 18  GLU A O   1 
ATOM   151  C  CB  . GLU A 1 18  ? -5.332  10.082  -9.673  1.00 17.87 ? 18  GLU A CB  1 
ATOM   152  C  CG  . GLU A 1 18  ? -6.819  10.245  -9.365  1.00 15.02 ? 18  GLU A CG  1 
ATOM   153  C  CD  . GLU A 1 18  ? -7.563  11.130  -10.364 1.00 20.62 ? 18  GLU A CD  1 
ATOM   154  O  OE1 . GLU A 1 18  ? -6.921  11.753  -11.236 1.00 19.91 ? 18  GLU A OE1 1 
ATOM   155  O  OE2 . GLU A 1 18  ? -8.808  11.203  -10.264 1.00 20.97 ? 18  GLU A OE2 1 
ATOM   156  N  N   . LEU A 1 19  ? -6.219  6.830   -9.769  1.00 16.35 ? 19  LEU A N   1 
ATOM   157  C  CA  . LEU A 1 19  ? -6.911  5.877   -10.626 1.00 16.93 ? 19  LEU A CA  1 
ATOM   158  C  C   . LEU A 1 19  ? -8.268  6.486   -10.934 1.00 17.89 ? 19  LEU A C   1 
ATOM   159  O  O   . LEU A 1 19  ? -9.033  6.800   -10.016 1.00 17.53 ? 19  LEU A O   1 
ATOM   160  C  CB  . LEU A 1 19  ? -7.045  4.508   -9.950  1.00 19.43 ? 19  LEU A CB  1 
ATOM   161  C  CG  . LEU A 1 19  ? -5.697  3.875   -9.559  1.00 17.46 ? 19  LEU A CG  1 
ATOM   162  C  CD1 . LEU A 1 19  ? -5.845  2.494   -8.896  1.00 19.12 ? 19  LEU A CD1 1 
ATOM   163  C  CD2 . LEU A 1 19  ? -4.780  3.789   -10.771 1.00 18.99 ? 19  LEU A CD2 1 
ATOM   164  N  N   . LYS A 1 20  ? -8.508  6.725   -12.204 1.00 15.95 ? 20  LYS A N   1 
ATOM   165  C  CA  . LYS A 1 20  ? -9.720  7.331   -12.718 1.00 17.31 ? 20  LYS A CA  1 
ATOM   166  C  C   . LYS A 1 20  ? -10.754 6.315   -13.222 1.00 19.03 ? 20  LYS A C   1 
ATOM   167  O  O   . LYS A 1 20  ? -10.405 5.205   -13.511 1.00 16.54 ? 20  LYS A O   1 
ATOM   168  C  CB  . LYS A 1 20  ? -9.343  8.264   -13.863 1.00 14.43 ? 20  LYS A CB  1 
ATOM   169  C  CG  . LYS A 1 20  ? -8.392  9.399   -13.552 1.00 20.94 ? 20  LYS A CG  1 
ATOM   170  C  CD  . LYS A 1 20  ? -7.971  10.093  -14.837 1.00 21.21 ? 20  LYS A CD  1 
ATOM   171  C  CE  . LYS A 1 20  ? -6.906  11.152  -14.665 1.00 19.45 ? 20  LYS A CE  1 
ATOM   172  N  NZ  . LYS A 1 20  ? -7.484  12.200  -13.834 1.00 21.70 ? 20  LYS A NZ  1 
ATOM   173  N  N   . PRO A 1 21  ? -12.019 6.718   -13.302 1.00 17.28 ? 21  PRO A N   1 
ATOM   174  C  CA  . PRO A 1 21  ? -13.049 5.819   -13.843 1.00 17.03 ? 21  PRO A CA  1 
ATOM   175  C  C   . PRO A 1 21  ? -12.619 5.154   -15.145 1.00 20.36 ? 21  PRO A C   1 
ATOM   176  O  O   . PRO A 1 21  ? -12.037 5.783   -16.032 1.00 21.38 ? 21  PRO A O   1 
ATOM   177  C  CB  . PRO A 1 21  ? -14.243 6.754   -14.054 1.00 19.14 ? 21  PRO A CB  1 
ATOM   178  C  CG  . PRO A 1 21  ? -14.072 7.784   -12.975 1.00 18.40 ? 21  PRO A CG  1 
ATOM   179  C  CD  . PRO A 1 21  ? -12.587 8.007   -12.860 1.00 16.76 ? 21  PRO A CD  1 
ATOM   180  N  N   . GLY A 1 22  ? -12.917 3.861   -15.258 1.00 19.88 ? 22  GLY A N   1 
ATOM   181  C  CA  . GLY A 1 22  ? -12.494 3.056   -16.371 1.00 19.93 ? 22  GLY A CA  1 
ATOM   182  C  C   . GLY A 1 22  ? -11.261 2.225   -16.080 1.00 19.72 ? 22  GLY A C   1 
ATOM   183  O  O   . GLY A 1 22  ? -11.067 1.172   -16.697 1.00 22.27 ? 22  GLY A O   1 
ATOM   184  N  N   . HIS A 1 23  ? -10.425 2.675   -15.155 1.00 18.47 ? 23  HIS A N   1 
ATOM   185  C  CA  . HIS A 1 23  ? -9.263  1.891   -14.772 1.00 18.27 ? 23  HIS A CA  1 
ATOM   186  C  C   . HIS A 1 23  ? -9.708  0.531   -14.245 1.00 20.02 ? 23  HIS A C   1 
ATOM   187  O  O   . HIS A 1 23  ? -10.710 0.442   -13.524 1.00 16.78 ? 23  HIS A O   1 
ATOM   188  C  CB  . HIS A 1 23  ? -8.464  2.630   -13.700 1.00 19.86 ? 23  HIS A CB  1 
ATOM   189  C  CG  . HIS A 1 23  ? -7.070  2.123   -13.535 1.00 21.13 ? 23  HIS A CG  1 
ATOM   190  N  ND1 . HIS A 1 23  ? -6.759  1.050   -12.727 1.00 18.35 ? 23  HIS A ND1 1 
ATOM   191  C  CD2 . HIS A 1 23  ? -5.903  2.536   -14.081 1.00 23.76 ? 23  HIS A CD2 1 
ATOM   192  C  CE1 . HIS A 1 23  ? -5.458  0.828   -12.779 1.00 21.45 ? 23  HIS A CE1 1 
ATOM   193  N  NE2 . HIS A 1 23  ? -4.916  1.716   -13.591 1.00 23.96 ? 23  HIS A NE2 1 
ATOM   194  N  N   . PRO A 1 24  ? -8.997  -0.550  -14.581 1.00 21.06 ? 24  PRO A N   1 
ATOM   195  C  CA  . PRO A 1 24  ? -9.405  -1.872  -14.074 1.00 23.79 ? 24  PRO A CA  1 
ATOM   196  C  C   . PRO A 1 24  ? -9.442  -1.949  -12.559 1.00 20.47 ? 24  PRO A C   1 
ATOM   197  O  O   . PRO A 1 24  ? -10.171 -2.786  -12.012 1.00 20.61 ? 24  PRO A O   1 
ATOM   198  C  CB  . PRO A 1 24  ? -8.358  -2.832  -14.666 1.00 22.82 ? 24  PRO A CB  1 
ATOM   199  C  CG  . PRO A 1 24  ? -7.218  -1.978  -15.096 1.00 23.14 ? 24  PRO A CG  1 
ATOM   200  C  CD  . PRO A 1 24  ? -7.791  -0.612  -15.422 1.00 19.29 ? 24  PRO A CD  1 
ATOM   201  N  N   . LEU A 1 25  ? -8.692  -1.098  -11.862 1.00 18.44 ? 25  LEU A N   1 
ATOM   202  C  CA  . LEU A 1 25  ? -8.677  -1.068  -10.407 1.00 19.01 ? 25  LEU A CA  1 
ATOM   203  C  C   . LEU A 1 25  ? -9.547  0.052   -9.837  1.00 18.32 ? 25  LEU A C   1 
ATOM   204  O  O   . LEU A 1 25  ? -9.485  0.320   -8.633  1.00 19.43 ? 25  LEU A O   1 
ATOM   205  C  CB  . LEU A 1 25  ? -7.235  -0.927  -9.895  1.00 16.97 ? 25  LEU A CB  1 
ATOM   206  C  CG  . LEU A 1 25  ? -6.248  -2.051  -10.249 1.00 20.76 ? 25  LEU A CG  1 
ATOM   207  C  CD1 . LEU A 1 25  ? -4.891  -1.810  -9.599  1.00 21.20 ? 25  LEU A CD1 1 
ATOM   208  C  CD2 . LEU A 1 25  ? -6.796  -3.379  -9.812  1.00 18.88 ? 25  LEU A CD2 1 
ATOM   209  N  N   . TYR A 1 26  ? -10.370 0.699   -10.666 1.00 17.99 ? 26  TYR A N   1 
ATOM   210  C  CA  . TYR A 1 26  ? -11.154 1.823   -10.162 1.00 16.97 ? 26  TYR A CA  1 
ATOM   211  C  C   . TYR A 1 26  ? -12.176 1.374   -9.125  1.00 17.80 ? 26  TYR A C   1 
ATOM   212  O  O   . TYR A 1 26  ? -12.369 2.048   -8.106  1.00 19.30 ? 26  TYR A O   1 
ATOM   213  C  CB  . TYR A 1 26  ? -11.856 2.559   -11.301 1.00 18.90 ? 26  TYR A CB  1 
ATOM   214  C  CG  . TYR A 1 26  ? -12.562 3.782   -10.775 1.00 19.45 ? 26  TYR A CG  1 
ATOM   215  C  CD1 . TYR A 1 26  ? -11.835 4.896   -10.390 1.00 17.87 ? 26  TYR A CD1 1 
ATOM   216  C  CD2 . TYR A 1 26  ? -13.939 3.802   -10.602 1.00 19.09 ? 26  TYR A CD2 1 
ATOM   217  C  CE1 . TYR A 1 26  ? -12.458 6.016   -9.880  1.00 20.38 ? 26  TYR A CE1 1 
ATOM   218  C  CE2 . TYR A 1 26  ? -14.575 4.924   -10.087 1.00 21.63 ? 26  TYR A CE2 1 
ATOM   219  C  CZ  . TYR A 1 26  ? -13.822 6.025   -9.729  1.00 22.84 ? 26  TYR A CZ  1 
ATOM   220  O  OH  . TYR A 1 26  ? -14.429 7.152   -9.215  1.00 25.81 ? 26  TYR A OH  1 
ATOM   221  N  N   . GLU A 1 27  ? -12.842 0.238   -9.352  1.00 18.73 ? 27  GLU A N   1 
ATOM   222  C  CA  . GLU A 1 27  ? -13.890 -0.168  -8.418  1.00 22.74 ? 27  GLU A CA  1 
ATOM   223  C  C   . GLU A 1 27  ? -13.324 -0.494  -7.043  1.00 23.98 ? 27  GLU A C   1 
ATOM   224  O  O   . GLU A 1 27  ? -13.962 -0.214  -6.020  1.00 25.33 ? 27  GLU A O   1 
ATOM   225  C  CB  . GLU A 1 27  ? -14.667 -1.362  -8.969  1.00 26.72 ? 27  GLU A CB  1 
ATOM   226  C  CG  . GLU A 1 27  ? -15.878 -1.751  -8.124  1.00 29.54 ? 27  GLU A CG  1 
ATOM   227  C  CD  . GLU A 1 27  ? -16.649 -2.929  -8.715  1.00 38.46 ? 27  GLU A CD  1 
ATOM   228  O  OE1 . GLU A 1 27  ? -16.176 -4.089  -8.584  1.00 35.06 ? 27  GLU A OE1 1 
ATOM   229  O  OE2 . GLU A 1 27  ? -17.717 -2.687  -9.327  1.00 35.01 ? 27  GLU A OE2 1 
ATOM   230  N  N   . SER A 1 28  ? -12.125 -1.084  -6.991  1.00 21.15 ? 28  SER A N   1 
ATOM   231  C  CA  . SER A 1 28  ? -11.536 -1.423  -5.698  1.00 20.32 ? 28  SER A CA  1 
ATOM   232  C  C   . SER A 1 28  ? -10.701 -0.296  -5.106  1.00 21.83 ? 28  SER A C   1 
ATOM   233  O  O   . SER A 1 28  ? -10.788 -0.042  -3.898  1.00 23.99 ? 28  SER A O   1 
ATOM   234  C  CB  . SER A 1 28  ? -10.677 -2.684  -5.819  1.00 23.63 ? 28  SER A CB  1 
ATOM   235  O  OG  . SER A 1 28  ? -9.932  -2.665  -7.020  1.00 26.25 ? 28  SER A OG  1 
ATOM   236  N  N   . PHE A 1 29  ? -9.887  0.388   -5.917  1.00 20.60 ? 29  PHE A N   1 
ATOM   237  C  CA  . PHE A 1 29  ? -8.959  1.389   -5.397  1.00 18.86 ? 29  PHE A CA  1 
ATOM   238  C  C   . PHE A 1 29  ? -9.074  2.732   -6.112  1.00 20.07 ? 29  PHE A C   1 
ATOM   239  O  O   . PHE A 1 29  ? -8.095  3.483   -6.170  1.00 18.15 ? 29  PHE A O   1 
ATOM   240  C  CB  . PHE A 1 29  ? -7.517  0.898   -5.484  1.00 23.27 ? 29  PHE A CB  1 
ATOM   241  C  CG  . PHE A 1 29  ? -7.277  -0.402  -4.791  1.00 20.82 ? 29  PHE A CG  1 
ATOM   242  C  CD1 . PHE A 1 29  ? -7.151  -0.452  -3.414  1.00 24.72 ? 29  PHE A CD1 1 
ATOM   243  C  CD2 . PHE A 1 29  ? -7.154  -1.574  -5.519  1.00 26.21 ? 29  PHE A CD2 1 
ATOM   244  C  CE1 . PHE A 1 29  ? -6.914  -1.650  -2.764  1.00 25.96 ? 29  PHE A CE1 1 
ATOM   245  C  CE2 . PHE A 1 29  ? -6.922  -2.776  -4.874  1.00 29.30 ? 29  PHE A CE2 1 
ATOM   246  C  CZ  . PHE A 1 29  ? -6.798  -2.808  -3.493  1.00 26.83 ? 29  PHE A CZ  1 
ATOM   247  N  N   . GLY A 1 30  ? -10.244 3.056   -6.662  1.00 18.11 ? 30  GLY A N   1 
ATOM   248  C  CA  . GLY A 1 30  ? -10.383 4.314   -7.379  1.00 18.75 ? 30  GLY A CA  1 
ATOM   249  C  C   . GLY A 1 30  ? -10.186 5.505   -6.456  1.00 19.75 ? 30  GLY A C   1 
ATOM   250  O  O   . GLY A 1 30  ? -10.618 5.503   -5.302  1.00 18.89 ? 30  GLY A O   1 
ATOM   251  N  N   . GLY A 1 31  ? -9.524  6.536   -6.976  1.00 18.00 ? 31  GLY A N   1 
ATOM   252  C  CA  . GLY A 1 31  ? -9.250  7.750   -6.239  1.00 19.74 ? 31  GLY A CA  1 
ATOM   253  C  C   . GLY A 1 31  ? -7.779  8.080   -6.297  1.00 17.76 ? 31  GLY A C   1 
ATOM   254  O  O   . GLY A 1 31  ? -7.021  7.529   -7.102  1.00 17.69 ? 31  GLY A O   1 
ATOM   255  N  N   . LEU A 1 32  ? -7.361  9.005   -5.434  1.00 15.26 ? 32  LEU A N   1 
ATOM   256  C  CA  . LEU A 1 32  ? -5.965  9.403   -5.331  1.00 17.23 ? 32  LEU A CA  1 
ATOM   257  C  C   . LEU A 1 32  ? -5.346  8.642   -4.171  1.00 17.75 ? 32  LEU A C   1 
ATOM   258  O  O   . LEU A 1 32  ? -5.852  8.710   -3.042  1.00 14.74 ? 32  LEU A O   1 
ATOM   259  C  CB  . LEU A 1 32  ? -5.828  10.913  -5.108  1.00 16.01 ? 32  LEU A CB  1 
ATOM   260  C  CG  . LEU A 1 32  ? -4.413  11.463  -4.890  1.00 17.31 ? 32  LEU A CG  1 
ATOM   261  C  CD1 . LEU A 1 32  ? -3.506  11.275  -6.098  1.00 14.90 ? 32  LEU A CD1 1 
ATOM   262  C  CD2 . LEU A 1 32  ? -4.485  12.941  -4.524  1.00 18.55 ? 32  LEU A CD2 1 
ATOM   263  N  N   . HIS A 1 33  ? -4.260  7.920   -4.441  1.00 17.80 ? 33  HIS A N   1 
ATOM   264  C  CA  . HIS A 1 33  ? -3.589  7.198   -3.378  1.00 15.59 ? 33  HIS A CA  1 
ATOM   265  C  C   . HIS A 1 33  ? -2.129  7.621   -3.247  1.00 16.03 ? 33  HIS A C   1 
ATOM   266  O  O   . HIS A 1 33  ? -1.471  8.016   -4.215  1.00 14.58 ? 33  HIS A O   1 
ATOM   267  C  CB  . HIS A 1 33  ? -3.713  5.664   -3.551  1.00 15.11 ? 33  HIS A CB  1 
ATOM   268  C  CG  . HIS A 1 33  ? -2.887  5.079   -4.661  1.00 17.86 ? 33  HIS A CG  1 
ATOM   269  N  ND1 . HIS A 1 33  ? -3.423  4.727   -5.882  1.00 19.88 ? 33  HIS A ND1 1 
ATOM   270  C  CD2 . HIS A 1 33  ? -1.579  4.731   -4.711  1.00 17.39 ? 33  HIS A CD2 1 
ATOM   271  C  CE1 . HIS A 1 33  ? -2.476  4.206   -6.645  1.00 19.06 ? 33  HIS A CE1 1 
ATOM   272  N  NE2 . HIS A 1 33  ? -1.345  4.202   -5.958  1.00 17.48 ? 33  HIS A NE2 1 
ATOM   273  N  N   . HIS A 1 34  ? -1.654  7.579   -2.008  1.00 13.98 ? 34  HIS A N   1 
ATOM   274  C  CA  . HIS A 1 34  ? -0.269  7.836   -1.654  1.00 14.46 ? 34  HIS A CA  1 
ATOM   275  C  C   . HIS A 1 34  ? 0.278   6.602   -0.961  1.00 12.24 ? 34  HIS A C   1 
ATOM   276  O  O   . HIS A 1 34  ? -0.408  5.995   -0.140  1.00 16.44 ? 34  HIS A O   1 
ATOM   277  C  CB  . HIS A 1 34  ? -0.127  9.016   -0.699  1.00 12.72 ? 34  HIS A CB  1 
ATOM   278  C  CG  . HIS A 1 34  ? -0.847  10.246  -1.147  1.00 14.83 ? 34  HIS A CG  1 
ATOM   279  N  ND1 . HIS A 1 34  ? -0.481  10.953  -2.273  1.00 13.62 ? 34  HIS A ND1 1 
ATOM   280  C  CD2 . HIS A 1 34  ? -1.923  10.883  -0.629  1.00 15.90 ? 34  HIS A CD2 1 
ATOM   281  C  CE1 . HIS A 1 34  ? -1.291  11.988  -2.418  1.00 14.55 ? 34  HIS A CE1 1 
ATOM   282  N  NE2 . HIS A 1 34  ? -2.172  11.969  -1.433  1.00 16.87 ? 34  HIS A NE2 1 
ATOM   283  N  N   . ILE A 1 35  ? 1.506   6.234   -1.294  1.00 13.90 ? 35  ILE A N   1 
ATOM   284  C  CA  . ILE A 1 35  ? 2.165   5.081   -0.697  1.00 13.55 ? 35  ILE A CA  1 
ATOM   285  C  C   . ILE A 1 35  ? 3.233   5.592   0.259   1.00 14.52 ? 35  ILE A C   1 
ATOM   286  O  O   . ILE A 1 35  ? 3.948   6.555   -0.046  1.00 14.80 ? 35  ILE A O   1 
ATOM   287  C  CB  . ILE A 1 35  ? 2.740   4.153   -1.787  1.00 13.76 ? 35  ILE A CB  1 
ATOM   288  C  CG1 . ILE A 1 35  ? 1.575   3.466   -2.504  1.00 14.12 ? 35  ILE A CG1 1 
ATOM   289  C  CG2 . ILE A 1 35  ? 3.682   3.101   -1.183  1.00 14.76 ? 35  ILE A CG2 1 
ATOM   290  C  CD1 . ILE A 1 35  ? 1.911   2.850   -3.859  1.00 15.14 ? 35  ILE A CD1 1 
ATOM   291  N  N   . TYR A 1 36  ? 3.315   4.963   1.433   1.00 15.09 ? 36  TYR A N   1 
ATOM   292  C  CA  . TYR A 1 36  ? 4.261   5.331   2.473   1.00 15.39 ? 36  TYR A CA  1 
ATOM   293  C  C   . TYR A 1 36  ? 4.990   4.081   2.931   1.00 14.73 ? 36  TYR A C   1 
ATOM   294  O  O   . TYR A 1 36  ? 4.413   2.993   2.944   1.00 15.21 ? 36  TYR A O   1 
ATOM   295  C  CB  . TYR A 1 36  ? 3.570   5.945   3.682   1.00 13.86 ? 36  TYR A CB  1 
ATOM   296  C  CG  . TYR A 1 36  ? 2.811   7.186   3.345   1.00 14.15 ? 36  TYR A CG  1 
ATOM   297  C  CD1 . TYR A 1 36  ? 3.430   8.428   3.376   1.00 13.43 ? 36  TYR A CD1 1 
ATOM   298  C  CD2 . TYR A 1 36  ? 1.472   7.117   2.981   1.00 15.89 ? 36  TYR A CD2 1 
ATOM   299  C  CE1 . TYR A 1 36  ? 2.730   9.577   3.045   1.00 13.05 ? 36  TYR A CE1 1 
ATOM   300  C  CE2 . TYR A 1 36  ? 0.764   8.254   2.659   1.00 14.35 ? 36  TYR A CE2 1 
ATOM   301  C  CZ  . TYR A 1 36  ? 1.394   9.481   2.694   1.00 14.36 ? 36  TYR A CZ  1 
ATOM   302  O  OH  . TYR A 1 36  ? 0.675   10.614  2.367   1.00 15.96 ? 36  TYR A OH  1 
ATOM   303  N  N   . VAL A 1 37  ? 6.245   4.242   3.341   1.00 15.55 ? 37  VAL A N   1 
ATOM   304  C  CA  . VAL A 1 37  ? 7.028   3.115   3.837   1.00 12.67 ? 37  VAL A CA  1 
ATOM   305  C  C   . VAL A 1 37  ? 7.726   3.526   5.124   1.00 16.40 ? 37  VAL A C   1 
ATOM   306  O  O   . VAL A 1 37  ? 8.205   4.659   5.250   1.00 16.42 ? 37  VAL A O   1 
ATOM   307  C  CB  . VAL A 1 37  ? 8.039   2.610   2.784   1.00 13.39 ? 37  VAL A CB  1 
ATOM   308  C  CG1 . VAL A 1 37  ? 9.111   3.661   2.479   1.00 15.61 ? 37  VAL A CG1 1 
ATOM   309  C  CG2 . VAL A 1 37  ? 8.655   1.298   3.225   1.00 14.46 ? 37  VAL A CG2 1 
ATOM   310  N  N   . ASN A 1 38  ? 7.751   2.612   6.092   1.00 14.49 ? 38  ASN A N   1 
ATOM   311  C  CA  . ASN A 1 38  ? 8.385   2.891   7.377   1.00 17.60 ? 38  ASN A CA  1 
ATOM   312  C  C   . ASN A 1 38  ? 9.901   2.881   7.200   1.00 14.63 ? 38  ASN A C   1 
ATOM   313  O  O   . ASN A 1 38  ? 10.406  2.510   6.139   1.00 13.94 ? 38  ASN A O   1 
ATOM   314  C  CB  . ASN A 1 38  ? 7.902   1.892   8.438   1.00 17.64 ? 38  ASN A CB  1 
ATOM   315  C  CG  . ASN A 1 38  ? 8.455   0.486   8.252   1.00 16.38 ? 38  ASN A CG  1 
ATOM   316  O  OD1 . ASN A 1 38  ? 9.032   0.146   7.215   1.00 16.50 ? 38  ASN A OD1 1 
ATOM   317  N  ND2 . ASN A 1 38  ? 8.272   -0.349  9.278   1.00 18.76 ? 38  ASN A ND2 1 
ATOM   318  N  N   . PRO A 1 39  ? 10.662  3.331   8.211   1.00 14.95 ? 39  PRO A N   1 
ATOM   319  C  CA  . PRO A 1 39  ? 12.125  3.338   8.054   1.00 13.36 ? 39  PRO A CA  1 
ATOM   320  C  C   . PRO A 1 39  ? 12.697  1.983   7.687   1.00 16.28 ? 39  PRO A C   1 
ATOM   321  O  O   . PRO A 1 39  ? 13.610  1.906   6.854   1.00 16.61 ? 39  PRO A O   1 
ATOM   322  C  CB  . PRO A 1 39  ? 12.608  3.820   9.429   1.00 19.25 ? 39  PRO A CB  1 
ATOM   323  C  CG  . PRO A 1 39  ? 11.523  4.742   9.878   1.00 18.84 ? 39  PRO A CG  1 
ATOM   324  C  CD  . PRO A 1 39  ? 10.241  4.083   9.408   1.00 19.26 ? 39  PRO A CD  1 
ATOM   325  N  N   . THR A 1 40  ? 12.171  0.906   8.271   1.00 17.47 ? 40  THR A N   1 
ATOM   326  C  CA  . THR A 1 40  ? 12.747  -0.412  8.020   1.00 16.20 ? 40  THR A CA  1 
ATOM   327  C  C   . THR A 1 40  ? 12.744  -0.739  6.530   1.00 18.54 ? 40  THR A C   1 
ATOM   328  O  O   . THR A 1 40  ? 13.713  -1.301  6.004   1.00 18.90 ? 40  THR A O   1 
ATOM   329  C  CB  . THR A 1 40  ? 11.986  -1.474  8.817   1.00 19.37 ? 40  THR A CB  1 
ATOM   330  O  OG1 . THR A 1 40  ? 12.105  -1.186  10.223  1.00 19.65 ? 40  THR A OG1 1 
ATOM   331  C  CG2 . THR A 1 40  ? 12.558  -2.868  8.542   1.00 19.83 ? 40  THR A CG2 1 
ATOM   332  N  N   . GLY A 1 41  ? 11.686  -0.358  5.826   1.00 16.52 ? 41  GLY A N   1 
ATOM   333  C  CA  . GLY A 1 41  ? 11.591  -0.744  4.427   1.00 17.34 ? 41  GLY A CA  1 
ATOM   334  C  C   . GLY A 1 41  ? 12.178  0.228   3.430   1.00 15.76 ? 41  GLY A C   1 
ATOM   335  O  O   . GLY A 1 41  ? 12.334  -0.119  2.262   1.00 14.53 ? 41  GLY A O   1 
ATOM   336  N  N   . LEU A 1 42  ? 12.528  1.441   3.864   1.00 17.25 ? 42  LEU A N   1 
ATOM   337  C  CA  . LEU A 1 42  ? 12.850  2.512   2.923   1.00 17.54 ? 42  LEU A CA  1 
ATOM   338  C  C   . LEU A 1 42  ? 14.084  2.194   2.082   1.00 15.58 ? 42  LEU A C   1 
ATOM   339  O  O   . LEU A 1 42  ? 14.112  2.463   0.879   1.00 16.16 ? 42  LEU A O   1 
ATOM   340  C  CB  . LEU A 1 42  ? 13.055  3.822   3.690   1.00 13.95 ? 42  LEU A CB  1 
ATOM   341  C  CG  . LEU A 1 42  ? 13.529  4.996   2.836   1.00 17.86 ? 42  LEU A CG  1 
ATOM   342  C  CD1 . LEU A 1 42  ? 12.465  5.332   1.771   1.00 14.92 ? 42  LEU A CD1 1 
ATOM   343  C  CD2 . LEU A 1 42  ? 13.853  6.209   3.701   1.00 18.15 ? 42  LEU A CD2 1 
ATOM   344  N  N   . ARG A 1 43  ? 15.139  1.659   2.702   1.00 17.99 ? 43  ARG A N   1 
ATOM   345  C  CA  . ARG A 1 43  ? 16.376  1.463   1.954   1.00 16.56 ? 43  ARG A CA  1 
ATOM   346  C  C   . ARG A 1 43  ? 16.168  0.504   0.781   1.00 16.59 ? 43  ARG A C   1 
ATOM   347  O  O   . ARG A 1 43  ? 16.736  0.702   -0.301  1.00 18.72 ? 43  ARG A O   1 
ATOM   348  C  CB  . ARG A 1 43  ? 17.470  0.963   2.898   1.00 18.11 ? 43  ARG A CB  1 
ATOM   349  C  CG  . ARG A 1 43  ? 18.744  0.518   2.214   1.00 22.71 ? 43  ARG A CG  1 
ATOM   350  C  CD  . ARG A 1 43  ? 19.342  1.636   1.399   1.00 23.04 ? 43  ARG A CD  1 
ATOM   351  N  NE  . ARG A 1 43  ? 19.681  2.769   2.248   1.00 26.59 ? 43  ARG A NE  1 
ATOM   352  C  CZ  . ARG A 1 43  ? 19.984  3.975   1.781   1.00 35.19 ? 43  ARG A CZ  1 
ATOM   353  N  NH1 . ARG A 1 43  ? 20.018  4.185   0.471   1.00 31.48 ? 43  ARG A NH1 1 
ATOM   354  N  NH2 . ARG A 1 43  ? 20.267  4.967   2.619   1.00 32.25 ? 43  ARG A NH2 1 
ATOM   355  N  N   . THR A 1 44  ? 15.334  -0.523  0.966   1.00 16.08 ? 44  THR A N   1 
ATOM   356  C  CA  . THR A 1 44  ? 15.082  -1.469  -0.120  1.00 18.72 ? 44  THR A CA  1 
ATOM   357  C  C   . THR A 1 44  ? 14.472  -0.765  -1.322  1.00 17.68 ? 44  THR A C   1 
ATOM   358  O  O   . THR A 1 44  ? 14.832  -1.050  -2.470  1.00 16.55 ? 44  THR A O   1 
ATOM   359  C  CB  . THR A 1 44  ? 14.161  -2.591  0.353   1.00 17.30 ? 44  THR A CB  1 
ATOM   360  O  OG1 . THR A 1 44  ? 14.761  -3.262  1.471   1.00 15.84 ? 44  THR A OG1 1 
ATOM   361  C  CG2 . THR A 1 44  ? 13.907  -3.600  -0.775  1.00 18.27 ? 44  THR A CG2 1 
ATOM   362  N  N   . TYR A 1 45  ? 13.559  0.174   -1.068  1.00 17.44 ? 45  TYR A N   1 
ATOM   363  C  CA  . TYR A 1 45  ? 13.017  1.018   -2.127  1.00 16.81 ? 45  TYR A CA  1 
ATOM   364  C  C   . TYR A 1 45  ? 14.114  1.845   -2.786  1.00 16.79 ? 45  TYR A C   1 
ATOM   365  O  O   . TYR A 1 45  ? 14.192  1.927   -4.016  1.00 19.92 ? 45  TYR A O   1 
ATOM   366  C  CB  . TYR A 1 45  ? 11.953  1.946   -1.542  1.00 16.71 ? 45  TYR A CB  1 
ATOM   367  C  CG  . TYR A 1 45  ? 10.507  1.503   -1.612  1.00 15.60 ? 45  TYR A CG  1 
ATOM   368  C  CD1 . TYR A 1 45  ? 9.857   1.331   -2.834  1.00 14.73 ? 45  TYR A CD1 1 
ATOM   369  C  CD2 . TYR A 1 45  ? 9.767   1.331   -0.446  1.00 14.69 ? 45  TYR A CD2 1 
ATOM   370  C  CE1 . TYR A 1 45  ? 8.517   0.956   -2.892  1.00 13.20 ? 45  TYR A CE1 1 
ATOM   371  C  CE2 . TYR A 1 45  ? 8.431   0.970   -0.489  1.00 17.24 ? 45  TYR A CE2 1 
ATOM   372  C  CZ  . TYR A 1 45  ? 7.803   0.799   -1.716  1.00 18.00 ? 45  TYR A CZ  1 
ATOM   373  O  OH  . TYR A 1 45  ? 6.473   0.448   -1.735  1.00 15.43 ? 45  TYR A OH  1 
ATOM   374  N  N   . LEU A 1 46  ? 14.963  2.487   -1.977  1.00 17.28 ? 46  LEU A N   1 
ATOM   375  C  CA  . LEU A 1 46  ? 15.968  3.388   -2.533  1.00 15.32 ? 46  LEU A CA  1 
ATOM   376  C  C   . LEU A 1 46  ? 16.974  2.644   -3.398  1.00 19.63 ? 46  LEU A C   1 
ATOM   377  O  O   . LEU A 1 46  ? 17.549  3.232   -4.322  1.00 21.16 ? 46  LEU A O   1 
ATOM   378  C  CB  . LEU A 1 46  ? 16.691  4.133   -1.408  1.00 16.58 ? 46  LEU A CB  1 
ATOM   379  C  CG  . LEU A 1 46  ? 15.824  5.101   -0.612  1.00 20.64 ? 46  LEU A CG  1 
ATOM   380  C  CD1 . LEU A 1 46  ? 16.646  5.794   0.499   1.00 22.76 ? 46  LEU A CD1 1 
ATOM   381  C  CD2 . LEU A 1 46  ? 15.169  6.120   -1.551  1.00 17.77 ? 46  LEU A CD2 1 
ATOM   382  N  N   . GLU A 1 47  ? 17.218  1.366   -3.107  1.00 19.69 ? 47  GLU A N   1 
ATOM   383  C  CA  . GLU A 1 47  ? 18.134  0.568   -3.909  1.00 17.84 ? 47  GLU A CA  1 
ATOM   384  C  C   . GLU A 1 47  ? 17.447  -0.130  -5.074  1.00 23.26 ? 47  GLU A C   1 
ATOM   385  O  O   . GLU A 1 47  ? 18.088  -0.932  -5.759  1.00 24.40 ? 47  GLU A O   1 
ATOM   386  C  CB  . GLU A 1 47  ? 18.854  -0.455  -3.027  1.00 18.71 ? 47  GLU A CB  1 
ATOM   387  C  CG  . GLU A 1 47  ? 19.668  0.195   -1.910  1.00 20.15 ? 47  GLU A CG  1 
ATOM   388  C  CD  . GLU A 1 47  ? 20.694  1.186   -2.440  1.00 23.76 ? 47  GLU A CD  1 
ATOM   389  O  OE1 . GLU A 1 47  ? 21.372  0.881   -3.451  1.00 25.83 ? 47  GLU A OE1 1 
ATOM   390  O  OE2 . GLU A 1 47  ? 20.808  2.287   -1.858  1.00 22.35 ? 47  GLU A OE2 1 
ATOM   391  N  N   . GLY A 1 48  ? 16.171  0.150   -5.320  1.00 19.65 ? 48  GLY A N   1 
ATOM   392  C  CA  . GLY A 1 48  ? 15.511  -0.373  -6.502  1.00 17.96 ? 48  GLY A CA  1 
ATOM   393  C  C   . GLY A 1 48  ? 14.840  -1.716  -6.347  1.00 19.66 ? 48  GLY A C   1 
ATOM   394  O  O   . GLY A 1 48  ? 14.521  -2.348  -7.366  1.00 23.46 ? 48  GLY A O   1 
ATOM   395  N  N   . LYS A 1 49  ? 14.600  -2.169  -5.114  1.00 18.55 ? 49  LYS A N   1 
ATOM   396  C  CA  . LYS A 1 49  ? 13.896  -3.426  -4.849  1.00 19.38 ? 49  LYS A CA  1 
ATOM   397  C  C   . LYS A 1 49  ? 14.581  -4.593  -5.544  1.00 24.29 ? 49  LYS A C   1 
ATOM   398  O  O   . LYS A 1 49  ? 13.932  -5.457  -6.128  1.00 23.90 ? 49  LYS A O   1 
ATOM   399  C  CB  . LYS A 1 49  ? 12.424  -3.359  -5.263  1.00 21.01 ? 49  LYS A CB  1 
ATOM   400  C  CG  . LYS A 1 49  ? 11.656  -2.185  -4.646  1.00 19.76 ? 49  LYS A CG  1 
ATOM   401  C  CD  . LYS A 1 49  ? 10.200  -2.182  -5.103  1.00 18.39 ? 49  LYS A CD  1 
ATOM   402  C  CE  . LYS A 1 49  ? 10.089  -2.170  -6.620  1.00 19.80 ? 49  LYS A CE  1 
ATOM   403  N  NZ  . LYS A 1 49  ? 8.661   -2.128  -7.085  1.00 18.81 ? 49  LYS A NZ  1 
ATOM   404  N  N   . LYS A 1 50  ? 15.909  -4.599  -5.501  1.00 22.02 ? 50  LYS A N   1 
ATOM   405  C  CA  . LYS A 1 50  ? 16.671  -5.705  -6.065  1.00 21.99 ? 50  LYS A CA  1 
ATOM   406  C  C   . LYS A 1 50  ? 16.913  -6.812  -5.058  1.00 24.54 ? 50  LYS A C   1 
ATOM   407  O  O   . LYS A 1 50  ? 17.265  -7.933  -5.451  1.00 26.00 ? 50  LYS A O   1 
ATOM   408  C  CB  . LYS A 1 50  ? 17.994  -5.182  -6.618  1.00 23.50 ? 50  LYS A CB  1 
ATOM   409  C  CG  . LYS A 1 50  ? 17.786  -4.164  -7.723  1.00 26.05 ? 50  LYS A CG  1 
ATOM   410  C  CD  . LYS A 1 50  ? 18.809  -4.299  -8.821  1.00 33.21 ? 50  LYS A CD  1 
ATOM   411  C  CE  . LYS A 1 50  ? 18.841  -3.051  -9.682  1.00 35.31 ? 50  LYS A CE  1 
ATOM   412  N  NZ  . LYS A 1 50  ? 19.855  -2.074  -9.184  1.00 43.67 ? 50  LYS A NZ  1 
ATOM   413  N  N   . ALA A 1 51  ? 16.732  -6.522  -3.780  1.00 22.81 ? 51  ALA A N   1 
ATOM   414  C  CA  . ALA A 1 51  ? 16.741  -7.490  -2.703  1.00 20.40 ? 51  ALA A CA  1 
ATOM   415  C  C   . ALA A 1 51  ? 15.379  -7.490  -2.027  1.00 20.96 ? 51  ALA A C   1 
ATOM   416  O  O   . ALA A 1 51  ? 14.600  -6.537  -2.179  1.00 21.10 ? 51  ALA A O   1 
ATOM   417  C  CB  . ALA A 1 51  ? 17.837  -7.157  -1.679  1.00 19.13 ? 51  ALA A CB  1 
ATOM   418  N  N   . PRO A 1 52  ? 15.049  -8.542  -1.285  1.00 20.46 ? 52  PRO A N   1 
ATOM   419  C  CA  . PRO A 1 52  ? 13.760  -8.571  -0.591  1.00 19.39 ? 52  PRO A CA  1 
ATOM   420  C  C   . PRO A 1 52  ? 13.687  -7.540  0.525   1.00 20.11 ? 52  PRO A C   1 
ATOM   421  O  O   . PRO A 1 52  ? 14.685  -7.207  1.172   1.00 18.56 ? 52  PRO A O   1 
ATOM   422  C  CB  . PRO A 1 52  ? 13.682  -9.996  -0.030  1.00 25.53 ? 52  PRO A CB  1 
ATOM   423  C  CG  . PRO A 1 52  ? 15.087  -10.548 -0.101  1.00 26.20 ? 52  PRO A CG  1 
ATOM   424  C  CD  . PRO A 1 52  ? 15.751  -9.842  -1.232  1.00 22.57 ? 52  PRO A CD  1 
ATOM   425  N  N   . PHE A 1 53  ? 12.475  -7.047  0.751   1.00 19.11 ? 53  PHE A N   1 
ATOM   426  C  CA  . PHE A 1 53  ? 12.249  -6.171  1.887   1.00 18.51 ? 53  PHE A CA  1 
ATOM   427  C  C   . PHE A 1 53  ? 12.519  -6.934  3.179   1.00 20.60 ? 53  PHE A C   1 
ATOM   428  O  O   . PHE A 1 53  ? 12.192  -8.125  3.279   1.00 19.03 ? 53  PHE A O   1 
ATOM   429  C  CB  . PHE A 1 53  ? 10.821  -5.633  1.880   1.00 18.36 ? 53  PHE A CB  1 
ATOM   430  C  CG  . PHE A 1 53  ? 10.597  -4.575  0.853   1.00 19.87 ? 53  PHE A CG  1 
ATOM   431  C  CD1 . PHE A 1 53  ? 10.803  -3.242  1.160   1.00 15.77 ? 53  PHE A CD1 1 
ATOM   432  C  CD2 . PHE A 1 53  ? 10.195  -4.909  -0.430  1.00 15.79 ? 53  PHE A CD2 1 
ATOM   433  C  CE1 . PHE A 1 53  ? 10.600  -2.252  0.212   1.00 16.95 ? 53  PHE A CE1 1 
ATOM   434  C  CE2 . PHE A 1 53  ? 10.000  -3.925  -1.382  1.00 16.70 ? 53  PHE A CE2 1 
ATOM   435  C  CZ  . PHE A 1 53  ? 10.209  -2.590  -1.053  1.00 18.44 ? 53  PHE A CZ  1 
ATOM   436  N  N   . PRO A 1 54  ? 13.134  -6.294  4.169   1.00 17.99 ? 54  PRO A N   1 
ATOM   437  C  CA  . PRO A 1 54  ? 13.422  -6.978  5.431   1.00 20.27 ? 54  PRO A CA  1 
ATOM   438  C  C   . PRO A 1 54  ? 12.175  -7.160  6.285   1.00 21.75 ? 54  PRO A C   1 
ATOM   439  O  O   . PRO A 1 54  ? 11.187  -6.427  6.176   1.00 19.13 ? 54  PRO A O   1 
ATOM   440  C  CB  . PRO A 1 54  ? 14.417  -6.034  6.118   1.00 19.35 ? 54  PRO A CB  1 
ATOM   441  C  CG  . PRO A 1 54  ? 14.074  -4.659  5.556   1.00 17.15 ? 54  PRO A CG  1 
ATOM   442  C  CD  . PRO A 1 54  ? 13.702  -4.930  4.122   1.00 17.42 ? 54  PRO A CD  1 
ATOM   443  N  N   . LYS A 1 55  ? 12.240  -8.177  7.142   1.00 19.28 ? 55  LYS A N   1 
ATOM   444  C  CA  . LYS A 1 55  ? 11.254  -8.326  8.201   1.00 18.70 ? 55  LYS A CA  1 
ATOM   445  C  C   . LYS A 1 55  ? 11.150  -7.029  8.987   1.00 20.68 ? 55  LYS A C   1 
ATOM   446  O  O   . LYS A 1 55  ? 12.154  -6.372  9.266   1.00 21.96 ? 55  LYS A O   1 
ATOM   447  C  CB  . LYS A 1 55  ? 11.638  -9.484  9.126   1.00 20.87 ? 55  LYS A CB  1 
ATOM   448  C  CG  . LYS A 1 55  ? 10.651  -9.727  10.250  1.00 23.80 ? 55  LYS A CG  1 
ATOM   449  C  CD  . LYS A 1 55  ? 11.057  -10.925 11.094  1.00 28.54 ? 55  LYS A CD  1 
ATOM   450  C  CE  . LYS A 1 55  ? 10.329  -10.920 12.428  1.00 29.66 ? 55  LYS A CE  1 
ATOM   451  N  NZ  . LYS A 1 55  ? 10.794  -12.024 13.317  1.00 30.78 ? 55  LYS A NZ  1 
ATOM   452  N  N   . GLY A 1 56  ? 9.924   -6.649  9.324   1.00 18.96 ? 56  GLY A N   1 
ATOM   453  C  CA  . GLY A 1 56  ? 9.649   -5.362  9.928   1.00 17.65 ? 56  GLY A CA  1 
ATOM   454  C  C   . GLY A 1 56  ? 9.243   -4.273  8.953   1.00 17.82 ? 56  GLY A C   1 
ATOM   455  O  O   . GLY A 1 56  ? 8.770   -3.217  9.396   1.00 19.81 ? 56  GLY A O   1 
ATOM   456  N  N   . THR A 1 57  ? 9.427   -4.482  7.648   1.00 17.76 ? 57  THR A N   1 
ATOM   457  C  CA  . THR A 1 57  ? 8.923   -3.530  6.663   1.00 20.75 ? 57  THR A CA  1 
ATOM   458  C  C   . THR A 1 57  ? 7.417   -3.380  6.810   1.00 17.15 ? 57  THR A C   1 
ATOM   459  O  O   . THR A 1 57  ? 6.696   -4.362  7.000   1.00 15.76 ? 57  THR A O   1 
ATOM   460  C  CB  . THR A 1 57  ? 9.250   -4.003  5.242   1.00 19.36 ? 57  THR A CB  1 
ATOM   461  O  OG1 . THR A 1 57  ? 10.664  -3.988  5.060   1.00 17.92 ? 57  THR A OG1 1 
ATOM   462  C  CG2 . THR A 1 57  ? 8.623   -3.067  4.189   1.00 14.84 ? 57  THR A CG2 1 
ATOM   463  N  N   . VAL A 1 58  ? 6.932   -2.145  6.735   1.00 17.39 ? 58  VAL A N   1 
ATOM   464  C  CA  . VAL A 1 58  ? 5.501   -1.908  6.620   1.00 17.03 ? 58  VAL A CA  1 
ATOM   465  C  C   . VAL A 1 58  ? 5.298   -0.879  5.519   1.00 16.60 ? 58  VAL A C   1 
ATOM   466  O  O   . VAL A 1 58  ? 5.983   0.152   5.489   1.00 14.82 ? 58  VAL A O   1 
ATOM   467  C  CB  . VAL A 1 58  ? 4.864   -1.423  7.938   1.00 17.91 ? 58  VAL A CB  1 
ATOM   468  C  CG1 . VAL A 1 58  ? 3.370   -1.263  7.762   1.00 17.03 ? 58  VAL A CG1 1 
ATOM   469  C  CG2 . VAL A 1 58  ? 5.148   -2.401  9.072   1.00 20.05 ? 58  VAL A CG2 1 
ATOM   470  N  N   . ILE A 1 59  ? 4.387   -1.171  4.596   1.00 15.16 ? 59  ILE A N   1 
ATOM   471  C  CA  . ILE A 1 59  ? 4.044   -0.257  3.518   1.00 18.00 ? 59  ILE A CA  1 
ATOM   472  C  C   . ILE A 1 59  ? 2.548   0.005   3.581   1.00 17.48 ? 59  ILE A C   1 
ATOM   473  O  O   . ILE A 1 59  ? 1.755   -0.916  3.809   1.00 17.73 ? 59  ILE A O   1 
ATOM   474  C  CB  . ILE A 1 59  ? 4.451   -0.818  2.141   1.00 17.00 ? 59  ILE A CB  1 
ATOM   475  C  CG1 . ILE A 1 59  ? 5.919   -1.266  2.168   1.00 15.78 ? 59  ILE A CG1 1 
ATOM   476  C  CG2 . ILE A 1 59  ? 4.228   0.224   1.055   1.00 16.19 ? 59  ILE A CG2 1 
ATOM   477  C  CD1 . ILE A 1 59  ? 6.284   -2.143  0.976   1.00 16.34 ? 59  ILE A CD1 1 
ATOM   478  N  N   . VAL A 1 60  ? 2.161   1.259   3.382   1.00 15.93 ? 60  VAL A N   1 
ATOM   479  C  CA  . VAL A 1 60  ? 0.769   1.661   3.499   1.00 12.75 ? 60  VAL A CA  1 
ATOM   480  C  C   . VAL A 1 60  ? 0.321   2.300   2.195   1.00 15.12 ? 60  VAL A C   1 
ATOM   481  O  O   . VAL A 1 60  ? 0.977   3.210   1.670   1.00 15.02 ? 60  VAL A O   1 
ATOM   482  C  CB  . VAL A 1 60  ? 0.531   2.620   4.681   1.00 13.43 ? 60  VAL A CB  1 
ATOM   483  C  CG1 . VAL A 1 60  ? -0.932  3.038   4.694   1.00 13.42 ? 60  VAL A CG1 1 
ATOM   484  C  CG2 . VAL A 1 60  ? 0.936   1.940   6.008   1.00 15.15 ? 60  VAL A CG2 1 
ATOM   485  N  N   . PHE A 1 61  ? -0.784  1.798   1.677   1.00 14.58 ? 61  PHE A N   1 
ATOM   486  C  CA  . PHE A 1 61  ? -1.459  2.331   0.503   1.00 13.33 ? 61  PHE A CA  1 
ATOM   487  C  C   . PHE A 1 61  ? -2.609  3.184   1.030   1.00 15.59 ? 61  PHE A C   1 
ATOM   488  O  O   . PHE A 1 61  ? -3.596  2.648   1.540   1.00 16.52 ? 61  PHE A O   1 
ATOM   489  C  CB  . PHE A 1 61  ? -1.918  1.146   -0.349  1.00 13.92 ? 61  PHE A CB  1 
ATOM   490  C  CG  . PHE A 1 61  ? -2.660  1.510   -1.603  1.00 13.43 ? 61  PHE A CG  1 
ATOM   491  C  CD1 . PHE A 1 61  ? -3.974  1.965   -1.551  1.00 18.32 ? 61  PHE A CD1 1 
ATOM   492  C  CD2 . PHE A 1 61  ? -2.071  1.311   -2.844  1.00 14.33 ? 61  PHE A CD2 1 
ATOM   493  C  CE1 . PHE A 1 61  ? -4.672  2.254   -2.716  1.00 18.88 ? 61  PHE A CE1 1 
ATOM   494  C  CE2 . PHE A 1 61  ? -2.768  1.607   -4.015  1.00 17.32 ? 61  PHE A CE2 1 
ATOM   495  C  CZ  . PHE A 1 61  ? -4.066  2.078   -3.943  1.00 17.33 ? 61  PHE A CZ  1 
ATOM   496  N  N   . ASP A 1 62  ? -2.460  4.513   0.964   1.00 15.19 ? 62  ASP A N   1 
ATOM   497  C  CA  . ASP A 1 62  ? -3.428  5.449   1.535   1.00 12.33 ? 62  ASP A CA  1 
ATOM   498  C  C   . ASP A 1 62  ? -4.331  5.965   0.419   1.00 14.15 ? 62  ASP A C   1 
ATOM   499  O  O   . ASP A 1 62  ? -3.878  6.707   -0.454  1.00 14.27 ? 62  ASP A O   1 
ATOM   500  C  CB  . ASP A 1 62  ? -2.719  6.605   2.240   1.00 15.38 ? 62  ASP A CB  1 
ATOM   501  C  CG  . ASP A 1 62  ? -3.641  7.369   3.164   1.00 20.61 ? 62  ASP A CG  1 
ATOM   502  O  OD1 . ASP A 1 62  ? -4.862  7.135   3.069   1.00 19.74 ? 62  ASP A OD1 1 
ATOM   503  O  OD2 . ASP A 1 62  ? -3.161  8.203   3.972   1.00 21.36 ? 62  ASP A OD2 1 
ATOM   504  N  N   . LEU A 1 63  ? -5.601  5.577   0.449   1.00 15.52 ? 63  LEU A N   1 
ATOM   505  C  CA  . LEU A 1 63  ? -6.528  5.844   -0.650  1.00 14.95 ? 63  LEU A CA  1 
ATOM   506  C  C   . LEU A 1 63  ? -7.482  6.968   -0.272  1.00 14.14 ? 63  LEU A C   1 
ATOM   507  O  O   . LEU A 1 63  ? -8.233  6.839   0.699   1.00 15.97 ? 63  LEU A O   1 
ATOM   508  C  CB  . LEU A 1 63  ? -7.328  4.593   -0.999  1.00 15.73 ? 63  LEU A CB  1 
ATOM   509  C  CG  . LEU A 1 63  ? -8.326  4.792   -2.149  1.00 17.71 ? 63  LEU A CG  1 
ATOM   510  C  CD1 . LEU A 1 63  ? -7.629  5.345   -3.382  1.00 17.10 ? 63  LEU A CD1 1 
ATOM   511  C  CD2 . LEU A 1 63  ? -9.050  3.488   -2.480  1.00 18.08 ? 63  LEU A CD2 1 
ATOM   512  N  N   . LEU A 1 64  ? -7.494  8.032   -1.069  1.00 15.21 ? 64  LEU A N   1 
ATOM   513  C  CA  . LEU A 1 64  ? -8.359  9.178   -0.823  1.00 17.00 ? 64  LEU A CA  1 
ATOM   514  C  C   . LEU A 1 64  ? -9.294  9.394   -2.002  1.00 17.26 ? 64  LEU A C   1 
ATOM   515  O  O   . LEU A 1 64  ? -8.952  9.097   -3.151  1.00 17.33 ? 64  LEU A O   1 
ATOM   516  C  CB  . LEU A 1 64  ? -7.553  10.459  -0.602  1.00 16.38 ? 64  LEU A CB  1 
ATOM   517  C  CG  . LEU A 1 64  ? -6.351  10.453  0.345   1.00 17.76 ? 64  LEU A CG  1 
ATOM   518  C  CD1 . LEU A 1 64  ? -5.663  11.797  0.250   1.00 17.15 ? 64  LEU A CD1 1 
ATOM   519  C  CD2 . LEU A 1 64  ? -6.773  10.145  1.769   1.00 18.69 ? 64  LEU A CD2 1 
ATOM   520  N  N   . GLU A 1 65  ? -10.475 9.935   -1.714  1.00 16.67 ? 65  GLU A N   1 
ATOM   521  C  CA  . GLU A 1 65  ? -11.332 10.398  -2.794  1.00 19.28 ? 65  GLU A CA  1 
ATOM   522  C  C   . GLU A 1 65  ? -10.618 11.483  -3.586  1.00 19.87 ? 65  GLU A C   1 
ATOM   523  O  O   . GLU A 1 65  ? -9.866  12.292  -3.034  1.00 23.13 ? 65  GLU A O   1 
ATOM   524  C  CB  . GLU A 1 65  ? -12.656 10.925  -2.248  1.00 20.32 ? 65  GLU A CB  1 
ATOM   525  C  CG  . GLU A 1 65  ? -13.491 9.841   -1.600  1.00 24.63 ? 65  GLU A CG  1 
ATOM   526  C  CD  . GLU A 1 65  ? -14.902 10.279  -1.301  1.00 29.71 ? 65  GLU A CD  1 
ATOM   527  O  OE1 . GLU A 1 65  ? -15.244 11.447  -1.588  1.00 34.88 ? 65  GLU A OE1 1 
ATOM   528  O  OE2 . GLU A 1 65  ? -15.671 9.448   -0.778  1.00 34.51 ? 65  GLU A OE2 1 
ATOM   529  N  N   . ALA A 1 66  ? -10.840 11.477  -4.893  1.00 22.95 ? 66  ALA A N   1 
ATOM   530  C  CA  . ALA A 1 66  ? -10.256 12.456  -5.791  1.00 21.17 ? 66  ALA A CA  1 
ATOM   531  C  C   . ALA A 1 66  ? -11.355 13.439  -6.161  1.00 26.45 ? 66  ALA A C   1 
ATOM   532  O  O   . ALA A 1 66  ? -12.340 13.057  -6.806  1.00 20.86 ? 66  ALA A O   1 
ATOM   533  C  CB  . ALA A 1 66  ? -9.675  11.779  -7.034  1.00 21.23 ? 66  ALA A CB  1 
ATOM   534  N  N   . LYS A 1 67  ? -11.199 14.685  -5.728  1.00 21.22 ? 67  LYS A N   1 
ATOM   535  C  CA  . LYS A 1 67  ? -12.192 15.728  -5.943  1.00 23.08 ? 67  LYS A CA  1 
ATOM   536  C  C   . LYS A 1 67  ? -11.691 16.664  -7.034  1.00 22.94 ? 67  LYS A C   1 
ATOM   537  O  O   . LYS A 1 67  ? -10.594 17.215  -6.921  1.00 25.06 ? 67  LYS A O   1 
ATOM   538  C  CB  . LYS A 1 67  ? -12.434 16.506  -4.654  1.00 26.62 ? 67  LYS A CB  1 
ATOM   539  C  CG  . LYS A 1 67  ? -13.412 15.865  -3.690  1.00 33.81 ? 67  LYS A CG  1 
ATOM   540  C  CD  . LYS A 1 67  ? -13.216 16.444  -2.288  1.00 35.46 ? 67  LYS A CD  1 
ATOM   541  C  CE  . LYS A 1 67  ? -13.597 17.915  -2.190  1.00 40.43 ? 67  LYS A CE  1 
ATOM   542  N  NZ  . LYS A 1 67  ? -13.090 18.515  -0.920  1.00 42.53 ? 67  LYS A NZ  1 
ATOM   543  N  N   . VAL A 1 68  ? -12.486 16.854  -8.082  1.00 21.49 ? 68  VAL A N   1 
ATOM   544  C  CA  . VAL A 1 68  ? -12.144 17.794  -9.143  1.00 23.45 ? 68  VAL A CA  1 
ATOM   545  C  C   . VAL A 1 68  ? -12.996 19.042  -8.957  1.00 26.20 ? 68  VAL A C   1 
ATOM   546  O  O   . VAL A 1 68  ? -14.221 18.988  -9.093  1.00 33.10 ? 68  VAL A O   1 
ATOM   547  C  CB  . VAL A 1 68  ? -12.347 17.183  -10.532 1.00 23.93 ? 68  VAL A CB  1 
ATOM   548  C  CG1 . VAL A 1 68  ? -12.237 18.270  -11.592 1.00 28.32 ? 68  VAL A CG1 1 
ATOM   549  C  CG2 . VAL A 1 68  ? -11.316 16.096  -10.776 1.00 22.58 ? 68  VAL A CG2 1 
ATOM   550  N  N   . GLU A 1 69  ? -12.349 20.164  -8.645  1.00 24.83 ? 69  GLU A N   1 
ATOM   551  C  CA  . GLU A 1 69  ? -13.020 21.446  -8.462  1.00 23.55 ? 69  GLU A CA  1 
ATOM   552  C  C   . GLU A 1 69  ? -12.154 22.544  -9.063  1.00 24.07 ? 69  GLU A C   1 
ATOM   553  O  O   . GLU A 1 69  ? -10.963 22.628  -8.752  1.00 20.72 ? 69  GLU A O   1 
ATOM   554  C  CB  . GLU A 1 69  ? -13.251 21.768  -6.974  1.00 30.38 ? 69  GLU A CB  1 
ATOM   555  C  CG  . GLU A 1 69  ? -13.535 20.592  -6.065  1.00 35.48 ? 69  GLU A CG  1 
ATOM   556  C  CD  . GLU A 1 69  ? -15.018 20.341  -5.858  1.00 39.86 ? 69  GLU A CD  1 
ATOM   557  O  OE1 . GLU A 1 69  ? -15.837 20.893  -6.630  1.00 44.06 ? 69  GLU A OE1 1 
ATOM   558  O  OE2 . GLU A 1 69  ? -15.361 19.582  -4.922  1.00 44.31 ? 69  GLU A OE2 1 
ATOM   559  N  N   . GLY A 1 70  ? -12.749 23.397  -9.896  1.00 33.91 ? 70  GLY A N   1 
ATOM   560  C  CA  . GLY A 1 70  ? -12.085 24.626  -10.312 1.00 30.64 ? 70  GLY A CA  1 
ATOM   561  C  C   . GLY A 1 70  ? -10.675 24.466  -10.862 1.00 31.78 ? 70  GLY A C   1 
ATOM   562  O  O   . GLY A 1 70  ? -9.739  25.142  -10.409 1.00 29.99 ? 70  GLY A O   1 
ATOM   563  N  N   . ASN A 1 71  ? -10.526 23.574  -11.842 1.00 20.30 ? 71  ASN A N   1 
ATOM   564  C  CA  . ASN A 1 71  ? -9.247  23.297  -12.501 1.00 22.84 ? 71  ASN A CA  1 
ATOM   565  C  C   . ASN A 1 71  ? -8.205  22.795  -11.507 1.00 16.69 ? 71  ASN A C   1 
ATOM   566  O  O   . ASN A 1 71  ? -7.030  23.153  -11.578 1.00 17.87 ? 71  ASN A O   1 
ATOM   567  C  CB  . ASN A 1 71  ? -8.732  24.518  -13.262 1.00 20.26 ? 71  ASN A CB  1 
ATOM   568  C  CG  . ASN A 1 71  ? -9.672  24.934  -14.389 1.00 21.68 ? 71  ASN A CG  1 
ATOM   569  O  OD1 . ASN A 1 71  ? -10.189 24.093  -15.125 1.00 22.11 ? 71  ASN A OD1 1 
ATOM   570  N  ND2 . ASN A 1 71  ? -9.888  26.228  -14.527 1.00 17.98 ? 71  ASN A ND2 1 
ATOM   571  N  N   . ALA A 1 72  ? -8.639  21.960  -10.571 1.00 19.85 ? 72  ALA A N   1 
ATOM   572  C  CA  . ALA A 1 72  ? -7.711  21.366  -9.619  1.00 16.81 ? 72  ALA A CA  1 
ATOM   573  C  C   . ALA A 1 72  ? -8.201  19.977  -9.234  1.00 19.33 ? 72  ALA A C   1 
ATOM   574  O  O   . ALA A 1 72  ? -9.406  19.713  -9.206  1.00 21.05 ? 72  ALA A O   1 
ATOM   575  C  CB  . ALA A 1 72  ? -7.540  22.239  -8.362  1.00 14.01 ? 72  ALA A CB  1 
ATOM   576  N  N   . LEU A 1 73  ? -7.253  19.084  -8.951  1.00 16.12 ? 73  LEU A N   1 
ATOM   577  C  CA  . LEU A 1 73  ? -7.552  17.831  -8.275  1.00 16.76 ? 73  LEU A CA  1 
ATOM   578  C  C   . LEU A 1 73  ? -7.231  18.027  -6.800  1.00 16.44 ? 73  LEU A C   1 
ATOM   579  O  O   . LEU A 1 73  ? -6.088  18.336  -6.454  1.00 18.60 ? 73  LEU A O   1 
ATOM   580  C  CB  . LEU A 1 73  ? -6.743  16.663  -8.847  1.00 16.62 ? 73  LEU A CB  1 
ATOM   581  C  CG  . LEU A 1 73  ? -7.024  15.337  -8.140  1.00 22.50 ? 73  LEU A CG  1 
ATOM   582  C  CD1 . LEU A 1 73  ? -8.470  14.926  -8.342  1.00 26.30 ? 73  LEU A CD1 1 
ATOM   583  C  CD2 . LEU A 1 73  ? -6.073  14.245  -8.623  1.00 23.40 ? 73  LEU A CD2 1 
ATOM   584  N  N   . LEU A 1 74  ? -8.235  17.858  -5.944  1.00 18.33 ? 74  LEU A N   1 
ATOM   585  C  CA  . LEU A 1 74  ? -8.103  18.044  -4.508  1.00 18.27 ? 74  LEU A CA  1 
ATOM   586  C  C   . LEU A 1 74  ? -8.209  16.705  -3.792  1.00 18.41 ? 74  LEU A C   1 
ATOM   587  O  O   . LEU A 1 74  ? -8.907  15.794  -4.241  1.00 18.44 ? 74  LEU A O   1 
ATOM   588  C  CB  . LEU A 1 74  ? -9.182  18.988  -3.954  1.00 22.48 ? 74  LEU A CB  1 
ATOM   589  C  CG  . LEU A 1 74  ? -9.057  20.492  -4.198  1.00 22.11 ? 74  LEU A CG  1 
ATOM   590  C  CD1 . LEU A 1 74  ? -9.276  20.809  -5.639  1.00 26.61 ? 74  LEU A CD1 1 
ATOM   591  C  CD2 . LEU A 1 74  ? -10.081 21.232  -3.350  1.00 29.04 ? 74  LEU A CD2 1 
ATOM   592  N  N   . GLU A 1 75  ? -7.517  16.598  -2.665  1.00 18.31 ? 75  GLU A N   1 
ATOM   593  C  CA  . GLU A 1 75  ? -7.670  15.425  -1.821  1.00 17.20 ? 75  GLU A CA  1 
ATOM   594  C  C   . GLU A 1 75  ? -9.034  15.447  -1.142  1.00 18.46 ? 75  GLU A C   1 
ATOM   595  O  O   . GLU A 1 75  ? -9.375  16.402  -0.439  1.00 18.88 ? 75  GLU A O   1 
ATOM   596  C  CB  . GLU A 1 75  ? -6.536  15.366  -0.801  1.00 16.31 ? 75  GLU A CB  1 
ATOM   597  C  CG  . GLU A 1 75  ? -5.164  15.245  -1.476  1.00 15.54 ? 75  GLU A CG  1 
ATOM   598  C  CD  . GLU A 1 75  ? -4.005  15.300  -0.494  1.00 20.02 ? 75  GLU A CD  1 
ATOM   599  O  OE1 . GLU A 1 75  ? -3.885  16.313  0.238   1.00 18.03 ? 75  GLU A OE1 1 
ATOM   600  O  OE2 . GLU A 1 75  ? -3.219  14.328  -0.467  1.00 20.65 ? 75  GLU A OE2 1 
ATOM   601  N  N   . GLY A 1 76  ? -9.827  14.411  -1.384  1.00 18.65 ? 76  GLY A N   1 
ATOM   602  C  CA  . GLY A 1 76  ? -11.081 14.233  -0.699  1.00 21.65 ? 76  GLY A CA  1 
ATOM   603  C  C   . GLY A 1 76  ? -10.941 13.350  0.523   1.00 21.51 ? 76  GLY A C   1 
ATOM   604  O  O   . GLY A 1 76  ? -9.831  13.056  0.980   1.00 21.30 ? 76  GLY A O   1 
ATOM   605  N  N   . PRO A 1 77  ? -12.074 12.918  1.080   1.00 22.18 ? 77  PRO A N   1 
ATOM   606  C  CA  . PRO A 1 77  ? -12.034 12.112  2.305   1.00 22.90 ? 77  PRO A CA  1 
ATOM   607  C  C   . PRO A 1 77  ? -11.321 10.786  2.085   1.00 22.10 ? 77  PRO A C   1 
ATOM   608  O  O   . PRO A 1 77  ? -11.353 10.212  0.994   1.00 19.85 ? 77  PRO A O   1 
ATOM   609  C  CB  . PRO A 1 77  ? -13.514 11.892  2.635   1.00 23.10 ? 77  PRO A CB  1 
ATOM   610  C  CG  . PRO A 1 77  ? -14.224 13.042  1.963   1.00 25.91 ? 77  PRO A CG  1 
ATOM   611  C  CD  . PRO A 1 77  ? -13.454 13.273  0.694   1.00 24.73 ? 77  PRO A CD  1 
ATOM   612  N  N   . ARG A 1 78  ? -10.662 10.314  3.141   1.00 23.56 ? 78  ARG A N   1 
ATOM   613  C  CA  . ARG A 1 78  ? -10.027 9.005   3.095   1.00 20.37 ? 78  ARG A CA  1 
ATOM   614  C  C   . ARG A 1 78  ? -11.062 7.919   2.832   1.00 20.42 ? 78  ARG A C   1 
ATOM   615  O  O   . ARG A 1 78  ? -12.161 7.937   3.396   1.00 19.94 ? 78  ARG A O   1 
ATOM   616  C  CB  . ARG A 1 78  ? -9.291  8.723   4.410   1.00 19.62 ? 78  ARG A CB  1 
ATOM   617  C  CG  . ARG A 1 78  ? -8.653  7.334   4.473   1.00 18.95 ? 78  ARG A CG  1 
ATOM   618  C  CD  . ARG A 1 78  ? -7.613  7.263   5.584   1.00 19.12 ? 78  ARG A CD  1 
ATOM   619  N  NE  . ARG A 1 78  ? -6.414  8.017   5.233   1.00 19.67 ? 78  ARG A NE  1 
ATOM   620  C  CZ  . ARG A 1 78  ? -6.129  9.228   5.699   1.00 24.57 ? 78  ARG A CZ  1 
ATOM   621  N  NH1 . ARG A 1 78  ? -6.959  9.828   6.551   1.00 22.60 ? 78  ARG A NH1 1 
ATOM   622  N  NH2 . ARG A 1 78  ? -5.015  9.842   5.315   1.00 21.91 ? 78  ARG A NH2 1 
ATOM   623  N  N   . LYS A 1 79  ? -10.709 6.980   1.953   1.00 19.53 ? 79  LYS A N   1 
ATOM   624  C  CA  . LYS A 1 79  ? -11.531 5.810   1.679   1.00 18.76 ? 79  LYS A CA  1 
ATOM   625  C  C   . LYS A 1 79  ? -11.072 4.596   2.477   1.00 18.10 ? 79  LYS A C   1 
ATOM   626  O  O   . LYS A 1 79  ? -11.890 3.936   3.122   1.00 19.15 ? 79  LYS A O   1 
ATOM   627  C  CB  . LYS A 1 79  ? -11.526 5.488   0.176   1.00 20.14 ? 79  LYS A CB  1 
ATOM   628  C  CG  . LYS A 1 79  ? -12.191 6.556   -0.692  1.00 22.91 ? 79  LYS A CG  1 
ATOM   629  C  CD  . LYS A 1 79  ? -12.079 6.229   -2.186  1.00 24.23 ? 79  LYS A CD  1 
ATOM   630  C  CE  . LYS A 1 79  ? -13.031 5.116   -2.589  1.00 30.79 ? 79  LYS A CE  1 
ATOM   631  N  NZ  . LYS A 1 79  ? -12.723 4.558   -3.950  1.00 34.90 ? 79  LYS A NZ  1 
ATOM   632  N  N   . LEU A 1 80  ? -9.777  4.307   2.476   1.00 16.62 ? 80  LEU A N   1 
ATOM   633  C  CA  . LEU A 1 80  ? -9.253  3.148   3.192   1.00 17.25 ? 80  LEU A CA  1 
ATOM   634  C  C   . LEU A 1 80  ? -7.736  3.238   3.154   1.00 16.12 ? 80  LEU A C   1 
ATOM   635  O  O   . LEU A 1 80  ? -7.164  4.027   2.398   1.00 16.82 ? 80  LEU A O   1 
ATOM   636  C  CB  . LEU A 1 80  ? -9.736  1.829   2.565   1.00 22.03 ? 80  LEU A CB  1 
ATOM   637  C  CG  . LEU A 1 80  ? -9.409  1.629   1.079   1.00 20.29 ? 80  LEU A CG  1 
ATOM   638  C  CD1 . LEU A 1 80  ? -7.988  1.092   0.864   1.00 21.45 ? 80  LEU A CD1 1 
ATOM   639  C  CD2 . LEU A 1 80  ? -10.429 0.711   0.398   1.00 22.81 ? 80  LEU A CD2 1 
ATOM   640  N  N   . ILE A 1 81  ? -7.084  2.394   3.950   1.00 18.29 ? 81  ILE A N   1 
ATOM   641  C  CA  . ILE A 1 81  ? -5.664  2.129   3.764   1.00 16.01 ? 81  ILE A CA  1 
ATOM   642  C  C   . ILE A 1 81  ? -5.473  0.639   3.544   1.00 16.64 ? 81  ILE A C   1 
ATOM   643  O  O   . ILE A 1 81  ? -6.183  -0.182  4.130   1.00 18.62 ? 81  ILE A O   1 
ATOM   644  C  CB  . ILE A 1 81  ? -4.786  2.618   4.940   1.00 18.50 ? 81  ILE A CB  1 
ATOM   645  C  CG1 . ILE A 1 81  ? -5.024  1.799   6.213   1.00 20.35 ? 81  ILE A CG1 1 
ATOM   646  C  CG2 . ILE A 1 81  ? -4.999  4.110   5.183   1.00 15.61 ? 81  ILE A CG2 1 
ATOM   647  C  CD1 . ILE A 1 81  ? -4.054  2.152   7.343   1.00 19.06 ? 81  ILE A CD1 1 
ATOM   648  N  N   . GLY A 1 82  ? -4.539  0.305   2.664   1.00 15.34 ? 82  GLY A N   1 
ATOM   649  C  CA  . GLY A 1 82  ? -4.029  -1.048  2.548   1.00 14.35 ? 82  GLY A CA  1 
ATOM   650  C  C   . GLY A 1 82  ? -2.659  -1.068  3.193   1.00 16.92 ? 82  GLY A C   1 
ATOM   651  O  O   . GLY A 1 82  ? -1.958  -0.059  3.213   1.00 16.99 ? 82  GLY A O   1 
ATOM   652  N  N   . VAL A 1 83  ? -2.296  -2.221  3.752   1.00 16.17 ? 83  VAL A N   1 
ATOM   653  C  CA  . VAL A 1 83  ? -1.067  -2.368  4.520   1.00 14.43 ? 83  VAL A CA  1 
ATOM   654  C  C   . VAL A 1 83  ? -0.420  -3.682  4.111   1.00 16.20 ? 83  VAL A C   1 
ATOM   655  O  O   . VAL A 1 83  ? -1.104  -4.702  3.996   1.00 18.69 ? 83  VAL A O   1 
ATOM   656  C  CB  . VAL A 1 83  ? -1.331  -2.348  6.038   1.00 14.14 ? 83  VAL A CB  1 
ATOM   657  C  CG1 . VAL A 1 83  ? -0.013  -2.375  6.819   1.00 18.07 ? 83  VAL A CG1 1 
ATOM   658  C  CG2 . VAL A 1 83  ? -2.178  -1.129  6.438   1.00 15.68 ? 83  VAL A CG2 1 
ATOM   659  N  N   . MET A 1 84  ? 0.885   -3.648  3.866   1.00 15.47 ? 84  MET A N   1 
ATOM   660  C  CA  . MET A 1 84  ? 1.689   -4.849  3.704   1.00 14.76 ? 84  MET A CA  1 
ATOM   661  C  C   . MET A 1 84  ? 2.787   -4.830  4.754   1.00 16.80 ? 84  MET A C   1 
ATOM   662  O  O   . MET A 1 84  ? 3.525   -3.846  4.863   1.00 18.19 ? 84  MET A O   1 
ATOM   663  C  CB  . MET A 1 84  ? 2.291   -4.923  2.303   1.00 14.05 ? 84  MET A CB  1 
ATOM   664  C  CG  . MET A 1 84  ? 1.273   -5.309  1.228   1.00 17.55 ? 84  MET A CG  1 
ATOM   665  S  SD  . MET A 1 84  ? 1.942   -5.035  -0.409  1.00 17.65 ? 84  MET A SD  1 
ATOM   666  C  CE  . MET A 1 84  ? 3.155   -6.353  -0.527  1.00 16.52 ? 84  MET A CE  1 
ATOM   667  N  N   . ALA A 1 85  ? 2.895   -5.912  5.521   1.00 18.32 ? 85  ALA A N   1 
ATOM   668  C  CA  . ALA A 1 85  ? 3.849   -6.001  6.618   1.00 18.77 ? 85  ALA A CA  1 
ATOM   669  C  C   . ALA A 1 85  ? 4.705   -7.241  6.403   1.00 17.92 ? 85  ALA A C   1 
ATOM   670  O  O   . ALA A 1 85  ? 4.173   -8.350  6.299   1.00 20.17 ? 85  ALA A O   1 
ATOM   671  C  CB  . ALA A 1 85  ? 3.126   -6.068  7.961   1.00 18.30 ? 85  ALA A CB  1 
ATOM   672  N  N   . LYS A 1 86  ? 6.018   -7.052  6.323   1.00 17.14 ? 86  LYS A N   1 
ATOM   673  C  CA  . LYS A 1 86  ? 6.932   -8.144  5.992   1.00 20.31 ? 86  LYS A CA  1 
ATOM   674  C  C   . LYS A 1 86  ? 7.268   -8.947  7.242   1.00 23.79 ? 86  LYS A C   1 
ATOM   675  O  O   . LYS A 1 86  ? 7.762   -8.395  8.226   1.00 20.48 ? 86  LYS A O   1 
ATOM   676  C  CB  . LYS A 1 86  ? 8.207   -7.595  5.357   1.00 17.35 ? 86  LYS A CB  1 
ATOM   677  C  CG  . LYS A 1 86  ? 9.076   -8.645  4.675   1.00 20.42 ? 86  LYS A CG  1 
ATOM   678  C  CD  . LYS A 1 86  ? 8.430   -9.154  3.402   1.00 20.32 ? 86  LYS A CD  1 
ATOM   679  C  CE  . LYS A 1 86  ? 9.157   -10.378 2.868   1.00 21.44 ? 86  LYS A CE  1 
ATOM   680  N  NZ  . LYS A 1 86  ? 10.366  -10.012 2.063   1.00 25.14 ? 86  LYS A NZ  1 
ATOM   681  N  N   . ASP A 1 87  ? 7.000   -10.255 7.199   1.00 22.05 ? 87  ASP A N   1 
ATOM   682  C  CA  . ASP A 1 87  ? 7.412   -11.187 8.243   1.00 24.26 ? 87  ASP A CA  1 
ATOM   683  C  C   . ASP A 1 87  ? 7.477   -12.572 7.608   1.00 24.84 ? 87  ASP A C   1 
ATOM   684  O  O   . ASP A 1 87  ? 6.470   -13.288 7.572   1.00 24.72 ? 87  ASP A O   1 
ATOM   685  C  CB  . ASP A 1 87  ? 6.457   -11.158 9.437   1.00 24.49 ? 87  ASP A CB  1 
ATOM   686  C  CG  . ASP A 1 87  ? 7.046   -11.833 10.669  1.00 30.43 ? 87  ASP A CG  1 
ATOM   687  O  OD1 . ASP A 1 87  ? 7.791   -12.812 10.494  1.00 24.97 ? 87  ASP A OD1 1 
ATOM   688  O  OD2 . ASP A 1 87  ? 6.763   -11.397 11.803  1.00 28.17 ? 87  ASP A OD2 1 
ATOM   689  N  N   . PRO A 1 88  ? 8.639   -12.959 7.074   1.00 26.04 ? 88  PRO A N   1 
ATOM   690  C  CA  . PRO A 1 88  ? 8.734   -14.235 6.335   1.00 26.35 ? 88  PRO A CA  1 
ATOM   691  C  C   . PRO A 1 88  ? 8.219   -15.438 7.108   1.00 28.81 ? 88  PRO A C   1 
ATOM   692  O  O   . PRO A 1 88  ? 7.504   -16.269 6.540   1.00 28.91 ? 88  PRO A O   1 
ATOM   693  C  CB  . PRO A 1 88  ? 10.236  -14.339 6.037   1.00 25.06 ? 88  PRO A CB  1 
ATOM   694  C  CG  . PRO A 1 88  ? 10.722  -12.917 6.031   1.00 25.00 ? 88  PRO A CG  1 
ATOM   695  C  CD  . PRO A 1 88  ? 9.924   -12.237 7.105   1.00 25.11 ? 88  PRO A CD  1 
ATOM   696  N  N   . GLY A 1 89  ? 8.543   -15.544 8.398   1.00 30.43 ? 89  GLY A N   1 
ATOM   697  C  CA  . GLY A 1 89  ? 8.099   -16.692 9.168   1.00 29.00 ? 89  GLY A CA  1 
ATOM   698  C  C   . GLY A 1 89  ? 6.630   -16.647 9.530   1.00 31.77 ? 89  GLY A C   1 
ATOM   699  O  O   . GLY A 1 89  ? 6.007   -17.692 9.742   1.00 35.89 ? 89  GLY A O   1 
ATOM   700  N  N   . ARG A 1 90  ? 6.050   -15.446 9.604   1.00 31.71 ? 90  ARG A N   1 
ATOM   701  C  CA  . ARG A 1 90  ? 4.651   -15.331 9.999   1.00 29.43 ? 90  ARG A CA  1 
ATOM   702  C  C   . ARG A 1 90  ? 3.695   -15.559 8.831   1.00 30.14 ? 90  ARG A C   1 
ATOM   703  O  O   . ARG A 1 90  ? 2.584   -16.059 9.040   1.00 32.50 ? 90  ARG A O   1 
ATOM   704  C  CB  . ARG A 1 90  ? 4.394   -13.962 10.629  1.00 29.56 ? 90  ARG A CB  1 
ATOM   705  C  CG  . ARG A 1 90  ? 3.034   -13.814 11.291  1.00 34.56 ? 90  ARG A CG  1 
ATOM   706  C  CD  . ARG A 1 90  ? 2.987   -12.526 12.126  1.00 42.67 ? 90  ARG A CD  1 
ATOM   707  N  NE  . ARG A 1 90  ? 1.643   -12.191 12.608  1.00 51.28 ? 90  ARG A NE  1 
ATOM   708  C  CZ  . ARG A 1 90  ? 1.311   -11.014 13.134  1.00 52.77 ? 90  ARG A CZ  1 
ATOM   709  N  NH1 . ARG A 1 90  ? 2.223   -10.053 13.239  1.00 53.99 ? 90  ARG A NH1 1 
ATOM   710  N  NH2 . ARG A 1 90  ? 0.068   -10.791 13.554  1.00 54.19 ? 90  ARG A NH2 1 
ATOM   711  N  N   . TYR A 1 91  ? 4.095   -15.223 7.606   1.00 31.14 ? 91  TYR A N   1 
ATOM   712  C  CA  . TYR A 1 91  ? 3.203   -15.293 6.442   1.00 30.97 ? 91  TYR A CA  1 
ATOM   713  C  C   . TYR A 1 91  ? 3.823   -16.118 5.317   1.00 30.21 ? 91  TYR A C   1 
ATOM   714  O  O   . TYR A 1 91  ? 4.053   -15.615 4.211   1.00 27.13 ? 91  TYR A O   1 
ATOM   715  C  CB  . TYR A 1 91  ? 2.856   -13.888 5.947   1.00 26.04 ? 91  TYR A CB  1 
ATOM   716  C  CG  . TYR A 1 91  ? 2.439   -12.908 7.027   1.00 27.01 ? 91  TYR A CG  1 
ATOM   717  C  CD1 . TYR A 1 91  ? 1.181   -12.981 7.610   1.00 28.79 ? 91  TYR A CD1 1 
ATOM   718  C  CD2 . TYR A 1 91  ? 3.298   -11.902 7.446   1.00 24.95 ? 91  TYR A CD2 1 
ATOM   719  C  CE1 . TYR A 1 91  ? 0.798   -12.086 8.596   1.00 26.79 ? 91  TYR A CE1 1 
ATOM   720  C  CE2 . TYR A 1 91  ? 2.914   -10.989 8.428   1.00 25.50 ? 91  TYR A CE2 1 
ATOM   721  C  CZ  . TYR A 1 91  ? 1.668   -11.098 8.997   1.00 27.91 ? 91  TYR A CZ  1 
ATOM   722  O  OH  . TYR A 1 91  ? 1.278   -10.210 9.968   1.00 28.01 ? 91  TYR A OH  1 
ATOM   723  N  N   . PRO A 1 92  ? 4.060   -17.414 5.548   1.00 32.37 ? 92  PRO A N   1 
ATOM   724  C  CA  . PRO A 1 92  ? 4.768   -18.222 4.534   1.00 34.11 ? 92  PRO A CA  1 
ATOM   725  C  C   . PRO A 1 92  ? 3.979   -18.458 3.259   1.00 30.61 ? 92  PRO A C   1 
ATOM   726  O  O   . PRO A 1 92  ? 4.596   -18.696 2.211   1.00 31.00 ? 92  PRO A O   1 
ATOM   727  C  CB  . PRO A 1 92  ? 5.030   -19.544 5.261   1.00 29.79 ? 92  PRO A CB  1 
ATOM   728  C  CG  . PRO A 1 92  ? 3.898   -19.643 6.233   1.00 33.09 ? 92  PRO A CG  1 
ATOM   729  C  CD  . PRO A 1 92  ? 3.649   -18.224 6.707   1.00 35.78 ? 92  PRO A CD  1 
ATOM   730  N  N   . ASP A 1 93  ? 2.651   -18.413 3.309   1.00 31.43 ? 93  ASP A N   1 
ATOM   731  C  CA  . ASP A 1 93  ? 1.829   -18.698 2.142   1.00 30.02 ? 93  ASP A CA  1 
ATOM   732  C  C   . ASP A 1 93  ? 1.485   -17.458 1.329   1.00 32.87 ? 93  ASP A C   1 
ATOM   733  O  O   . ASP A 1 93  ? 0.879   -17.584 0.259   1.00 31.32 ? 93  ASP A O   1 
ATOM   734  C  CB  . ASP A 1 93  ? 0.551   -19.415 2.574   1.00 38.87 ? 93  ASP A CB  1 
ATOM   735  C  CG  . ASP A 1 93  ? 0.839   -20.609 3.464   1.00 43.86 ? 93  ASP A CG  1 
ATOM   736  O  OD1 . ASP A 1 93  ? 1.541   -21.538 3.001   1.00 41.92 ? 93  ASP A OD1 1 
ATOM   737  O  OD2 . ASP A 1 93  ? 0.381   -20.613 4.628   1.00 50.40 ? 93  ASP A OD2 1 
ATOM   738  N  N   . THR A 1 94  ? 1.848   -16.267 1.808   1.00 27.40 ? 94  THR A N   1 
ATOM   739  C  CA  . THR A 1 94  ? 1.700   -15.068 0.994   1.00 28.76 ? 94  THR A CA  1 
ATOM   740  C  C   . THR A 1 94  ? 3.043   -14.363 0.847   1.00 26.14 ? 94  THR A C   1 
ATOM   741  O  O   . THR A 1 94  ? 3.131   -13.145 1.037   1.00 20.16 ? 94  THR A O   1 
ATOM   742  C  CB  . THR A 1 94  ? 0.655   -14.122 1.589   1.00 26.42 ? 94  THR A CB  1 
ATOM   743  O  OG1 . THR A 1 94  ? 0.931   -13.904 2.982   1.00 23.37 ? 94  THR A OG1 1 
ATOM   744  C  CG2 . THR A 1 94  ? -0.735  -14.710 1.430   1.00 21.62 ? 94  THR A CG2 1 
ATOM   745  N  N   . GLY A 1 95  ? 4.086   -15.128 0.513   1.00 25.00 ? 95  GLY A N   1 
ATOM   746  C  CA  . GLY A 1 95  ? 5.389   -14.560 0.195   1.00 24.57 ? 95  GLY A CA  1 
ATOM   747  C  C   . GLY A 1 95  ? 6.035   -13.794 1.326   1.00 25.86 ? 95  GLY A C   1 
ATOM   748  O  O   . GLY A 1 95  ? 6.851   -12.896 1.079   1.00 23.28 ? 95  GLY A O   1 
ATOM   749  N  N   . GLY A 1 96  ? 5.696   -14.126 2.568   1.00 24.48 ? 96  GLY A N   1 
ATOM   750  C  CA  . GLY A 1 96  ? 6.224   -13.400 3.702   1.00 22.85 ? 96  GLY A CA  1 
ATOM   751  C  C   . GLY A 1 96  ? 5.544   -12.078 3.975   1.00 22.82 ? 96  GLY A C   1 
ATOM   752  O  O   . GLY A 1 96  ? 6.034   -11.310 4.810   1.00 20.32 ? 96  GLY A O   1 
ATOM   753  N  N   . TRP A 1 97  ? 4.438   -11.782 3.298   1.00 21.79 ? 97  TRP A N   1 
ATOM   754  C  CA  . TRP A 1 97  ? 3.745   -10.511 3.471   1.00 20.17 ? 97  TRP A CA  1 
ATOM   755  C  C   . TRP A 1 97  ? 2.410   -10.724 4.165   1.00 21.99 ? 97  TRP A C   1 
ATOM   756  O  O   . TRP A 1 97  ? 1.636   -11.615 3.779   1.00 24.41 ? 97  TRP A O   1 
ATOM   757  C  CB  . TRP A 1 97  ? 3.503   -9.821  2.134   1.00 19.57 ? 97  TRP A CB  1 
ATOM   758  C  CG  . TRP A 1 97  ? 4.691   -9.217  1.511   1.00 18.24 ? 97  TRP A CG  1 
ATOM   759  C  CD1 . TRP A 1 97  ? 5.390   -9.700  0.437   1.00 18.96 ? 97  TRP A CD1 1 
ATOM   760  C  CD2 . TRP A 1 97  ? 5.317   -7.987  1.881   1.00 18.09 ? 97  TRP A CD2 1 
ATOM   761  N  NE1 . TRP A 1 97  ? 6.426   -8.849  0.130   1.00 16.77 ? 97  TRP A NE1 1 
ATOM   762  C  CE2 . TRP A 1 97  ? 6.398   -7.786  0.998   1.00 17.68 ? 97  TRP A CE2 1 
ATOM   763  C  CE3 . TRP A 1 97  ? 5.084   -7.049  2.886   1.00 14.27 ? 97  TRP A CE3 1 
ATOM   764  C  CZ2 . TRP A 1 97  ? 7.236   -6.677  1.083   1.00 15.61 ? 97  TRP A CZ2 1 
ATOM   765  C  CZ3 . TRP A 1 97  ? 5.914   -5.938  2.969   1.00 16.47 ? 97  TRP A CZ3 1 
ATOM   766  C  CH2 . TRP A 1 97  ? 6.979   -5.765  2.074   1.00 18.69 ? 97  TRP A CH2 1 
ATOM   767  N  N   . GLY A 1 98  ? 2.139   -9.891  5.166   1.00 20.54 ? 98  GLY A N   1 
ATOM   768  C  CA  . GLY A 1 98  ? 0.840   -9.821  5.782   1.00 20.24 ? 98  GLY A CA  1 
ATOM   769  C  C   . GLY A 1 98  ? 0.054   -8.676  5.168   1.00 19.98 ? 98  GLY A C   1 
ATOM   770  O  O   . GLY A 1 98  ? 0.454   -7.516  5.264   1.00 21.52 ? 98  GLY A O   1 
ATOM   771  N  N   . TYR A 1 99  ? -1.052  -9.023  4.524   1.00 18.79 ? 99  TYR A N   1 
ATOM   772  C  CA  . TYR A 1 99  ? -1.930  -8.057  3.873   1.00 17.07 ? 99  TYR A CA  1 
ATOM   773  C  C   . TYR A 1 99  ? -3.081  -7.702  4.803   1.00 23.50 ? 99  TYR A C   1 
ATOM   774  O  O   . TYR A 1 99  ? -3.781  -8.593  5.303   1.00 23.08 ? 99  TYR A O   1 
ATOM   775  C  CB  . TYR A 1 99  ? -2.480  -8.621  2.566   1.00 18.19 ? 99  TYR A CB  1 
ATOM   776  C  CG  . TYR A 1 99  ? -1.439  -8.869  1.508   1.00 18.15 ? 99  TYR A CG  1 
ATOM   777  C  CD1 . TYR A 1 99  ? -0.789  -10.102 1.419   1.00 18.09 ? 99  TYR A CD1 1 
ATOM   778  C  CD2 . TYR A 1 99  ? -1.124  -7.889  0.575   1.00 16.70 ? 99  TYR A CD2 1 
ATOM   779  C  CE1 . TYR A 1 99  ? 0.163   -10.336 0.441   1.00 19.61 ? 99  TYR A CE1 1 
ATOM   780  C  CE2 . TYR A 1 99  ? -0.171  -8.116  -0.406  1.00 18.64 ? 99  TYR A CE2 1 
ATOM   781  C  CZ  . TYR A 1 99  ? 0.462   -9.346  -0.471  1.00 21.78 ? 99  TYR A CZ  1 
ATOM   782  O  OH  . TYR A 1 99  ? 1.407   -9.572  -1.446  1.00 20.29 ? 99  TYR A OH  1 
ATOM   783  N  N   . TYR A 1 100 ? -3.289  -6.400  5.012   1.00 20.01 ? 100 TYR A N   1 
ATOM   784  C  CA  . TYR A 1 100 ? -4.297  -5.899  5.932   1.00 20.34 ? 100 TYR A CA  1 
ATOM   785  C  C   . TYR A 1 100 ? -4.933  -4.658  5.327   1.00 17.65 ? 100 TYR A C   1 
ATOM   786  O  O   . TYR A 1 100 ? -4.350  -4.004  4.458   1.00 16.51 ? 100 TYR A O   1 
ATOM   787  C  CB  . TYR A 1 100 ? -3.689  -5.570  7.312   1.00 20.75 ? 100 TYR A CB  1 
ATOM   788  C  CG  . TYR A 1 100 ? -3.128  -6.772  8.030   1.00 24.21 ? 100 TYR A CG  1 
ATOM   789  C  CD1 . TYR A 1 100 ? -3.948  -7.581  8.803   1.00 28.61 ? 100 TYR A CD1 1 
ATOM   790  C  CD2 . TYR A 1 100 ? -1.790  -7.114  7.912   1.00 28.11 ? 100 TYR A CD2 1 
ATOM   791  C  CE1 . TYR A 1 100 ? -3.450  -8.689  9.456   1.00 34.98 ? 100 TYR A CE1 1 
ATOM   792  C  CE2 . TYR A 1 100 ? -1.275  -8.233  8.567   1.00 27.74 ? 100 TYR A CE2 1 
ATOM   793  C  CZ  . TYR A 1 100 ? -2.112  -9.011  9.336   1.00 32.43 ? 100 TYR A CZ  1 
ATOM   794  O  OH  . TYR A 1 100 ? -1.621  -10.121 9.988   1.00 38.06 ? 100 TYR A OH  1 
ATOM   795  N  N   . ALA A 1 101 ? -6.131  -4.327  5.804   1.00 17.96 ? 101 ALA A N   1 
ATOM   796  C  CA  . ALA A 1 101 ? -6.785  -3.102  5.373   1.00 19.88 ? 101 ALA A CA  1 
ATOM   797  C  C   . ALA A 1 101 ? -7.550  -2.506  6.545   1.00 19.64 ? 101 ALA A C   1 
ATOM   798  O  O   . ALA A 1 101 ? -8.041  -3.231  7.409   1.00 21.77 ? 101 ALA A O   1 
ATOM   799  C  CB  . ALA A 1 101 ? -7.716  -3.362  4.184   1.00 19.05 ? 101 ALA A CB  1 
ATOM   800  N  N   . PHE A 1 102 ? -7.632  -1.173  6.570   1.00 22.19 ? 102 PHE A N   1 
ATOM   801  C  CA  . PHE A 1 102 ? -8.320  -0.431  7.623   1.00 21.56 ? 102 PHE A CA  1 
ATOM   802  C  C   . PHE A 1 102 ? -9.156  0.685   7.009   1.00 21.38 ? 102 PHE A C   1 
ATOM   803  O  O   . PHE A 1 102 ? -8.740  1.316   6.035   1.00 19.89 ? 102 PHE A O   1 
ATOM   804  C  CB  . PHE A 1 102 ? -7.331  0.185   8.628   1.00 21.23 ? 102 PHE A CB  1 
ATOM   805  C  CG  . PHE A 1 102 ? -6.453  -0.825  9.321   1.00 19.70 ? 102 PHE A CG  1 
ATOM   806  C  CD1 . PHE A 1 102 ? -5.235  -1.204  8.768   1.00 19.73 ? 102 PHE A CD1 1 
ATOM   807  C  CD2 . PHE A 1 102 ? -6.849  -1.397  10.518  1.00 22.57 ? 102 PHE A CD2 1 
ATOM   808  C  CE1 . PHE A 1 102 ? -4.426  -2.150  9.401   1.00 20.36 ? 102 PHE A CE1 1 
ATOM   809  C  CE2 . PHE A 1 102 ? -6.041  -2.325  11.160  1.00 25.52 ? 102 PHE A CE2 1 
ATOM   810  C  CZ  . PHE A 1 102 ? -4.831  -2.703  10.597  1.00 24.70 ? 102 PHE A CZ  1 
ATOM   811  N  N   . GLY A 1 103 ? -10.325 0.943   7.600   1.00 22.70 ? 103 GLY A N   1 
ATOM   812  C  CA  . GLY A 1 103 ? -11.179 2.016   7.147   1.00 24.06 ? 103 GLY A CA  1 
ATOM   813  C  C   . GLY A 1 103 ? -10.727 3.365   7.670   1.00 24.33 ? 103 GLY A C   1 
ATOM   814  O  O   . GLY A 1 103 ? -9.726  3.493   8.396   1.00 23.09 ? 103 GLY A O   1 
ATOM   815  N  N   . PRO A 1 104 ? -11.476 4.408   7.299   1.00 23.71 ? 104 PRO A N   1 
ATOM   816  C  CA  . PRO A 1 104 ? -11.139 5.757   7.796   1.00 27.57 ? 104 PRO A CA  1 
ATOM   817  C  C   . PRO A 1 104 ? -11.239 5.876   9.302   1.00 28.24 ? 104 PRO A C   1 
ATOM   818  O  O   . PRO A 1 104 ? -10.570 6.728   9.898   1.00 27.96 ? 104 PRO A O   1 
ATOM   819  C  CB  . PRO A 1 104 ? -12.158 6.664   7.095   1.00 22.88 ? 104 PRO A CB  1 
ATOM   820  C  CG  . PRO A 1 104 ? -12.664 5.863   5.932   1.00 25.35 ? 104 PRO A CG  1 
ATOM   821  C  CD  . PRO A 1 104 ? -12.633 4.426   6.391   1.00 22.59 ? 104 PRO A CD  1 
ATOM   822  N  N   . ASP A 1 105 ? -12.062 5.041   9.937   1.00 29.89 ? 105 ASP A N   1 
ATOM   823  C  CA  . ASP A 1 105 ? -12.202 5.033   11.386  1.00 30.11 ? 105 ASP A CA  1 
ATOM   824  C  C   . ASP A 1 105 ? -11.129 4.205   12.072  1.00 30.06 ? 105 ASP A C   1 
ATOM   825  O  O   . ASP A 1 105 ? -11.226 3.979   13.283  1.00 31.30 ? 105 ASP A O   1 
ATOM   826  C  CB  . ASP A 1 105 ? -13.592 4.513   11.778  1.00 29.70 ? 105 ASP A CB  1 
ATOM   827  C  CG  . ASP A 1 105 ? -13.955 3.201   11.085  1.00 37.37 ? 105 ASP A CG  1 
ATOM   828  O  OD1 . ASP A 1 105 ? -13.095 2.583   10.408  1.00 30.46 ? 105 ASP A OD1 1 
ATOM   829  O  OD2 . ASP A 1 105 ? -15.123 2.778   11.227  1.00 41.99 ? 105 ASP A OD2 1 
ATOM   830  N  N   . LYS A 1 106 ? -10.125 3.746   11.318  1.00 28.44 ? 106 LYS A N   1 
ATOM   831  C  CA  . LYS A 1 106 ? -9.003  2.926   11.775  1.00 24.41 ? 106 LYS A CA  1 
ATOM   832  C  C   . LYS A 1 106 ? -9.407  1.498   12.117  1.00 26.02 ? 106 LYS A C   1 
ATOM   833  O  O   . LYS A 1 106 ? -8.573  0.731   12.612  1.00 30.53 ? 106 LYS A O   1 
ATOM   834  C  CB  . LYS A 1 106 ? -8.278  3.554   12.977  1.00 26.56 ? 106 LYS A CB  1 
ATOM   835  C  CG  . LYS A 1 106 ? -7.821  5.004   12.774  1.00 25.65 ? 106 LYS A CG  1 
ATOM   836  C  CD  . LYS A 1 106 ? -6.783  5.420   13.829  1.00 33.24 ? 106 LYS A CD  1 
ATOM   837  C  CE  . LYS A 1 106 ? -6.356  6.890   13.681  1.00 29.97 ? 106 LYS A CE  1 
ATOM   838  N  NZ  . LYS A 1 106 ? -5.186  7.240   14.556  1.00 38.46 ? 106 LYS A NZ  1 
ATOM   839  N  N   . LYS A 1 107 ? -10.656 1.106   11.856  1.00 29.87 ? 107 LYS A N   1 
ATOM   840  C  CA  . LYS A 1 107 ? -11.093 -0.246  12.179  1.00 27.13 ? 107 LYS A CA  1 
ATOM   841  C  C   . LYS A 1 107 ? -10.720 -1.209  11.053  1.00 25.92 ? 107 LYS A C   1 
ATOM   842  O  O   . LYS A 1 107 ? -10.754 -0.831  9.878   1.00 25.50 ? 107 LYS A O   1 
ATOM   843  C  CB  . LYS A 1 107 ? -12.610 -0.279  12.407  1.00 29.80 ? 107 LYS A CB  1 
ATOM   844  C  CG  . LYS A 1 107 ? -13.148 0.849   13.309  1.00 34.03 ? 107 LYS A CG  1 
ATOM   845  C  CD  . LYS A 1 107 ? -14.416 0.415   14.038  1.00 38.80 ? 107 LYS A CD  1 
ATOM   846  C  CE  . LYS A 1 107 ? -15.129 1.579   14.705  1.00 40.88 ? 107 LYS A CE  1 
ATOM   847  N  NZ  . LYS A 1 107 ? -16.335 1.113   15.450  1.00 43.46 ? 107 LYS A NZ  1 
ATOM   848  N  N   . PRO A 1 108 ? -10.349 -2.446  11.380  1.00 23.79 ? 108 PRO A N   1 
ATOM   849  C  CA  . PRO A 1 108 ? -10.015 -3.408  10.324  1.00 24.11 ? 108 PRO A CA  1 
ATOM   850  C  C   . PRO A 1 108 ? -11.174 -3.608  9.358   1.00 26.81 ? 108 PRO A C   1 
ATOM   851  O  O   . PRO A 1 108 ? -12.350 -3.549  9.731   1.00 26.98 ? 108 PRO A O   1 
ATOM   852  C  CB  . PRO A 1 108 ? -9.709  -4.696  11.095  1.00 26.39 ? 108 PRO A CB  1 
ATOM   853  C  CG  . PRO A 1 108 ? -9.286  -4.228  12.440  1.00 28.41 ? 108 PRO A CG  1 
ATOM   854  C  CD  . PRO A 1 108 ? -10.115 -2.999  12.722  1.00 27.80 ? 108 PRO A CD  1 
ATOM   855  N  N   . LEU A 1 109 ? -10.824 -3.824  8.094   1.00 23.62 ? 109 LEU A N   1 
ATOM   856  C  CA  . LEU A 1 109 ? -11.783 -4.186  7.070   1.00 23.17 ? 109 LEU A CA  1 
ATOM   857  C  C   . LEU A 1 109 ? -11.607 -5.653  6.750   1.00 26.05 ? 109 LEU A C   1 
ATOM   858  O  O   . LEU A 1 109 ? -10.482 -6.158  6.748   1.00 24.38 ? 109 LEU A O   1 
ATOM   859  C  CB  . LEU A 1 109 ? -11.581 -3.356  5.801   1.00 24.27 ? 109 LEU A CB  1 
ATOM   860  C  CG  . LEU A 1 109 ? -12.206 -1.955  5.875   1.00 28.00 ? 109 LEU A CG  1 
ATOM   861  C  CD1 . LEU A 1 109 ? -11.390 -0.978  5.068   1.00 29.08 ? 109 LEU A CD1 1 
ATOM   862  C  CD2 . LEU A 1 109 ? -13.672 -1.970  5.408   1.00 31.98 ? 109 LEU A CD2 1 
ATOM   863  N  N   . ALA A 1 110 ? -12.720 -6.332  6.495   1.00 26.38 ? 110 ALA A N   1 
ATOM   864  C  CA  . ALA A 1 110 ? -12.698 -7.750  6.153   1.00 24.98 ? 110 ALA A CA  1 
ATOM   865  C  C   . ALA A 1 110 ? -12.177 -7.897  4.731   1.00 24.35 ? 110 ALA A C   1 
ATOM   866  O  O   . ALA A 1 110 ? -12.810 -7.436  3.778   1.00 27.20 ? 110 ALA A O   1 
ATOM   867  C  CB  . ALA A 1 110 ? -14.089 -8.358  6.297   1.00 26.81 ? 110 ALA A CB  1 
ATOM   868  N  N   . ILE A 1 111 ? -11.016 -8.522  4.576   1.00 23.03 ? 111 ILE A N   1 
ATOM   869  C  CA  . ILE A 1 111 ? -10.417 -8.706  3.266   1.00 22.48 ? 111 ILE A CA  1 
ATOM   870  C  C   . ILE A 1 111 ? -10.100 -10.179 3.084   1.00 23.39 ? 111 ILE A C   1 
ATOM   871  O  O   . ILE A 1 111 ? -10.166 -10.978 4.019   1.00 26.87 ? 111 ILE A O   1 
ATOM   872  C  CB  . ILE A 1 111 ? -9.142  -7.860  3.068   1.00 24.40 ? 111 ILE A CB  1 
ATOM   873  C  CG1 . ILE A 1 111 ? -8.068  -8.278  4.075   1.00 25.72 ? 111 ILE A CG1 1 
ATOM   874  C  CG2 . ILE A 1 111 ? -9.463  -6.369  3.172   1.00 23.11 ? 111 ILE A CG2 1 
ATOM   875  C  CD1 . ILE A 1 111 ? -6.679  -7.773  3.746   1.00 24.18 ? 111 ILE A CD1 1 
ATOM   876  N  N   . ASP A 1 112 ? -9.753  -10.529 1.854   1.00 21.74 ? 112 ASP A N   1 
ATOM   877  C  CA  . ASP A 1 112 ? -9.187  -11.838 1.560   1.00 22.47 ? 112 ASP A CA  1 
ATOM   878  C  C   . ASP A 1 112 ? -7.708  -11.657 1.252   1.00 21.80 ? 112 ASP A C   1 
ATOM   879  O  O   . ASP A 1 112 ? -7.350  -11.331 0.109   1.00 20.62 ? 112 ASP A O   1 
ATOM   880  C  CB  . ASP A 1 112 ? -9.908  -12.485 0.377   1.00 23.79 ? 112 ASP A CB  1 
ATOM   881  C  CG  . ASP A 1 112 ? -9.375  -13.866 0.064   1.00 29.31 ? 112 ASP A CG  1 
ATOM   882  O  OD1 . ASP A 1 112 ? -8.455  -14.331 0.777   1.00 30.16 ? 112 ASP A OD1 1 
ATOM   883  O  OD2 . ASP A 1 112 ? -9.890  -14.488 -0.887  1.00 33.12 ? 112 ASP A OD2 1 
ATOM   884  N  N   . PRO A 1 113 ? -6.807  -11.864 2.216   1.00 22.42 ? 113 PRO A N   1 
ATOM   885  C  CA  . PRO A 1 113 ? -5.386  -11.619 1.931   1.00 21.92 ? 113 PRO A CA  1 
ATOM   886  C  C   . PRO A 1 113 ? -4.850  -12.466 0.794   1.00 21.04 ? 113 PRO A C   1 
ATOM   887  O  O   . PRO A 1 113 ? -3.942  -12.016 0.088   1.00 20.18 ? 113 PRO A O   1 
ATOM   888  C  CB  . PRO A 1 113 ? -4.699  -11.951 3.263   1.00 25.91 ? 113 PRO A CB  1 
ATOM   889  C  CG  . PRO A 1 113 ? -5.630  -12.894 3.931   1.00 28.43 ? 113 PRO A CG  1 
ATOM   890  C  CD  . PRO A 1 113 ? -7.007  -12.418 3.564   1.00 22.83 ? 113 PRO A CD  1 
ATOM   891  N  N   . LYS A 1 114 ? -5.380  -13.682 0.594   1.00 20.80 ? 114 LYS A N   1 
ATOM   892  C  CA  . LYS A 1 114 ? -4.962  -14.486 -0.552  1.00 25.41 ? 114 LYS A CA  1 
ATOM   893  C  C   . LYS A 1 114 ? -5.273  -13.785 -1.870  1.00 23.29 ? 114 LYS A C   1 
ATOM   894  O  O   . LYS A 1 114 ? -4.523  -13.934 -2.845  1.00 20.94 ? 114 LYS A O   1 
ATOM   895  C  CB  . LYS A 1 114 ? -5.631  -15.862 -0.512  1.00 28.66 ? 114 LYS A CB  1 
ATOM   896  C  CG  . LYS A 1 114 ? -5.049  -16.819 0.528   1.00 38.14 ? 114 LYS A CG  1 
ATOM   897  C  CD  . LYS A 1 114 ? -6.020  -17.968 0.856   1.00 43.88 ? 114 LYS A CD  1 
ATOM   898  C  CE  . LYS A 1 114 ? -6.420  -17.947 2.339   1.00 49.50 ? 114 LYS A CE  1 
ATOM   899  N  NZ  . LYS A 1 114 ? -7.328  -16.788 2.685   1.00 40.11 ? 114 LYS A NZ  1 
ATOM   900  N  N   . ALA A 1 115 ? -6.374  -13.021 -1.920  1.00 21.92 ? 115 ALA A N   1 
ATOM   901  C  CA  . ALA A 1 115 ? -6.728  -12.288 -3.129  1.00 21.51 ? 115 ALA A CA  1 
ATOM   902  C  C   . ALA A 1 115 ? -5.828  -11.072 -3.331  1.00 21.04 ? 115 ALA A C   1 
ATOM   903  O  O   . ALA A 1 115 ? -5.465  -10.747 -4.467  1.00 18.89 ? 115 ALA A O   1 
ATOM   904  C  CB  . ALA A 1 115 ? -8.201  -11.868 -3.079  1.00 24.71 ? 115 ALA A CB  1 
ATOM   905  N  N   . CYS A 1 116 ? -5.450  -10.394 -2.244  1.00 19.82 ? 116 CYS A N   1 
ATOM   906  C  CA  . CYS A 1 116 ? -4.442  -9.340  -2.353  1.00 19.72 ? 116 CYS A CA  1 
ATOM   907  C  C   . CYS A 1 116 ? -3.162  -9.895  -2.955  1.00 18.18 ? 116 CYS A C   1 
ATOM   908  O  O   . CYS A 1 116 ? -2.613  -9.347  -3.917  1.00 17.25 ? 116 CYS A O   1 
ATOM   909  C  CB  . CYS A 1 116 ? -4.128  -8.731  -0.979  1.00 19.95 ? 116 CYS A CB  1 
ATOM   910  S  SG  . CYS A 1 116 ? -5.520  -8.188  0.052   1.00 17.97 ? 116 CYS A SG  1 
ATOM   911  N  N   . HIS A 1 117 ? -2.662  -10.988 -2.372  1.00 18.42 ? 117 HIS A N   1 
ATOM   912  C  CA  . HIS A 1 117 ? -1.393  -11.553 -2.796  1.00 17.99 ? 117 HIS A CA  1 
ATOM   913  C  C   . HIS A 1 117 ? -1.470  -12.097 -4.220  1.00 18.12 ? 117 HIS A C   1 
ATOM   914  O  O   . HIS A 1 117 ? -0.495  -11.995 -4.972  1.00 18.70 ? 117 HIS A O   1 
ATOM   915  C  CB  . HIS A 1 117 ? -0.987  -12.637 -1.807  1.00 15.38 ? 117 HIS A CB  1 
ATOM   916  C  CG  . HIS A 1 117 ? 0.370   -13.208 -2.066  1.00 20.92 ? 117 HIS A CG  1 
ATOM   917  N  ND1 . HIS A 1 117 ? 1.523   -12.461 -1.954  1.00 20.97 ? 117 HIS A ND1 1 
ATOM   918  C  CD2 . HIS A 1 117 ? 0.757   -14.446 -2.450  1.00 20.74 ? 117 HIS A CD2 1 
ATOM   919  C  CE1 . HIS A 1 117 ? 2.564   -13.220 -2.245  1.00 20.80 ? 117 HIS A CE1 1 
ATOM   920  N  NE2 . HIS A 1 117 ? 2.125   -14.428 -2.557  1.00 22.08 ? 117 HIS A NE2 1 
ATOM   921  N  N   . ALA A 1 118 ? -2.623  -12.637 -4.621  1.00 17.41 ? 118 ALA A N   1 
ATOM   922  C  CA  . ALA A 1 118 ? -2.760  -13.161 -5.979  1.00 19.26 ? 118 ALA A CA  1 
ATOM   923  C  C   . ALA A 1 118 ? -2.390  -12.106 -7.015  1.00 20.11 ? 118 ALA A C   1 
ATOM   924  O  O   . ALA A 1 118 ? -1.608  -12.365 -7.935  1.00 18.38 ? 118 ALA A O   1 
ATOM   925  C  CB  . ALA A 1 118 ? -4.184  -13.673 -6.209  1.00 23.65 ? 118 ALA A CB  1 
ATOM   926  N  N   . CYS A 1 119 ? -2.910  -10.888 -6.861  1.00 19.68 ? 119 CYS A N   1 
ATOM   927  C  CA  . CYS A 1 119 ? -2.544  -9.836  -7.798  1.00 18.54 ? 119 CYS A CA  1 
ATOM   928  C  C   . CYS A 1 119 ? -1.098  -9.397  -7.601  1.00 16.78 ? 119 CYS A C   1 
ATOM   929  O  O   . CYS A 1 119 ? -0.390  -9.123  -8.580  1.00 19.64 ? 119 CYS A O   1 
ATOM   930  C  CB  . CYS A 1 119 ? -3.482  -8.646  -7.639  1.00 17.02 ? 119 CYS A CB  1 
ATOM   931  S  SG  . CYS A 1 119 ? -3.157  -7.308  -8.778  1.00 18.92 ? 119 CYS A SG  1 
ATOM   932  N  N   . HIS A 1 120 ? -0.650  -9.292  -6.340  1.00 18.62 ? 120 HIS A N   1 
ATOM   933  C  CA  . HIS A 1 120 ? 0.708   -8.843  -6.073  1.00 14.71 ? 120 HIS A CA  1 
ATOM   934  C  C   . HIS A 1 120 ? 1.741   -9.863  -6.522  1.00 16.16 ? 120 HIS A C   1 
ATOM   935  O  O   . HIS A 1 120 ? 2.910   -9.509  -6.688  1.00 17.11 ? 120 HIS A O   1 
ATOM   936  C  CB  . HIS A 1 120 ? 0.894   -8.517  -4.582  1.00 14.40 ? 120 HIS A CB  1 
ATOM   937  C  CG  . HIS A 1 120 ? 0.427   -7.142  -4.212  1.00 15.98 ? 120 HIS A CG  1 
ATOM   938  N  ND1 . HIS A 1 120 ? 1.295   -6.095  -3.975  1.00 13.78 ? 120 HIS A ND1 1 
ATOM   939  C  CD2 . HIS A 1 120 ? -0.820  -6.640  -4.050  1.00 15.44 ? 120 HIS A CD2 1 
ATOM   940  C  CE1 . HIS A 1 120 ? 0.600   -5.006  -3.689  1.00 16.54 ? 120 HIS A CE1 1 
ATOM   941  N  NE2 . HIS A 1 120 ? -0.687  -5.308  -3.726  1.00 15.44 ? 120 HIS A NE2 1 
ATOM   942  N  N   . GLN A 1 121 ? 1.334   -11.110 -6.758  1.00 17.88 ? 121 GLN A N   1 
ATOM   943  C  CA  . GLN A 1 121 ? 2.265   -12.061 -7.359  1.00 20.94 ? 121 GLN A CA  1 
ATOM   944  C  C   . GLN A 1 121 ? 2.760   -11.594 -8.719  1.00 18.56 ? 121 GLN A C   1 
ATOM   945  O  O   . GLN A 1 121 ? 3.836   -12.019 -9.148  1.00 18.97 ? 121 GLN A O   1 
ATOM   946  C  CB  . GLN A 1 121 ? 1.621   -13.431 -7.469  1.00 21.57 ? 121 GLN A CB  1 
ATOM   947  C  CG  . GLN A 1 121 ? 1.564   -14.142 -6.148  1.00 24.06 ? 121 GLN A CG  1 
ATOM   948  C  CD  . GLN A 1 121 ? 1.147   -15.577 -6.304  1.00 33.06 ? 121 GLN A CD  1 
ATOM   949  O  OE1 . GLN A 1 121 ? 0.311   -15.894 -7.152  1.00 40.67 ? 121 GLN A OE1 1 
ATOM   950  N  NE2 . GLN A 1 121 ? 1.727   -16.460 -5.496  1.00 35.41 ? 121 GLN A NE2 1 
ATOM   951  N  N   . GLY A 1 122 ? 2.016   -10.708 -9.394  1.00 20.08 ? 122 GLY A N   1 
ATOM   952  C  CA  . GLY A 1 122 ? 2.520   -10.092 -10.606 1.00 18.08 ? 122 GLY A CA  1 
ATOM   953  C  C   . GLY A 1 122 ? 3.812   -9.329  -10.401 1.00 21.46 ? 122 GLY A C   1 
ATOM   954  O  O   . GLY A 1 122 ? 4.570   -9.142  -11.358 1.00 22.44 ? 122 GLY A O   1 
ATOM   955  N  N   . ALA A 1 123 ? 4.079   -8.887  -9.171  1.00 18.98 ? 123 ALA A N   1 
ATOM   956  C  CA  . ALA A 1 123 ? 5.301   -8.178  -8.814  1.00 16.86 ? 123 ALA A CA  1 
ATOM   957  C  C   . ALA A 1 123 ? 6.274   -9.053  -8.029  1.00 18.62 ? 123 ALA A C   1 
ATOM   958  O  O   . ALA A 1 123 ? 7.111   -8.533  -7.286  1.00 17.33 ? 123 ALA A O   1 
ATOM   959  C  CB  . ALA A 1 123 ? 4.955   -6.919  -8.021  1.00 17.37 ? 123 ALA A CB  1 
ATOM   960  N  N   . ALA A 1 124 ? 6.189   -10.379 -8.192  1.00 16.58 ? 124 ALA A N   1 
ATOM   961  C  CA  . ALA A 1 124 ? 7.040   -11.282 -7.421  1.00 18.74 ? 124 ALA A CA  1 
ATOM   962  C  C   . ALA A 1 124 ? 8.518   -10.964 -7.609  1.00 17.48 ? 124 ALA A C   1 
ATOM   963  O  O   . ALA A 1 124 ? 9.325   -11.167 -6.688  1.00 21.44 ? 124 ALA A O   1 
ATOM   964  C  CB  . ALA A 1 124 ? 6.750   -12.729 -7.820  1.00 24.09 ? 124 ALA A CB  1 
ATOM   965  N  N   . ASN A 1 125 ? 8.883   -10.466 -8.793  1.00 19.34 ? 125 ASN A N   1 
ATOM   966  C  CA  . ASN A 1 125 ? 10.269  -10.126 -9.101  1.00 22.83 ? 125 ASN A CA  1 
ATOM   967  C  C   . ASN A 1 125 ? 10.805  -9.038  -8.188  1.00 22.74 ? 125 ASN A C   1 
ATOM   968  O  O   . ASN A 1 125 ? 12.016  -8.972  -7.952  1.00 23.18 ? 125 ASN A O   1 
ATOM   969  C  CB  . ASN A 1 125 ? 10.379  -9.653  -10.548 1.00 22.21 ? 125 ASN A CB  1 
ATOM   970  C  CG  . ASN A 1 125 ? 11.512  -10.303 -11.293 1.00 23.19 ? 125 ASN A CG  1 
ATOM   971  O  OD1 . ASN A 1 125 ? 11.994  -11.374 -10.918 1.00 25.54 ? 125 ASN A OD1 1 
ATOM   972  N  ND2 . ASN A 1 125 ? 11.951  -9.653  -12.362 1.00 25.79 ? 125 ASN A ND2 1 
ATOM   973  N  N   . THR A 1 126 ? 9.940   -8.143  -7.714  1.00 20.49 ? 126 THR A N   1 
ATOM   974  C  CA  . THR A 1 126 ? 10.396  -7.128  -6.777  1.00 21.63 ? 126 THR A CA  1 
ATOM   975  C  C   . THR A 1 126 ? 9.726   -7.337  -5.429  1.00 17.95 ? 126 THR A C   1 
ATOM   976  O  O   . THR A 1 126 ? 9.201   -6.391  -4.834  1.00 16.17 ? 126 THR A O   1 
ATOM   977  C  CB  . THR A 1 126 ? 10.138  -5.717  -7.311  1.00 21.02 ? 126 THR A CB  1 
ATOM   978  O  OG1 . THR A 1 126 ? 8.773   -5.585  -7.731  1.00 18.36 ? 126 THR A OG1 1 
ATOM   979  C  CG2 . THR A 1 126 ? 11.060  -5.420  -8.483  1.00 24.33 ? 126 THR A CG2 1 
ATOM   980  N  N   . ASP A 1 127 ? 9.769   -8.585  -4.945  1.00 20.48 ? 127 ASP A N   1 
ATOM   981  C  CA  . ASP A 1 127 ? 9.303   -8.961  -3.609  1.00 19.69 ? 127 ASP A CA  1 
ATOM   982  C  C   . ASP A 1 127 ? 7.846   -8.564  -3.391  1.00 18.19 ? 127 ASP A C   1 
ATOM   983  O  O   . ASP A 1 127 ? 7.458   -8.172  -2.290  1.00 15.87 ? 127 ASP A O   1 
ATOM   984  C  CB  . ASP A 1 127 ? 10.191  -8.363  -2.514  1.00 19.64 ? 127 ASP A CB  1 
ATOM   985  C  CG  . ASP A 1 127 ? 10.060  -9.099  -1.187  1.00 24.08 ? 127 ASP A CG  1 
ATOM   986  O  OD1 . ASP A 1 127 ? 9.704   -10.302 -1.203  1.00 20.90 ? 127 ASP A OD1 1 
ATOM   987  O  OD2 . ASP A 1 127 ? 10.312  -8.479  -0.127  1.00 19.79 ? 127 ASP A OD2 1 
ATOM   988  N  N   . TYR A 1 128 ? 7.040   -8.668  -4.449  1.00 14.77 ? 128 TYR A N   1 
ATOM   989  C  CA  . TYR A 1 128 ? 5.590   -8.532  -4.398  1.00 14.79 ? 128 TYR A CA  1 
ATOM   990  C  C   . TYR A 1 128 ? 5.138   -7.100  -4.195  1.00 15.89 ? 128 TYR A C   1 
ATOM   991  O  O   . TYR A 1 128 ? 3.982   -6.867  -3.838  1.00 16.41 ? 128 TYR A O   1 
ATOM   992  C  CB  . TYR A 1 128 ? 4.979   -9.421  -3.318  1.00 15.11 ? 128 TYR A CB  1 
ATOM   993  C  CG  . TYR A 1 128 ? 5.360   -10.853 -3.507  1.00 15.86 ? 128 TYR A CG  1 
ATOM   994  C  CD1 . TYR A 1 128 ? 4.765   -11.621 -4.506  1.00 16.75 ? 128 TYR A CD1 1 
ATOM   995  C  CD2 . TYR A 1 128 ? 6.341   -11.432 -2.719  1.00 19.79 ? 128 TYR A CD2 1 
ATOM   996  C  CE1 . TYR A 1 128 ? 5.129   -12.953 -4.689  1.00 20.90 ? 128 TYR A CE1 1 
ATOM   997  C  CE2 . TYR A 1 128 ? 6.707   -12.747 -2.891  1.00 21.73 ? 128 TYR A CE2 1 
ATOM   998  C  CZ  . TYR A 1 128 ? 6.103   -13.505 -3.869  1.00 20.55 ? 128 TYR A CZ  1 
ATOM   999  O  OH  . TYR A 1 128 ? 6.491   -14.828 -4.027  1.00 22.30 ? 128 TYR A OH  1 
ATOM   1000 N  N   . VAL A 1 129 ? 6.026   -6.145  -4.449  1.00 15.02 ? 129 VAL A N   1 
ATOM   1001 C  CA  . VAL A 1 129 ? 5.740   -4.720  -4.306  1.00 12.83 ? 129 VAL A CA  1 
ATOM   1002 C  C   . VAL A 1 129 ? 5.803   -4.080  -5.685  1.00 16.25 ? 129 VAL A C   1 
ATOM   1003 O  O   . VAL A 1 129 ? 6.835   -4.162  -6.366  1.00 16.99 ? 129 VAL A O   1 
ATOM   1004 C  CB  . VAL A 1 129 ? 6.726   -4.048  -3.339  1.00 14.42 ? 129 VAL A CB  1 
ATOM   1005 C  CG1 . VAL A 1 129 ? 6.534   -2.525  -3.361  1.00 14.18 ? 129 VAL A CG1 1 
ATOM   1006 C  CG2 . VAL A 1 129 ? 6.534   -4.600  -1.942  1.00 14.89 ? 129 VAL A CG2 1 
ATOM   1007 N  N   . PHE A 1 130 ? 4.706   -3.433  -6.088  1.00 15.01 ? 130 PHE A N   1 
ATOM   1008 C  CA  . PHE A 1 130 ? 4.620   -2.809  -7.406  1.00 16.18 ? 130 PHE A CA  1 
ATOM   1009 C  C   . PHE A 1 130 ? 5.317   -1.458  -7.442  1.00 17.53 ? 130 PHE A C   1 
ATOM   1010 O  O   . PHE A 1 130 ? 6.120   -1.187  -8.342  1.00 15.23 ? 130 PHE A O   1 
ATOM   1011 C  CB  . PHE A 1 130 ? 3.161   -2.609  -7.805  1.00 15.58 ? 130 PHE A CB  1 
ATOM   1012 C  CG  . PHE A 1 130 ? 2.429   -3.871  -8.140  1.00 15.44 ? 130 PHE A CG  1 
ATOM   1013 C  CD1 . PHE A 1 130 ? 2.625   -4.501  -9.351  1.00 15.58 ? 130 PHE A CD1 1 
ATOM   1014 C  CD2 . PHE A 1 130 ? 1.505   -4.389  -7.259  1.00 13.74 ? 130 PHE A CD2 1 
ATOM   1015 C  CE1 . PHE A 1 130 ? 1.927   -5.651  -9.667  1.00 14.62 ? 130 PHE A CE1 1 
ATOM   1016 C  CE2 . PHE A 1 130 ? 0.802   -5.522  -7.559  1.00 15.80 ? 130 PHE A CE2 1 
ATOM   1017 C  CZ  . PHE A 1 130 ? 1.005   -6.158  -8.777  1.00 14.93 ? 130 PHE A CZ  1 
ATOM   1018 N  N   . SER A 1 131 ? 4.966   -0.585  -6.498  1.00 13.94 ? 131 SER A N   1 
ATOM   1019 C  CA  . SER A 1 131 ? 5.417   0.795   -6.517  1.00 17.95 ? 131 SER A CA  1 
ATOM   1020 C  C   . SER A 1 131 ? 6.934   0.875   -6.480  1.00 19.95 ? 131 SER A C   1 
ATOM   1021 O  O   . SER A 1 131 ? 7.619   0.040   -5.879  1.00 17.69 ? 131 SER A O   1 
ATOM   1022 C  CB  . SER A 1 131 ? 4.847   1.563   -5.333  1.00 16.61 ? 131 SER A CB  1 
ATOM   1023 O  OG  . SER A 1 131 ? 5.098   0.872   -4.118  1.00 16.89 ? 131 SER A OG  1 
ATOM   1024 N  N   . ALA A 1 132 ? 7.453   1.889   -7.163  1.00 18.40 ? 132 ALA A N   1 
ATOM   1025 C  CA  . ALA A 1 132 ? 8.857   2.267   -7.119  1.00 19.80 ? 132 ALA A CA  1 
ATOM   1026 C  C   . ALA A 1 132 ? 8.966   3.624   -6.437  1.00 18.53 ? 132 ALA A C   1 
ATOM   1027 O  O   . ALA A 1 132 ? 8.090   4.484   -6.605  1.00 19.33 ? 132 ALA A O   1 
ATOM   1028 C  CB  . ALA A 1 132 ? 9.453   2.326   -8.530  1.00 17.70 ? 132 ALA A CB  1 
ATOM   1029 N  N   . PHE A 1 133 ? 10.026  3.809   -5.657  1.00 18.08 ? 133 PHE A N   1 
ATOM   1030 C  CA  . PHE A 1 133 ? 10.275  5.100   -5.035  1.00 17.64 ? 133 PHE A CA  1 
ATOM   1031 C  C   . PHE A 1 133 ? 10.561  6.140   -6.107  1.00 22.34 ? 133 PHE A C   1 
ATOM   1032 O  O   . PHE A 1 133 ? 11.448  5.953   -6.944  1.00 22.71 ? 133 PHE A O   1 
ATOM   1033 C  CB  . PHE A 1 133 ? 11.448  5.006   -4.063  1.00 16.73 ? 133 PHE A CB  1 
ATOM   1034 C  CG  . PHE A 1 133 ? 11.730  6.290   -3.344  1.00 20.22 ? 133 PHE A CG  1 
ATOM   1035 C  CD1 . PHE A 1 133 ? 11.081  6.592   -2.156  1.00 17.97 ? 133 PHE A CD1 1 
ATOM   1036 C  CD2 . PHE A 1 133 ? 12.631  7.201   -3.861  1.00 19.65 ? 133 PHE A CD2 1 
ATOM   1037 C  CE1 . PHE A 1 133 ? 11.331  7.778   -1.488  1.00 20.90 ? 133 PHE A CE1 1 
ATOM   1038 C  CE2 . PHE A 1 133 ? 12.885  8.391   -3.200  1.00 22.75 ? 133 PHE A CE2 1 
ATOM   1039 C  CZ  . PHE A 1 133 ? 12.236  8.683   -2.010  1.00 21.39 ? 133 PHE A CZ  1 
ATOM   1040 N  N   . ARG A 1 134 ? 9.821   7.245   -6.073  1.00 19.36 ? 134 ARG A N   1 
ATOM   1041 C  CA  . ARG A 1 134 ? 9.995   8.273   -7.083  1.00 22.44 ? 134 ARG A CA  1 
ATOM   1042 C  C   . ARG A 1 134 ? 10.879  9.381   -6.542  1.00 23.55 ? 134 ARG A C   1 
ATOM   1043 O  O   . ARG A 1 134 ? 10.502  10.040  -5.557  1.00 24.27 ? 134 ARG A O   1 
ATOM   1044 C  CB  . ARG A 1 134 ? 8.665   8.848   -7.525  1.00 23.54 ? 134 ARG A CB  1 
ATOM   1045 C  CG  . ARG A 1 134 ? 8.916   9.960   -8.519  1.00 26.18 ? 134 ARG A CG  1 
ATOM   1046 C  CD  . ARG A 1 134 ? 7.818   10.971  -8.544  1.00 23.94 ? 134 ARG A CD  1 
ATOM   1047 N  NE  . ARG A 1 134 ? 7.165   11.182  -7.264  1.00 23.91 ? 134 ARG A NE  1 
ATOM   1048 C  CZ  . ARG A 1 134 ? 7.571   12.016  -6.313  1.00 20.68 ? 134 ARG A CZ  1 
ATOM   1049 N  NH1 . ARG A 1 134 ? 8.682   12.729  -6.450  1.00 24.35 ? 134 ARG A NH1 1 
ATOM   1050 N  NH2 . ARG A 1 134 ? 6.850   12.122  -5.212  1.00 22.84 ? 134 ARG A NH2 1 
ATOM   1051 N  N   . PRO A 1 135 ? 12.025  9.576   -7.090  1.00 22.98 ? 135 PRO A N   1 
ATOM   1052 C  CA  . PRO A 1 135 ? 12.943  10.540  -6.532  1.00 23.26 ? 135 PRO A CA  1 
ATOM   1053 C  C   . PRO A 1 135 ? 12.363  11.923  -6.485  1.00 26.03 ? 135 PRO A C   1 
ATOM   1054 O  O   . PRO A 1 135 ? 12.608  12.623  -5.569  1.00 22.84 ? 135 PRO A O   1 
ATOM   1055 C  CB  . PRO A 1 135 ? 14.100  10.474  -7.487  1.00 27.37 ? 135 PRO A CB  1 
ATOM   1056 C  CG  . PRO A 1 135 ? 14.024  9.106   -8.049  1.00 26.77 ? 135 PRO A CG  1 
ATOM   1057 C  CD  . PRO A 1 135 ? 12.585  8.921   -8.267  1.00 25.50 ? 135 PRO A CD  1 
ATOM   1058 O  OXT . PRO A 1 135 ? 11.659  12.285  -7.393  1.00 24.31 ? 135 PRO A OXT 1 
HETATM 1059 FE FE  . HEC B 2 .   ? -2.272  -3.805  -3.833  1.00 16.08 ? 201 HEC A FE  1 
HETATM 1060 C  CHA . HEC B 2 .   ? 0.053   -1.291  -4.232  1.00 14.96 ? 201 HEC A CHA 1 
HETATM 1061 C  CHB . HEC B 2 .   ? -2.068  -3.385  -0.420  1.00 17.55 ? 201 HEC A CHB 1 
HETATM 1062 C  CHC . HEC B 2 .   ? -4.840  -5.995  -3.427  1.00 19.00 ? 201 HEC A CHC 1 
HETATM 1063 C  CHD . HEC B 2 .   ? -2.678  -3.981  -7.241  1.00 15.98 ? 201 HEC A CHD 1 
HETATM 1064 N  NA  . HEC B 2 .   ? -1.279  -2.513  -2.566  1.00 15.11 ? 201 HEC A NA  1 
HETATM 1065 C  C1A . HEC B 2 .   ? -0.229  -1.714  -2.963  1.00 14.77 ? 201 HEC A C1A 1 
HETATM 1066 C  C2A . HEC B 2 .   ? 0.537   -1.345  -1.800  1.00 14.29 ? 201 HEC A C2A 1 
HETATM 1067 C  C3A . HEC B 2 .   ? -0.032  -1.910  -0.727  1.00 13.67 ? 201 HEC A C3A 1 
HETATM 1068 C  C4A . HEC B 2 .   ? -1.185  -2.658  -1.188  1.00 14.55 ? 201 HEC A C4A 1 
HETATM 1069 C  CMA . HEC B 2 .   ? 0.462   -1.784  0.740   1.00 17.10 ? 201 HEC A CMA 1 
HETATM 1070 C  CAA . HEC B 2 .   ? 1.804   -0.461  -1.857  1.00 15.03 ? 201 HEC A CAA 1 
HETATM 1071 C  CBA . HEC B 2 .   ? 3.009   -1.380  -2.130  1.00 15.12 ? 201 HEC A CBA 1 
HETATM 1072 C  CGA . HEC B 2 .   ? 3.111   -1.842  -3.573  1.00 15.32 ? 201 HEC A CGA 1 
HETATM 1073 O  O1A . HEC B 2 .   ? 2.921   -3.055  -3.867  1.00 15.01 ? 201 HEC A O1A 1 
HETATM 1074 O  O2A . HEC B 2 .   ? 3.418   -1.001  -4.450  1.00 16.66 ? 201 HEC A O2A 1 
HETATM 1075 N  NB  . HEC B 2 .   ? -3.266  -4.549  -2.252  1.00 15.40 ? 201 HEC A NB  1 
HETATM 1076 C  C1B . HEC B 2 .   ? -3.043  -4.225  -0.911  1.00 16.90 ? 201 HEC A C1B 1 
HETATM 1077 C  C2B . HEC B 2 .   ? -4.027  -4.918  -0.105  1.00 17.34 ? 201 HEC A C2B 1 
HETATM 1078 C  C3B . HEC B 2 .   ? -4.800  -5.648  -0.931  1.00 16.94 ? 201 HEC A C3B 1 
HETATM 1079 C  C4B . HEC B 2 .   ? -4.327  -5.423  -2.285  1.00 17.03 ? 201 HEC A C4B 1 
HETATM 1080 C  CMB . HEC B 2 .   ? -4.077  -4.854  1.442   1.00 16.12 ? 201 HEC A CMB 1 
HETATM 1081 C  CAB . HEC B 2 .   ? -5.972  -6.593  -0.557  1.00 18.41 ? 201 HEC A CAB 1 
HETATM 1082 C  CBB . HEC B 2 .   ? -7.064  -5.914  0.290   1.00 19.88 ? 201 HEC A CBB 1 
HETATM 1083 N  NC  . HEC B 2 .   ? -3.543  -4.770  -5.099  1.00 16.36 ? 201 HEC A NC  1 
HETATM 1084 C  C1C . HEC B 2 .   ? -4.454  -5.719  -4.712  1.00 15.37 ? 201 HEC A C1C 1 
HETATM 1085 C  C2C . HEC B 2 .   ? -5.050  -6.309  -5.895  1.00 15.96 ? 201 HEC A C2C 1 
HETATM 1086 C  C3C . HEC B 2 .   ? -4.391  -5.824  -6.978  1.00 15.84 ? 201 HEC A C3C 1 
HETATM 1087 C  C4C . HEC B 2 .   ? -3.477  -4.801  -6.477  1.00 16.02 ? 201 HEC A C4C 1 
HETATM 1088 C  CMC . HEC B 2 .   ? -6.023  -7.507  -5.764  1.00 17.49 ? 201 HEC A CMC 1 
HETATM 1089 C  CAC . HEC B 2 .   ? -4.512  -6.194  -8.499  1.00 13.89 ? 201 HEC A CAC 1 
HETATM 1090 C  CBC . HEC B 2 .   ? -5.903  -6.670  -8.962  1.00 19.44 ? 201 HEC A CBC 1 
HETATM 1091 N  ND  . HEC B 2 .   ? -1.449  -2.789  -5.459  1.00 14.75 ? 201 HEC A ND  1 
HETATM 1092 C  C1D . HEC B 2 .   ? -1.791  -3.031  -6.789  1.00 15.82 ? 201 HEC A C1D 1 
HETATM 1093 C  C2D . HEC B 2 .   ? -1.033  -2.139  -7.639  1.00 15.64 ? 201 HEC A C2D 1 
HETATM 1094 C  C3D . HEC B 2 .   ? -0.182  -1.291  -6.701  1.00 14.60 ? 201 HEC A C3D 1 
HETATM 1095 C  C4D . HEC B 2 .   ? -0.513  -1.761  -5.381  1.00 16.62 ? 201 HEC A C4D 1 
HETATM 1096 C  CMD . HEC B 2 .   ? -1.053  -2.037  -9.179  1.00 17.75 ? 201 HEC A CMD 1 
HETATM 1097 C  CAD . HEC B 2 .   ? 0.811   -0.189  -7.116  1.00 14.27 ? 201 HEC A CAD 1 
HETATM 1098 C  CBD . HEC B 2 .   ? 0.173   1.185   -6.951  1.00 15.47 ? 201 HEC A CBD 1 
HETATM 1099 C  CGD . HEC B 2 .   ? 1.115   2.263   -7.429  1.00 20.15 ? 201 HEC A CGD 1 
HETATM 1100 O  O1D . HEC B 2 .   ? 2.101   1.950   -8.145  1.00 17.38 ? 201 HEC A O1D 1 
HETATM 1101 O  O2D . HEC B 2 .   ? 0.866   3.456   -7.093  1.00 16.29 ? 201 HEC A O2D 1 
HETATM 1102 O  O   . HOH C 3 .   ? -11.779 21.816  -12.278 1.00 30.34 ? 301 HOH A O   1 
HETATM 1103 O  O   . HOH C 3 .   ? 13.086  -7.112  -4.916  1.00 29.09 ? 302 HOH A O   1 
HETATM 1104 O  O   . HOH C 3 .   ? 21.718  -2.995  -8.153  1.00 39.92 ? 303 HOH A O   1 
HETATM 1105 O  O   . HOH C 3 .   ? 11.296  5.259   -9.204  1.00 31.93 ? 304 HOH A O   1 
HETATM 1106 O  O   . HOH C 3 .   ? 20.349  -1.529  -6.441  1.00 35.44 ? 305 HOH A O   1 
HETATM 1107 O  O   . HOH C 3 .   ? 14.916  13.161  -4.931  1.00 35.89 ? 306 HOH A O   1 
HETATM 1108 O  O   . HOH C 3 .   ? 16.522  -10.231 -4.934  1.00 27.42 ? 307 HOH A O   1 
HETATM 1109 O  O   . HOH C 3 .   ? -7.833  -0.205  14.805  1.00 33.08 ? 308 HOH A O   1 
HETATM 1110 O  O   . HOH C 3 .   ? 2.883   5.434   -11.193 1.00 28.29 ? 309 HOH A O   1 
HETATM 1111 O  O   . HOH C 3 .   ? 5.939   3.113   -9.298  1.00 20.54 ? 310 HOH A O   1 
HETATM 1112 O  O   . HOH C 3 .   ? -10.316 12.802  -11.591 1.00 24.78 ? 311 HOH A O   1 
HETATM 1113 O  O   . HOH C 3 .   ? -18.296 -0.687  -10.851 1.00 33.84 ? 312 HOH A O   1 
HETATM 1114 O  O   . HOH C 3 .   ? 11.055  1.023   11.047  1.00 18.69 ? 313 HOH A O   1 
HETATM 1115 O  O   . HOH C 3 .   ? 15.717  1.300   5.482   1.00 19.00 ? 314 HOH A O   1 
HETATM 1116 O  O   . HOH C 3 .   ? 9.621   -11.621 15.590  1.00 43.11 ? 315 HOH A O   1 
HETATM 1117 O  O   . HOH C 3 .   ? -5.412  18.251  1.031   1.00 18.93 ? 316 HOH A O   1 
HETATM 1118 O  O   . HOH C 3 .   ? -1.037  -16.702 -5.071  1.00 35.50 ? 317 HOH A O   1 
HETATM 1119 O  O   . HOH C 3 .   ? -14.047 0.911   8.639   1.00 32.22 ? 318 HOH A O   1 
HETATM 1120 O  O   . HOH C 3 .   ? 9.235   -12.741 0.011   1.00 25.53 ? 319 HOH A O   1 
HETATM 1121 O  O   . HOH C 3 .   ? -11.584 -2.038  -2.403  1.00 35.45 ? 320 HOH A O   1 
HETATM 1122 O  O   . HOH C 3 .   ? -5.977  5.057   -6.356  1.00 15.51 ? 321 HOH A O   1 
HETATM 1123 O  O   . HOH C 3 .   ? -5.866  -4.035  14.274  1.00 43.54 ? 322 HOH A O   1 
HETATM 1124 O  O   . HOH C 3 .   ? 6.760   -12.916 13.943  1.00 37.76 ? 323 HOH A O   1 
HETATM 1125 O  O   . HOH C 3 .   ? 16.604  -5.011  0.799   1.00 17.34 ? 324 HOH A O   1 
HETATM 1126 O  O   . HOH C 3 .   ? -12.059 8.335   -16.670 1.00 27.11 ? 325 HOH A O   1 
HETATM 1127 O  O   . HOH C 3 .   ? 15.066  -1.857  3.797   1.00 18.41 ? 326 HOH A O   1 
HETATM 1128 O  O   . HOH C 3 .   ? 22.101  -1.349  -4.682  1.00 27.63 ? 327 HOH A O   1 
HETATM 1129 O  O   . HOH C 3 .   ? -10.211 9.135   -9.351  1.00 18.13 ? 328 HOH A O   1 
HETATM 1130 O  O   . HOH C 3 .   ? 2.349   0.229   -10.171 1.00 29.04 ? 329 HOH A O   1 
HETATM 1131 O  O   . HOH C 3 .   ? -4.302  8.726   8.278   1.00 30.24 ? 330 HOH A O   1 
HETATM 1132 O  O   . HOH C 3 .   ? -8.581  14.149  3.080   1.00 30.18 ? 331 HOH A O   1 
HETATM 1133 O  O   . HOH C 3 .   ? -17.128 -6.400  -7.570  1.00 28.31 ? 332 HOH A O   1 
HETATM 1134 O  O   . HOH C 3 .   ? -6.944  -11.121 -6.695  1.00 22.01 ? 333 HOH A O   1 
HETATM 1135 O  O   . HOH C 3 .   ? 5.084   -12.664 -11.456 1.00 30.38 ? 334 HOH A O   1 
HETATM 1136 O  O   . HOH C 3 .   ? 7.863   14.405  -4.183  1.00 23.07 ? 335 HOH A O   1 
HETATM 1137 O  O   . HOH C 3 .   ? 4.859   11.748  5.421   1.00 17.65 ? 336 HOH A O   1 
HETATM 1138 O  O   . HOH C 3 .   ? -14.100 3.664   -6.752  1.00 31.73 ? 337 HOH A O   1 
HETATM 1139 O  O   . HOH C 3 .   ? -12.858 24.234  -14.570 1.00 25.26 ? 338 HOH A O   1 
HETATM 1140 O  O   . HOH C 3 .   ? 14.684  -7.279  9.744   1.00 23.66 ? 339 HOH A O   1 
HETATM 1141 O  O   . HOH C 3 .   ? 15.342  -8.975  3.159   1.00 31.53 ? 340 HOH A O   1 
HETATM 1142 O  O   . HOH C 3 .   ? -9.880  21.392  -15.485 1.00 25.55 ? 341 HOH A O   1 
HETATM 1143 O  O   . HOH C 3 .   ? -15.410 23.366  -10.572 1.00 35.63 ? 342 HOH A O   1 
HETATM 1144 O  O   . HOH C 3 .   ? 3.485   2.072   13.946  1.00 31.39 ? 343 HOH A O   1 
HETATM 1145 O  O   . HOH C 3 .   ? -11.444 -2.914  -9.301  1.00 25.87 ? 344 HOH A O   1 
HETATM 1146 O  O   . HOH C 3 .   ? 10.548  5.959   6.268   1.00 21.29 ? 345 HOH A O   1 
HETATM 1147 O  O   . HOH C 3 .   ? 2.554   7.982   -10.459 1.00 19.42 ? 346 HOH A O   1 
HETATM 1148 O  O   . HOH C 3 .   ? 11.396  -11.901 -2.683  1.00 27.09 ? 347 HOH A O   1 
HETATM 1149 O  O   . HOH C 3 .   ? 8.193   -6.707  -10.191 1.00 23.98 ? 348 HOH A O   1 
HETATM 1150 O  O   . HOH C 3 .   ? 5.588   7.999   12.522  1.00 24.45 ? 349 HOH A O   1 
HETATM 1151 O  O   . HOH C 3 .   ? -7.737  -6.372  7.169   1.00 21.23 ? 350 HOH A O   1 
HETATM 1152 O  O   . HOH C 3 .   ? 7.302   -9.542  -10.984 1.00 28.67 ? 351 HOH A O   1 
HETATM 1153 O  O   . HOH C 3 .   ? 9.350   -1.924  -9.786  1.00 27.49 ? 352 HOH A O   1 
HETATM 1154 O  O   . HOH C 3 .   ? 7.205   5.767   -8.924  1.00 20.17 ? 353 HOH A O   1 
HETATM 1155 O  O   . HOH C 3 .   ? 7.873   -2.903  12.025  1.00 29.13 ? 354 HOH A O   1 
HETATM 1156 O  O   . HOH C 3 .   ? 6.608   -5.862  9.370   1.00 29.69 ? 355 HOH A O   1 
HETATM 1157 O  O   . HOH C 3 .   ? -13.403 9.535   5.342   1.00 27.99 ? 356 HOH A O   1 
HETATM 1158 O  O   . HOH C 3 .   ? 16.820  -3.272  -3.197  1.00 23.79 ? 357 HOH A O   1 
HETATM 1159 O  O   . HOH C 3 .   ? 11.961  1.758   -5.720  1.00 18.60 ? 358 HOH A O   1 
HETATM 1160 O  O   . HOH C 3 .   ? 23.013  2.768   -4.741  1.00 39.51 ? 359 HOH A O   1 
HETATM 1161 O  O   . HOH C 3 .   ? 11.444  12.123  -10.212 1.00 31.32 ? 360 HOH A O   1 
HETATM 1162 O  O   . HOH C 3 .   ? -15.115 -4.817  6.322   1.00 34.05 ? 361 HOH A O   1 
HETATM 1163 O  O   . HOH C 3 .   ? -12.758 9.445   -8.940  1.00 29.60 ? 362 HOH A O   1 
HETATM 1164 O  O   . HOH C 3 .   ? 4.027   -16.494 -3.091  1.00 34.52 ? 363 HOH A O   1 
HETATM 1165 O  O   . HOH C 3 .   ? 5.191   -0.107  -10.821 1.00 28.12 ? 364 HOH A O   1 
HETATM 1166 O  O   . HOH C 3 .   ? -12.187 -13.486 -2.302  0.50 41.89 ? 365 HOH A O   1 
HETATM 1167 O  O   . HOH C 3 .   ? -0.562  -15.194 5.088   1.00 37.75 ? 366 HOH A O   1 
HETATM 1168 O  O   . HOH C 3 .   ? -14.422 -1.631  9.071   1.00 30.91 ? 367 HOH A O   1 
HETATM 1169 O  O   . HOH C 3 .   ? 12.014  -12.404 2.003   1.00 29.24 ? 368 HOH A O   1 
HETATM 1170 O  O   . HOH C 3 .   ? -10.471 12.028  5.489   1.00 23.06 ? 369 HOH A O   1 
HETATM 1171 O  O   . HOH C 3 .   ? -14.667 2.142   -13.676 1.00 32.80 ? 370 HOH A O   1 
HETATM 1172 O  O   . HOH C 3 .   ? 4.701   -17.678 -0.771  1.00 34.40 ? 371 HOH A O   1 
HETATM 1173 O  O   . HOH C 3 .   ? -2.583  -16.075 -3.297  1.00 29.24 ? 372 HOH A O   1 
HETATM 1174 O  O   . HOH C 3 .   ? 13.329  -11.012 14.380  1.00 40.98 ? 373 HOH A O   1 
HETATM 1175 O  O   . HOH C 3 .   ? -12.582 9.385   -6.021  1.00 24.98 ? 374 HOH A O   1 
HETATM 1176 O  O   . HOH C 3 .   ? -1.473  -11.941 4.449   1.00 25.01 ? 375 HOH A O   1 
HETATM 1177 O  O   . HOH C 3 .   ? -0.703  -8.882  -11.508 1.00 15.96 ? 376 HOH A O   1 
HETATM 1178 O  O   . HOH C 3 .   ? -13.302 -4.782  -8.778  1.00 31.90 ? 377 HOH A O   1 
HETATM 1179 O  O   . HOH C 3 .   ? -12.657 -1.335  -17.005 1.00 36.54 ? 378 HOH A O   1 
HETATM 1180 O  O   . HOH C 3 .   ? -9.463  9.172   8.064   1.00 24.32 ? 379 HOH A O   1 
HETATM 1181 O  O   . HOH C 3 .   ? 11.007  -14.569 9.800   1.00 28.87 ? 380 HOH A O   1 
HETATM 1182 O  O   . HOH C 3 .   ? 13.888  -10.557 6.350   1.00 31.79 ? 381 HOH A O   1 
HETATM 1183 O  O   . HOH C 3 .   ? -10.438 12.483  -14.313 1.00 31.87 ? 382 HOH A O   1 
HETATM 1184 O  O   . HOH C 3 .   ? -0.603  8.137   10.972  1.00 23.10 ? 383 HOH A O   1 
HETATM 1185 O  O   . HOH C 3 .   ? -17.376 13.355  -0.637  1.00 39.76 ? 384 HOH A O   1 
HETATM 1186 O  O   . HOH C 3 .   ? -1.884  -17.447 -0.949  1.00 35.94 ? 385 HOH A O   1 
HETATM 1187 O  O   . HOH C 3 .   ? -13.680 -4.428  12.303  1.00 33.63 ? 386 HOH A O   1 
HETATM 1188 O  O   . HOH C 3 .   ? -19.860 -4.696  -10.056 1.00 36.60 ? 387 HOH A O   1 
HETATM 1189 O  O   . HOH C 3 .   ? -2.020  0.770   16.896  1.00 46.46 ? 388 HOH A O   1 
HETATM 1190 O  O   . HOH C 3 .   ? -13.898 1.516   -3.499  1.00 35.92 ? 389 HOH A O   1 
HETATM 1191 O  O   . HOH C 3 .   ? -5.582  -1.319  15.958  1.00 47.04 ? 390 HOH A O   1 
HETATM 1192 O  O   . HOH C 3 .   ? 9.775   -13.475 -4.719  1.00 32.55 ? 391 HOH A O   1 
HETATM 1193 O  O   . HOH C 3 .   ? -10.027 24.520  -6.515  1.00 30.24 ? 392 HOH A O   1 
HETATM 1194 O  O   . HOH C 3 .   ? -6.798  -5.069  9.541   1.00 23.05 ? 393 HOH A O   1 
HETATM 1195 O  O   . HOH C 3 .   ? -6.065  -6.389  11.714  1.00 40.15 ? 394 HOH A O   1 
HETATM 1196 O  O   . HOH C 3 .   ? -13.609 7.397   -4.919  1.00 39.91 ? 395 HOH A O   1 
HETATM 1197 O  O   . HOH C 3 .   ? -9.358  -12.494 6.724   1.00 40.55 ? 396 HOH A O   1 
HETATM 1198 O  O   . HOH C 3 .   ? 12.483  -1.588  -9.723  1.00 35.11 ? 397 HOH A O   1 
HETATM 1199 O  O   . HOH C 3 .   ? 13.713  -9.251  -5.223  1.00 33.14 ? 398 HOH A O   1 
HETATM 1200 O  O   . HOH C 3 .   ? 0.610   -17.532 5.694   1.00 36.42 ? 399 HOH A O   1 
HETATM 1201 O  O   . HOH C 3 .   ? -3.027  7.707   10.687  1.00 37.10 ? 400 HOH A O   1 
HETATM 1202 O  O   . HOH C 3 .   ? 8.002   1.169   12.260  1.00 26.32 ? 401 HOH A O   1 
HETATM 1203 O  O   . HOH C 3 .   ? 9.985   -13.467 2.493   1.00 31.95 ? 402 HOH A O   1 
HETATM 1204 O  O   . HOH C 3 .   ? 8.855   6.708   11.929  1.00 33.18 ? 403 HOH A O   1 
HETATM 1205 O  O   . HOH C 3 .   ? -11.438 16.167  2.815   1.00 32.07 ? 404 HOH A O   1 
HETATM 1206 O  O   . HOH C 3 .   ? -6.664  1.951   16.637  1.00 41.42 ? 405 HOH A O   1 
HETATM 1207 O  O   . HOH C 3 .   ? 14.335  -11.193 3.662   1.00 36.44 ? 406 HOH A O   1 
HETATM 1208 O  O   . HOH C 3 .   ? 12.799  0.889   -8.310  1.00 28.50 ? 407 HOH A O   1 
HETATM 1209 O  O   . HOH C 3 .   ? 9.577   6.190   -10.301 1.00 29.09 ? 408 HOH A O   1 
HETATM 1210 O  O   . HOH C 3 .   ? -7.517  -15.672 -4.552  1.00 39.36 ? 409 HOH A O   1 
HETATM 1211 O  O   . HOH C 3 .   ? 6.985   -3.851  -11.031 1.00 35.16 ? 410 HOH A O   1 
HETATM 1212 O  O   . HOH C 3 .   ? 8.513   4.371   13.268  1.00 34.03 ? 411 HOH A O   1 
HETATM 1213 O  O   . HOH C 3 .   ? 20.906  1.612   -7.292  1.00 40.62 ? 412 HOH A O   1 
HETATM 1214 O  O   . HOH C 3 .   ? -1.817  0.617   -11.350 1.00 28.50 ? 413 HOH A O   1 
HETATM 1215 O  O   . HOH C 3 .   ? -8.457  -7.871  -2.939  1.00 28.50 ? 414 HOH A O   1 
HETATM 1216 O  O   . HOH C 3 .   ? 9.680   7.258   8.657   1.00 35.48 ? 415 HOH A O   1 
HETATM 1217 O  O   . HOH C 3 .   ? 12.917  -5.868  -11.424 1.00 31.67 ? 416 HOH A O   1 
HETATM 1218 O  O   . HOH C 3 .   ? 5.709   -4.812  11.700  1.00 40.99 ? 417 HOH A O   1 
HETATM 1219 O  O   . HOH C 3 .   ? 9.919   -14.787 -1.043  1.00 33.35 ? 418 HOH A O   1 
HETATM 1220 O  O   . HOH C 3 .   ? -11.363 -3.285  -16.754 1.00 32.63 ? 419 HOH A O   1 
HETATM 1221 O  O   . HOH C 3 .   ? -7.883  -13.615 -6.637  1.00 30.45 ? 420 HOH A O   1 
HETATM 1222 O  O   . HOH C 3 .   ? -7.301  -8.967  7.820   1.00 28.74 ? 421 HOH A O   1 
HETATM 1223 O  O   . HOH C 3 .   ? -11.630 10.414  7.606   1.00 30.36 ? 422 HOH A O   1 
HETATM 1224 O  O   . HOH C 3 .   ? -12.272 13.866  5.475   1.00 34.83 ? 423 HOH A O   1 
HETATM 1225 O  O   . HOH C 3 .   ? -9.730  -8.592  -4.815  1.00 36.41 ? 424 HOH A O   1 
HETATM 1226 O  O   . HOH C 3 .   ? 3.660   0.060   11.798  1.00 28.80 ? 425 HOH A O   1 
HETATM 1227 O  O   . HOH C 3 .   ? -10.572 -4.297  -1.001  1.00 38.97 ? 426 HOH A O   1 
# 
